data_1QZT
#
_entry.id   1QZT
#
_cell.length_a   115.345
_cell.length_b   115.345
_cell.length_c   129.366
_cell.angle_alpha   90.00
_cell.angle_beta   90.00
_cell.angle_gamma   90.00
#
_symmetry.space_group_name_H-M   'P 41'
#
loop_
_entity.id
_entity.type
_entity.pdbx_description
1 polymer 'Phosphate acetyltransferase'
2 non-polymer 'SULFATE ION'
3 water water
#
_entity_poly.entity_id   1
_entity_poly.type   'polypeptide(L)'
_entity_poly.pdbx_seq_one_letter_code
;MVTFLEKISERAKKLNKTIALPETEDIRTLQAAAKILERGIADIVLVGNEADIKALAGDLDLSKAKIVDPKTYEKKDEYI
NAFYELRKHKGITLENAAEIMSDYVYFAVMMAKLGEVDGVVSGAAHSSSDTLRPAVQIVKTAKGAALASAFFIISVPDCE
YGSDGTFLFADSGMVEMPSVEDVANIAVISAKTFELLVQDVPKVAMLSYSTKGSAKSKLTEATIASTKLAQELAPDIAID
GELQVDAAIVPKVAASKAPGSPVAGKANVFIFPDLNCGNIAYKIAQRLAKAEAYGPITQGLAKPINDLSRGCSDEDIVGA
VAITCVQAAAQDK
;
_entity_poly.pdbx_strand_id   A,B,C,D
#
# COMPACT_ATOMS: atom_id res chain seq x y z
N VAL A 2 -15.00 -40.31 -0.49
CA VAL A 2 -14.54 -40.14 -1.90
C VAL A 2 -13.23 -40.89 -2.21
N THR A 3 -12.23 -40.80 -1.33
CA THR A 3 -10.89 -41.44 -1.54
C THR A 3 -10.87 -42.94 -1.27
N PHE A 4 -10.06 -43.66 -2.04
CA PHE A 4 -10.02 -45.12 -1.94
C PHE A 4 -9.80 -45.60 -0.52
N LEU A 5 -8.83 -45.01 0.15
CA LEU A 5 -8.51 -45.36 1.54
C LEU A 5 -9.68 -45.09 2.49
N GLU A 6 -10.48 -44.07 2.21
CA GLU A 6 -11.64 -43.73 3.06
C GLU A 6 -12.78 -44.74 2.96
N LYS A 7 -13.06 -45.21 1.75
CA LYS A 7 -14.04 -46.29 1.49
C LYS A 7 -13.65 -47.53 2.28
N ILE A 8 -12.34 -47.81 2.31
CA ILE A 8 -11.83 -49.02 2.96
C ILE A 8 -11.98 -48.92 4.47
N SER A 9 -11.54 -47.80 5.05
CA SER A 9 -11.57 -47.63 6.50
C SER A 9 -12.99 -47.73 7.00
N GLU A 10 -13.91 -47.13 6.25
CA GLU A 10 -15.33 -47.13 6.61
C GLU A 10 -15.87 -48.55 6.51
N ARG A 11 -15.59 -49.19 5.38
CA ARG A 11 -16.00 -50.59 5.21
C ARG A 11 -15.46 -51.44 6.35
N ALA A 12 -14.23 -51.17 6.74
CA ALA A 12 -13.57 -51.90 7.80
C ALA A 12 -14.34 -51.85 9.10
N LYS A 13 -14.90 -50.68 9.45
CA LYS A 13 -15.69 -50.51 10.69
C LYS A 13 -16.92 -51.39 10.75
N LYS A 14 -17.67 -51.45 9.65
CA LYS A 14 -18.85 -52.31 9.53
C LYS A 14 -18.51 -53.78 9.61
N LEU A 15 -17.28 -54.13 9.23
CA LEU A 15 -16.76 -55.49 9.40
C LEU A 15 -16.31 -55.58 10.83
N ASN A 16 -16.05 -56.77 11.30
CA ASN A 16 -15.61 -56.91 12.67
C ASN A 16 -14.44 -57.85 12.72
N LYS A 17 -13.30 -57.40 12.19
CA LYS A 17 -12.10 -58.24 12.15
C LYS A 17 -11.10 -57.86 13.26
N THR A 18 -10.29 -58.83 13.64
CA THR A 18 -9.23 -58.62 14.62
C THR A 18 -7.85 -58.74 13.92
N ILE A 19 -7.02 -57.74 14.09
CA ILE A 19 -5.69 -57.71 13.46
C ILE A 19 -4.65 -57.70 14.58
N ALA A 20 -3.58 -58.50 14.38
CA ALA A 20 -2.42 -58.54 15.29
C ALA A 20 -1.36 -57.54 14.84
N LEU A 21 -0.80 -56.84 15.82
CA LEU A 21 0.31 -55.92 15.63
C LEU A 21 1.54 -56.44 16.44
N PRO A 22 2.51 -57.08 15.80
CA PRO A 22 3.68 -57.59 16.55
C PRO A 22 4.79 -56.59 16.92
N GLU A 23 4.88 -55.45 16.25
CA GLU A 23 5.92 -54.45 16.54
C GLU A 23 5.59 -53.50 17.71
N THR A 24 5.44 -54.08 18.89
CA THR A 24 5.02 -53.35 20.07
C THR A 24 6.12 -52.57 20.77
N GLU A 25 7.34 -52.64 20.25
CA GLU A 25 8.43 -51.85 20.83
C GLU A 25 8.72 -50.63 19.95
N ASP A 26 7.84 -50.35 18.99
CA ASP A 26 7.87 -49.11 18.22
C ASP A 26 6.61 -48.33 18.58
N ILE A 27 6.76 -47.05 18.95
CA ILE A 27 5.61 -46.16 19.28
C ILE A 27 4.53 -46.09 18.26
N ARG A 28 4.93 -45.92 17.00
CA ARG A 28 3.98 -45.78 15.90
C ARG A 28 2.91 -46.88 15.91
N THR A 29 3.34 -48.07 16.30
CA THR A 29 2.47 -49.23 16.40
C THR A 29 1.43 -48.99 17.44
N LEU A 30 1.88 -48.52 18.60
CA LEU A 30 1.00 -48.23 19.72
C LEU A 30 0.14 -46.97 19.47
N GLN A 31 0.68 -46.01 18.75
CA GLN A 31 -0.06 -44.81 18.37
C GLN A 31 -1.19 -45.19 17.43
N ALA A 32 -0.87 -46.00 16.44
CA ALA A 32 -1.83 -46.47 15.45
C ALA A 32 -2.95 -47.33 16.10
N ALA A 33 -2.58 -48.14 17.08
CA ALA A 33 -3.54 -49.02 17.78
C ALA A 33 -4.60 -48.16 18.49
N ALA A 34 -4.13 -47.12 19.17
CA ALA A 34 -4.99 -46.20 19.90
C ALA A 34 -6.02 -45.59 18.98
N LYS A 35 -5.56 -45.07 17.86
CA LYS A 35 -6.44 -44.50 16.85
C LYS A 35 -7.35 -45.57 16.24
N ILE A 36 -6.86 -46.80 16.03
CA ILE A 36 -7.69 -47.86 15.44
C ILE A 36 -8.83 -48.21 16.37
N LEU A 37 -8.52 -48.49 17.63
CA LEU A 37 -9.52 -48.87 18.64
C LEU A 37 -10.55 -47.77 18.87
N GLU A 38 -10.07 -46.53 18.90
CA GLU A 38 -10.93 -45.39 19.10
C GLU A 38 -11.87 -45.22 17.90
N ARG A 39 -11.34 -45.29 16.69
CA ARG A 39 -12.10 -45.05 15.48
C ARG A 39 -12.98 -46.25 15.09
N GLY A 40 -12.87 -47.36 15.82
CA GLY A 40 -13.70 -48.52 15.56
C GLY A 40 -13.31 -49.37 14.36
N ILE A 41 -12.14 -49.09 13.80
CA ILE A 41 -11.67 -49.77 12.59
C ILE A 41 -11.47 -51.31 12.72
N ALA A 42 -10.95 -51.74 13.87
CA ALA A 42 -10.76 -53.17 14.19
C ALA A 42 -10.52 -53.46 15.69
N ASP A 43 -10.66 -54.72 16.03
CA ASP A 43 -10.21 -55.21 17.32
C ASP A 43 -8.70 -55.49 17.19
N ILE A 44 -7.93 -55.37 18.27
CA ILE A 44 -6.51 -55.49 18.16
C ILE A 44 -5.82 -56.35 19.19
N VAL A 45 -4.93 -57.22 18.71
CA VAL A 45 -4.09 -58.04 19.55
C VAL A 45 -2.66 -57.51 19.43
N LEU A 46 -2.13 -56.94 20.49
CA LEU A 46 -0.74 -56.51 20.53
C LEU A 46 0.08 -57.69 21.03
N VAL A 47 1.13 -58.03 20.30
CA VAL A 47 1.99 -59.13 20.69
C VAL A 47 3.24 -58.53 21.30
N GLY A 48 3.45 -58.85 22.56
CA GLY A 48 4.61 -58.36 23.25
C GLY A 48 4.53 -58.50 24.76
N ASN A 49 5.42 -57.82 25.45
CA ASN A 49 5.42 -57.85 26.93
C ASN A 49 4.43 -56.79 27.39
N GLU A 50 3.53 -57.14 28.29
CA GLU A 50 2.52 -56.16 28.69
C GLU A 50 3.06 -55.11 29.62
N ALA A 51 3.99 -55.51 30.49
CA ALA A 51 4.66 -54.55 31.36
C ALA A 51 5.37 -53.52 30.50
N ASP A 52 6.16 -54.00 29.55
CA ASP A 52 6.94 -53.19 28.64
C ASP A 52 6.08 -52.29 27.74
N ILE A 53 4.88 -52.76 27.36
CA ILE A 53 3.96 -51.99 26.52
C ILE A 53 3.34 -50.86 27.31
N LYS A 54 2.86 -51.16 28.51
CA LYS A 54 2.29 -50.11 29.40
C LYS A 54 3.29 -48.97 29.65
N ALA A 55 4.57 -49.32 29.72
CA ALA A 55 5.66 -48.36 29.93
C ALA A 55 6.06 -47.55 28.68
N LEU A 56 5.81 -48.11 27.50
CA LEU A 56 6.07 -47.43 26.22
C LEU A 56 4.86 -46.62 25.73
N ALA A 57 3.68 -47.06 26.15
CA ALA A 57 2.41 -46.48 25.71
C ALA A 57 2.26 -45.07 26.28
N GLY A 58 2.33 -45.00 27.61
CA GLY A 58 2.12 -43.76 28.33
C GLY A 58 0.65 -43.39 28.33
N ASP A 59 0.38 -42.19 27.84
CA ASP A 59 -0.97 -41.61 27.82
C ASP A 59 -1.96 -42.29 26.87
N LEU A 60 -1.45 -43.08 25.93
CA LEU A 60 -2.27 -43.70 24.89
C LEU A 60 -3.29 -44.67 25.49
N ASP A 61 -4.53 -44.59 25.02
CA ASP A 61 -5.60 -45.48 25.49
C ASP A 61 -5.56 -46.79 24.70
N LEU A 62 -4.93 -47.82 25.29
CA LEU A 62 -4.88 -49.16 24.68
C LEU A 62 -5.68 -50.20 25.48
N SER A 63 -6.60 -49.73 26.34
CA SER A 63 -7.37 -50.61 27.24
C SER A 63 -8.25 -51.61 26.52
N LYS A 64 -8.77 -51.19 25.37
CA LYS A 64 -9.62 -52.01 24.52
C LYS A 64 -8.86 -53.18 23.83
N ALA A 65 -7.55 -53.01 23.59
CA ALA A 65 -6.71 -54.06 22.97
C ALA A 65 -6.42 -55.26 23.85
N LYS A 66 -5.97 -56.34 23.22
CA LYS A 66 -5.64 -57.55 23.92
C LYS A 66 -4.14 -57.78 23.72
N ILE A 67 -3.47 -58.06 24.84
CA ILE A 67 -2.03 -58.30 24.86
C ILE A 67 -1.72 -59.77 25.05
N VAL A 68 -0.86 -60.27 24.19
CA VAL A 68 -0.50 -61.65 24.17
C VAL A 68 1.03 -61.69 24.17
N ASP A 69 1.60 -62.30 25.20
CA ASP A 69 3.04 -62.39 25.33
C ASP A 69 3.43 -63.80 24.85
N PRO A 70 4.24 -63.93 23.80
CA PRO A 70 4.62 -65.24 23.26
C PRO A 70 5.30 -66.21 24.26
N LYS A 71 5.81 -65.67 25.36
CA LYS A 71 6.52 -66.53 26.31
C LYS A 71 5.69 -66.94 27.51
N THR A 72 4.44 -66.50 27.59
CA THR A 72 3.53 -66.87 28.68
C THR A 72 2.14 -67.31 28.20
N TYR A 73 1.78 -67.00 26.95
CA TYR A 73 0.46 -67.33 26.38
C TYR A 73 0.16 -68.81 26.58
N GLU A 74 -1.11 -69.10 26.88
CA GLU A 74 -1.59 -70.47 27.15
C GLU A 74 -1.21 -71.46 26.01
N LYS A 75 -1.52 -71.07 24.79
CA LYS A 75 -1.37 -71.93 23.61
C LYS A 75 0.05 -72.03 23.04
N LYS A 76 1.03 -71.46 23.75
CA LYS A 76 2.43 -71.50 23.31
C LYS A 76 2.89 -72.82 22.72
N ASP A 77 2.57 -73.92 23.39
CA ASP A 77 3.04 -75.24 22.95
C ASP A 77 2.38 -75.67 21.63
N GLU A 78 1.11 -75.34 21.48
CA GLU A 78 0.38 -75.60 20.27
C GLU A 78 1.04 -74.86 19.07
N TYR A 79 1.41 -73.59 19.29
CA TYR A 79 2.07 -72.76 18.28
C TYR A 79 3.48 -73.26 17.86
N ILE A 80 4.25 -73.76 18.81
CA ILE A 80 5.58 -74.30 18.52
C ILE A 80 5.44 -75.58 17.72
N ASN A 81 4.55 -76.48 18.17
CA ASN A 81 4.32 -77.77 17.50
C ASN A 81 3.92 -77.52 16.06
N ALA A 82 2.99 -76.58 15.88
CA ALA A 82 2.50 -76.21 14.55
C ALA A 82 3.61 -75.73 13.64
N PHE A 83 4.50 -74.89 14.14
CA PHE A 83 5.59 -74.39 13.34
C PHE A 83 6.56 -75.51 13.06
N TYR A 84 6.78 -76.34 14.07
CA TYR A 84 7.62 -77.51 13.88
C TYR A 84 7.13 -78.38 12.74
N GLU A 85 5.82 -78.62 12.65
CA GLU A 85 5.23 -79.48 11.62
C GLU A 85 5.47 -78.91 10.23
N LEU A 86 5.29 -77.60 10.10
CA LEU A 86 5.46 -76.89 8.83
C LEU A 86 6.90 -76.91 8.39
N ARG A 87 7.78 -76.68 9.33
CA ARG A 87 9.17 -76.43 9.05
C ARG A 87 10.02 -77.69 9.29
N LYS A 88 9.38 -78.76 9.73
CA LYS A 88 10.03 -80.01 10.18
C LYS A 88 11.03 -80.57 9.21
N HIS A 89 10.64 -80.64 7.94
CA HIS A 89 11.48 -81.26 6.93
C HIS A 89 12.43 -80.26 6.25
N LYS A 90 12.67 -79.11 6.85
CA LYS A 90 13.57 -78.13 6.25
C LYS A 90 14.73 -77.86 7.20
N GLY A 91 14.99 -78.80 8.10
CA GLY A 91 16.09 -78.68 9.03
C GLY A 91 15.77 -77.97 10.33
N ILE A 92 14.49 -77.88 10.69
CA ILE A 92 14.12 -77.26 11.94
C ILE A 92 13.77 -78.32 12.96
N THR A 93 14.50 -78.28 14.08
CA THR A 93 14.28 -79.20 15.21
C THR A 93 13.21 -78.59 16.12
N LEU A 94 12.65 -79.40 17.01
CA LEU A 94 11.61 -78.91 17.89
C LEU A 94 12.11 -77.74 18.72
N GLU A 95 13.36 -77.81 19.13
CA GLU A 95 13.97 -76.78 19.96
C GLU A 95 14.22 -75.50 19.16
N ASN A 96 14.63 -75.64 17.90
CA ASN A 96 14.74 -74.48 16.99
C ASN A 96 13.38 -73.76 16.90
N ALA A 97 12.31 -74.54 16.63
CA ALA A 97 10.96 -74.01 16.52
C ALA A 97 10.63 -73.19 17.73
N ALA A 98 10.95 -73.73 18.90
CA ALA A 98 10.67 -73.04 20.13
C ALA A 98 11.33 -71.67 20.09
N GLU A 99 12.60 -71.61 19.73
CA GLU A 99 13.33 -70.33 19.69
C GLU A 99 12.76 -69.36 18.69
N ILE A 100 12.53 -69.85 17.45
CA ILE A 100 11.98 -69.05 16.34
C ILE A 100 10.57 -68.59 16.66
N MET A 101 9.83 -69.41 17.38
CA MET A 101 8.46 -69.07 17.71
C MET A 101 8.32 -68.08 18.88
N SER A 102 9.46 -67.60 19.37
CA SER A 102 9.49 -66.56 20.42
C SER A 102 9.47 -65.14 19.84
N ASP A 103 9.72 -65.01 18.54
CA ASP A 103 9.68 -63.73 17.87
C ASP A 103 8.25 -63.27 17.76
N TYR A 104 7.99 -62.01 18.04
CA TYR A 104 6.63 -61.46 18.01
C TYR A 104 5.95 -61.57 16.63
N VAL A 105 6.66 -61.18 15.57
CA VAL A 105 6.10 -61.30 14.20
C VAL A 105 5.69 -62.77 13.88
N TYR A 106 6.65 -63.69 14.02
CA TYR A 106 6.38 -65.11 13.80
C TYR A 106 5.15 -65.58 14.58
N PHE A 107 5.05 -65.15 15.84
CA PHE A 107 3.95 -65.59 16.71
C PHE A 107 2.61 -65.06 16.22
N ALA A 108 2.60 -63.81 15.79
CA ALA A 108 1.39 -63.18 15.27
C ALA A 108 0.89 -63.86 14.00
N VAL A 109 1.79 -64.16 13.08
CA VAL A 109 1.41 -64.84 11.85
C VAL A 109 0.81 -66.20 12.17
N MET A 110 1.32 -66.87 13.19
CA MET A 110 0.77 -68.17 13.61
C MET A 110 -0.60 -68.02 14.23
N MET A 111 -0.86 -66.86 14.81
CA MET A 111 -2.19 -66.57 15.35
C MET A 111 -3.27 -66.42 14.24
N ALA A 112 -2.88 -65.81 13.12
CA ALA A 112 -3.74 -65.70 11.95
C ALA A 112 -3.91 -67.10 11.35
N LYS A 113 -2.86 -67.88 11.35
CA LYS A 113 -2.93 -69.22 10.79
C LYS A 113 -3.92 -70.10 11.57
N LEU A 114 -3.97 -69.93 12.88
CA LEU A 114 -4.80 -70.78 13.74
C LEU A 114 -6.12 -70.22 14.19
N GLY A 115 -6.48 -69.02 13.73
CA GLY A 115 -7.82 -68.48 13.94
C GLY A 115 -8.03 -67.42 15.00
N GLU A 116 -7.07 -67.25 15.91
CA GLU A 116 -7.18 -66.18 16.92
C GLU A 116 -7.26 -64.77 16.32
N VAL A 117 -6.82 -64.61 15.09
CA VAL A 117 -6.69 -63.30 14.45
C VAL A 117 -6.96 -63.49 12.97
N ASP A 118 -7.47 -62.44 12.35
CA ASP A 118 -7.89 -62.45 10.95
C ASP A 118 -6.78 -61.96 9.98
N GLY A 119 -5.79 -61.26 10.51
CA GLY A 119 -4.64 -60.87 9.72
C GLY A 119 -3.55 -60.20 10.55
N VAL A 120 -2.42 -59.88 9.92
CA VAL A 120 -1.33 -59.24 10.62
C VAL A 120 -0.77 -58.05 9.84
N VAL A 121 -0.41 -57.00 10.52
CA VAL A 121 0.29 -55.90 9.86
C VAL A 121 1.62 -55.71 10.56
N SER A 122 2.68 -55.55 9.78
CA SER A 122 3.98 -55.32 10.34
C SER A 122 4.94 -54.68 9.31
N GLY A 123 6.18 -54.44 9.74
CA GLY A 123 7.23 -53.92 8.86
C GLY A 123 7.68 -52.52 9.15
N ALA A 124 7.05 -51.82 10.07
CA ALA A 124 7.57 -50.51 10.50
C ALA A 124 9.03 -50.57 11.03
N ALA A 125 9.39 -51.70 11.61
CA ALA A 125 10.65 -51.90 12.33
C ALA A 125 11.24 -53.27 11.94
N HIS A 126 11.06 -53.65 10.69
CA HIS A 126 11.64 -54.88 10.14
C HIS A 126 11.79 -54.74 8.64
N SER A 127 12.83 -55.36 8.10
CA SER A 127 13.00 -55.40 6.65
C SER A 127 11.80 -56.14 6.01
N SER A 128 11.53 -55.80 4.75
CA SER A 128 10.49 -56.44 3.96
C SER A 128 10.65 -57.98 3.95
N SER A 129 11.83 -58.44 3.61
CA SER A 129 12.06 -59.86 3.59
C SER A 129 11.90 -60.49 4.97
N ASP A 130 12.10 -59.72 6.04
CA ASP A 130 11.92 -60.26 7.40
C ASP A 130 10.46 -60.45 7.71
N THR A 131 9.63 -59.61 7.09
CA THR A 131 8.19 -59.70 7.24
C THR A 131 7.65 -60.84 6.37
N LEU A 132 8.20 -60.95 5.18
CA LEU A 132 7.67 -61.86 4.20
C LEU A 132 7.91 -63.29 4.63
N ARG A 133 9.07 -63.54 5.20
CA ARG A 133 9.49 -64.89 5.55
C ARG A 133 8.51 -65.67 6.44
N PRO A 134 8.06 -65.14 7.60
CA PRO A 134 7.10 -65.87 8.42
C PRO A 134 5.79 -66.05 7.66
N ALA A 135 5.42 -65.07 6.82
CA ALA A 135 4.17 -65.13 6.08
C ALA A 135 4.20 -66.27 5.11
N VAL A 136 5.22 -66.29 4.30
CA VAL A 136 5.38 -67.34 3.33
C VAL A 136 5.49 -68.70 4.01
N GLN A 137 6.15 -68.79 5.18
CA GLN A 137 6.43 -70.11 5.80
C GLN A 137 5.20 -70.66 6.50
N ILE A 138 4.41 -69.76 7.08
CA ILE A 138 3.36 -70.12 8.04
C ILE A 138 1.94 -70.10 7.45
N VAL A 139 1.56 -68.95 6.95
CA VAL A 139 0.26 -68.80 6.34
C VAL A 139 0.13 -69.24 4.89
N LYS A 140 1.21 -69.55 4.19
CA LYS A 140 1.11 -70.10 2.80
C LYS A 140 -0.18 -70.83 2.38
N THR A 141 -0.76 -70.44 1.24
CA THR A 141 -1.83 -71.23 0.63
C THR A 141 -1.43 -71.86 -0.70
N ALA A 142 -2.07 -72.97 -1.06
CA ALA A 142 -1.77 -73.72 -2.28
C ALA A 142 -2.94 -74.59 -2.76
N LYS A 143 -4.17 -74.17 -2.49
CA LYS A 143 -5.33 -75.04 -2.78
C LYS A 143 -5.81 -74.97 -4.23
N GLY A 144 -5.36 -73.93 -4.95
CA GLY A 144 -5.72 -73.74 -6.35
C GLY A 144 -5.14 -72.51 -7.04
N ALA A 145 -6.01 -71.78 -7.74
CA ALA A 145 -5.63 -70.74 -8.67
C ALA A 145 -5.21 -69.44 -7.99
N ALA A 146 -4.00 -69.45 -7.43
CA ALA A 146 -3.44 -68.32 -6.67
C ALA A 146 -1.95 -68.54 -6.42
N LEU A 147 -1.25 -67.46 -6.11
CA LEU A 147 0.19 -67.49 -5.78
C LEU A 147 0.49 -66.22 -4.98
N ALA A 148 1.33 -66.33 -3.95
CA ALA A 148 1.61 -65.14 -3.16
C ALA A 148 2.25 -64.10 -4.10
N SER A 149 1.76 -62.87 -4.04
CA SER A 149 2.25 -61.79 -4.84
C SER A 149 1.86 -60.44 -4.26
N ALA A 150 2.48 -59.40 -4.80
CA ALA A 150 2.26 -58.03 -4.36
C ALA A 150 1.53 -57.30 -5.47
N PHE A 151 0.74 -56.32 -5.08
CA PHE A 151 0.00 -55.56 -6.04
C PHE A 151 -0.16 -54.16 -5.53
N PHE A 152 -0.59 -53.27 -6.40
CA PHE A 152 -0.88 -51.91 -5.98
C PHE A 152 -2.29 -51.51 -6.43
N ILE A 153 -2.95 -50.70 -5.62
CA ILE A 153 -4.13 -50.07 -6.14
C ILE A 153 -3.65 -48.74 -6.63
N ILE A 154 -4.07 -48.33 -7.81
CA ILE A 154 -3.56 -47.11 -8.42
C ILE A 154 -4.68 -46.19 -8.91
N SER A 155 -4.74 -44.99 -8.35
CA SER A 155 -5.79 -44.03 -8.66
C SER A 155 -5.27 -42.84 -9.46
N VAL A 156 -5.46 -42.88 -10.77
CA VAL A 156 -5.01 -41.78 -11.62
C VAL A 156 -6.00 -40.57 -11.57
N PRO A 157 -5.51 -39.35 -11.29
CA PRO A 157 -6.35 -38.16 -11.10
C PRO A 157 -7.44 -37.96 -12.14
N ASP A 158 -7.26 -37.18 -13.21
CA ASP A 158 -8.41 -36.91 -14.07
C ASP A 158 -8.53 -38.02 -15.08
N CYS A 159 -8.82 -39.23 -14.62
CA CYS A 159 -8.80 -40.38 -15.51
C CYS A 159 -10.17 -40.95 -15.81
N GLU A 160 -10.48 -41.02 -17.11
CA GLU A 160 -11.74 -41.58 -17.64
C GLU A 160 -11.66 -43.11 -17.78
N TYR A 161 -10.45 -43.68 -17.75
CA TYR A 161 -10.27 -45.11 -17.94
C TYR A 161 -10.22 -45.83 -16.59
N GLY A 162 -10.25 -47.14 -16.65
CA GLY A 162 -10.32 -47.96 -15.45
C GLY A 162 -11.66 -47.83 -14.75
N SER A 163 -11.66 -48.18 -13.49
CA SER A 163 -12.79 -47.98 -12.60
C SER A 163 -12.63 -46.55 -12.01
N ASP A 164 -13.16 -45.57 -12.70
CA ASP A 164 -13.04 -44.15 -12.31
C ASP A 164 -11.58 -43.78 -12.03
N GLY A 165 -10.71 -44.12 -12.95
CA GLY A 165 -9.28 -43.87 -12.79
C GLY A 165 -8.52 -44.79 -11.85
N THR A 166 -9.16 -45.84 -11.34
CA THR A 166 -8.53 -46.77 -10.43
C THR A 166 -8.21 -48.10 -11.07
N PHE A 167 -7.06 -48.67 -10.75
CA PHE A 167 -6.63 -49.93 -11.34
C PHE A 167 -5.99 -50.73 -10.25
N LEU A 168 -5.76 -52.00 -10.55
CA LEU A 168 -4.89 -52.83 -9.77
C LEU A 168 -3.74 -53.25 -10.69
N PHE A 169 -2.52 -53.22 -10.17
CA PHE A 169 -1.35 -53.67 -10.94
C PHE A 169 -0.72 -55.00 -10.44
N ALA A 170 -0.37 -55.83 -11.44
CA ALA A 170 0.00 -57.27 -11.39
C ALA A 170 1.30 -57.67 -10.96
N ASP A 171 1.49 -57.71 -9.68
CA ASP A 171 2.84 -57.86 -9.19
C ASP A 171 3.74 -56.80 -9.75
N SER A 172 3.69 -55.71 -9.02
CA SER A 172 4.59 -54.61 -9.20
C SER A 172 5.57 -54.54 -8.02
N GLY A 173 5.62 -55.57 -7.17
CA GLY A 173 6.50 -55.54 -6.01
C GLY A 173 7.02 -56.80 -5.33
N MET A 174 7.03 -57.97 -5.98
CA MET A 174 7.43 -59.22 -5.29
C MET A 174 8.00 -60.31 -6.21
N VAL A 175 7.12 -61.10 -6.81
CA VAL A 175 7.51 -62.20 -7.69
C VAL A 175 8.25 -61.58 -8.86
N GLU A 176 9.55 -61.83 -8.93
CA GLU A 176 10.43 -61.20 -9.91
C GLU A 176 10.26 -61.79 -11.30
N MET A 177 10.43 -63.10 -11.41
CA MET A 177 10.39 -63.77 -12.72
C MET A 177 9.33 -64.86 -12.75
N PRO A 178 8.07 -64.47 -12.81
CA PRO A 178 6.98 -65.42 -12.73
C PRO A 178 7.00 -66.24 -13.98
N SER A 179 6.70 -67.52 -13.87
CA SER A 179 6.58 -68.39 -15.02
C SER A 179 5.25 -68.16 -15.74
N VAL A 180 4.99 -68.89 -16.80
CA VAL A 180 3.73 -68.73 -17.49
C VAL A 180 2.57 -68.98 -16.51
N GLU A 181 2.65 -70.06 -15.74
CA GLU A 181 1.61 -70.47 -14.79
C GLU A 181 1.47 -69.42 -13.71
N ASP A 182 2.61 -68.94 -13.20
CA ASP A 182 2.64 -67.92 -12.16
C ASP A 182 1.79 -66.73 -12.59
N VAL A 183 1.98 -66.30 -13.85
CA VAL A 183 1.30 -65.14 -14.38
C VAL A 183 -0.18 -65.42 -14.46
N ALA A 184 -0.54 -66.60 -14.91
CA ALA A 184 -1.94 -66.97 -15.01
C ALA A 184 -2.59 -66.89 -13.67
N ASN A 185 -1.98 -67.56 -12.70
CA ASN A 185 -2.44 -67.58 -11.33
C ASN A 185 -2.51 -66.21 -10.70
N ILE A 186 -1.53 -65.35 -10.96
CA ILE A 186 -1.55 -63.95 -10.50
C ILE A 186 -2.73 -63.19 -11.08
N ALA A 187 -3.09 -63.50 -12.32
CA ALA A 187 -4.21 -62.84 -12.99
C ALA A 187 -5.55 -63.19 -12.32
N VAL A 188 -5.68 -64.44 -11.85
CA VAL A 188 -6.95 -64.87 -11.27
C VAL A 188 -7.11 -64.26 -9.87
N ILE A 189 -6.11 -64.47 -9.03
CA ILE A 189 -6.16 -63.93 -7.68
C ILE A 189 -6.35 -62.40 -7.74
N SER A 190 -5.74 -61.74 -8.73
CA SER A 190 -5.82 -60.27 -8.83
C SER A 190 -7.25 -59.81 -9.15
N ALA A 191 -7.94 -60.56 -10.01
CA ALA A 191 -9.34 -60.26 -10.29
C ALA A 191 -10.16 -60.32 -8.99
N LYS A 192 -9.91 -61.31 -8.16
CA LYS A 192 -10.60 -61.45 -6.87
C LYS A 192 -10.28 -60.33 -5.89
N THR A 193 -9.05 -59.85 -5.93
CA THR A 193 -8.62 -58.82 -5.01
C THR A 193 -9.22 -57.53 -5.44
N PHE A 194 -9.17 -57.30 -6.74
CA PHE A 194 -9.75 -56.11 -7.33
C PHE A 194 -11.22 -56.02 -6.97
N GLU A 195 -11.93 -57.11 -7.18
CA GLU A 195 -13.34 -57.14 -6.89
C GLU A 195 -13.62 -56.83 -5.43
N LEU A 196 -12.87 -57.47 -4.55
CA LEU A 196 -13.05 -57.23 -3.13
C LEU A 196 -12.72 -55.78 -2.75
N LEU A 197 -11.63 -55.21 -3.25
CA LEU A 197 -11.16 -53.92 -2.74
C LEU A 197 -11.76 -52.70 -3.43
N VAL A 198 -11.97 -52.80 -4.73
CA VAL A 198 -12.55 -51.70 -5.46
C VAL A 198 -14.09 -51.77 -5.53
N GLN A 199 -14.64 -52.98 -5.40
CA GLN A 199 -16.08 -53.26 -5.52
C GLN A 199 -16.59 -52.85 -6.88
N ASP A 200 -16.08 -53.54 -7.88
CA ASP A 200 -16.43 -53.31 -9.27
C ASP A 200 -15.98 -54.54 -10.08
N VAL A 201 -16.62 -54.75 -11.21
CA VAL A 201 -16.36 -55.96 -11.97
C VAL A 201 -14.95 -55.89 -12.59
N PRO A 202 -14.09 -56.84 -12.21
CA PRO A 202 -12.71 -56.86 -12.68
C PRO A 202 -12.68 -57.23 -14.14
N LYS A 203 -11.84 -56.53 -14.89
CA LYS A 203 -11.64 -56.74 -16.33
C LYS A 203 -10.14 -56.81 -16.55
N VAL A 204 -9.63 -58.04 -16.58
CA VAL A 204 -8.19 -58.30 -16.49
C VAL A 204 -7.52 -58.24 -17.87
N ALA A 205 -6.48 -57.42 -18.01
CA ALA A 205 -5.65 -57.31 -19.23
C ALA A 205 -4.24 -57.88 -19.04
N MET A 206 -3.91 -58.93 -19.79
CA MET A 206 -2.59 -59.55 -19.78
C MET A 206 -1.71 -58.74 -20.74
N LEU A 207 -0.95 -57.81 -20.17
CA LEU A 207 -0.25 -56.80 -20.94
C LEU A 207 0.87 -57.32 -21.82
N SER A 208 1.22 -56.49 -22.82
CA SER A 208 2.21 -56.83 -23.81
C SER A 208 2.54 -55.57 -24.62
N TYR A 209 3.49 -55.69 -25.55
CA TYR A 209 3.73 -54.67 -26.58
C TYR A 209 2.94 -55.02 -27.83
N SER A 210 2.37 -56.22 -27.83
CA SER A 210 1.55 -56.74 -28.92
C SER A 210 0.09 -56.69 -28.53
N THR A 211 -0.78 -56.39 -29.48
CA THR A 211 -2.21 -56.42 -29.17
C THR A 211 -2.96 -57.66 -29.55
N LYS A 212 -2.93 -58.16 -30.76
CA LYS A 212 -3.64 -59.46 -30.93
C LYS A 212 -3.04 -60.17 -32.09
N GLY A 213 -1.83 -60.65 -31.88
CA GLY A 213 -1.03 -61.18 -32.99
C GLY A 213 -0.37 -60.10 -33.84
N SER A 214 -0.45 -58.84 -33.40
CA SER A 214 0.14 -57.74 -34.13
C SER A 214 1.66 -57.88 -34.15
N ALA A 215 2.19 -58.72 -33.29
CA ALA A 215 3.60 -59.02 -33.24
C ALA A 215 3.77 -60.40 -32.58
N LYS A 216 4.87 -61.06 -32.90
CA LYS A 216 5.09 -62.39 -32.43
C LYS A 216 6.52 -62.68 -32.07
N SER A 217 6.73 -63.12 -30.84
CA SER A 217 8.04 -63.50 -30.33
C SER A 217 7.87 -64.45 -29.13
N LYS A 218 9.00 -64.88 -28.58
CA LYS A 218 8.97 -65.68 -27.34
C LYS A 218 8.23 -64.94 -26.17
N LEU A 219 8.36 -63.63 -26.05
CA LEU A 219 7.70 -62.89 -24.98
C LEU A 219 6.20 -62.87 -25.20
N THR A 220 5.83 -62.74 -26.47
CA THR A 220 4.45 -62.67 -26.90
C THR A 220 3.76 -64.02 -26.67
N GLU A 221 4.50 -65.11 -26.82
CA GLU A 221 3.93 -66.43 -26.70
C GLU A 221 3.64 -66.73 -25.25
N ALA A 222 4.51 -66.26 -24.38
CA ALA A 222 4.33 -66.43 -22.93
C ALA A 222 3.02 -65.76 -22.55
N THR A 223 2.87 -64.49 -22.93
CA THR A 223 1.67 -63.77 -22.54
C THR A 223 0.41 -64.50 -22.98
N ILE A 224 0.36 -64.86 -24.25
CA ILE A 224 -0.79 -65.59 -24.77
C ILE A 224 -1.05 -66.91 -24.01
N ALA A 225 0.01 -67.67 -23.75
CA ALA A 225 -0.13 -68.91 -23.04
C ALA A 225 -0.65 -68.65 -21.62
N SER A 226 -0.20 -67.57 -20.98
CA SER A 226 -0.74 -67.20 -19.67
C SER A 226 -2.21 -66.79 -19.74
N THR A 227 -2.59 -66.10 -20.81
CA THR A 227 -3.97 -65.71 -20.99
C THR A 227 -4.90 -66.97 -21.07
N LYS A 228 -4.53 -67.88 -21.95
CA LYS A 228 -5.30 -69.10 -22.19
C LYS A 228 -5.39 -69.97 -20.97
N LEU A 229 -4.29 -70.20 -20.29
CA LEU A 229 -4.34 -70.89 -19.01
C LEU A 229 -5.28 -70.18 -18.01
N ALA A 230 -5.11 -68.89 -17.78
CA ALA A 230 -5.97 -68.15 -16.85
C ALA A 230 -7.43 -68.25 -17.21
N GLN A 231 -7.74 -68.27 -18.51
CA GLN A 231 -9.14 -68.40 -18.96
C GLN A 231 -9.72 -69.79 -18.61
N GLU A 232 -8.86 -70.82 -18.65
CA GLU A 232 -9.25 -72.15 -18.23
C GLU A 232 -9.45 -72.22 -16.74
N LEU A 233 -8.57 -71.58 -15.97
CA LEU A 233 -8.57 -71.61 -14.51
C LEU A 233 -9.78 -70.92 -13.94
N ALA A 234 -10.24 -69.87 -14.62
CA ALA A 234 -11.34 -69.06 -14.13
C ALA A 234 -12.19 -68.56 -15.27
N PRO A 235 -12.94 -69.44 -15.92
CA PRO A 235 -13.73 -69.03 -17.09
C PRO A 235 -14.79 -68.00 -16.84
N ASP A 236 -15.14 -67.74 -15.58
CA ASP A 236 -16.20 -66.74 -15.29
C ASP A 236 -15.71 -65.32 -15.10
N ILE A 237 -14.41 -65.10 -15.24
CA ILE A 237 -13.82 -63.78 -15.11
C ILE A 237 -13.44 -63.26 -16.50
N ALA A 238 -13.60 -61.95 -16.70
CA ALA A 238 -13.26 -61.31 -17.95
C ALA A 238 -11.71 -61.08 -18.05
N ILE A 239 -11.10 -61.88 -18.90
CA ILE A 239 -9.69 -61.91 -19.05
C ILE A 239 -9.40 -61.97 -20.55
N ASP A 240 -8.77 -60.95 -21.07
CA ASP A 240 -8.34 -61.00 -22.44
C ASP A 240 -6.85 -60.78 -22.52
N GLY A 241 -6.23 -61.41 -23.50
CA GLY A 241 -4.81 -61.52 -23.45
C GLY A 241 -4.02 -61.18 -24.66
N GLU A 242 -2.89 -60.55 -24.33
CA GLU A 242 -1.92 -60.00 -25.25
C GLU A 242 -2.62 -58.73 -25.67
N LEU A 243 -2.40 -57.67 -24.89
CA LEU A 243 -3.04 -56.40 -25.12
C LEU A 243 -2.07 -55.30 -24.75
N GLN A 244 -1.92 -54.31 -25.59
CA GLN A 244 -1.12 -53.18 -25.21
C GLN A 244 -1.97 -52.35 -24.27
N VAL A 245 -1.32 -51.49 -23.50
CA VAL A 245 -2.03 -50.65 -22.56
C VAL A 245 -3.16 -49.91 -23.28
N ASP A 246 -2.90 -49.36 -24.45
CA ASP A 246 -3.90 -48.51 -25.12
C ASP A 246 -5.11 -49.32 -25.57
N ALA A 247 -4.86 -50.52 -26.03
CA ALA A 247 -5.94 -51.38 -26.48
C ALA A 247 -6.69 -51.85 -25.27
N ALA A 248 -5.99 -51.98 -24.14
CA ALA A 248 -6.63 -52.45 -22.89
C ALA A 248 -7.60 -51.44 -22.23
N ILE A 249 -7.31 -50.14 -22.34
CA ILE A 249 -8.06 -49.13 -21.61
C ILE A 249 -8.78 -48.07 -22.42
N VAL A 250 -8.40 -47.88 -23.69
CA VAL A 250 -8.98 -46.88 -24.58
C VAL A 250 -9.99 -47.53 -25.55
N PRO A 251 -11.29 -47.27 -25.34
CA PRO A 251 -12.36 -47.80 -26.22
C PRO A 251 -12.14 -47.61 -27.72
N LYS A 252 -11.68 -46.45 -28.16
CA LYS A 252 -11.44 -46.30 -29.58
C LYS A 252 -10.34 -47.20 -30.07
N VAL A 253 -9.29 -47.35 -29.27
CA VAL A 253 -8.20 -48.19 -29.70
C VAL A 253 -8.69 -49.61 -29.77
N ALA A 254 -9.47 -49.96 -28.76
CA ALA A 254 -10.03 -51.29 -28.61
C ALA A 254 -10.77 -51.67 -29.88
N ALA A 255 -11.60 -50.74 -30.32
CA ALA A 255 -12.45 -50.92 -31.49
C ALA A 255 -11.75 -51.34 -32.77
N SER A 256 -10.50 -50.89 -32.97
CA SER A 256 -9.70 -51.30 -34.15
C SER A 256 -8.87 -52.52 -33.87
N LYS A 257 -8.15 -52.52 -32.76
CA LYS A 257 -7.14 -53.54 -32.47
C LYS A 257 -7.68 -54.85 -31.85
N ALA A 258 -8.67 -54.73 -31.00
CA ALA A 258 -9.27 -55.87 -30.34
C ALA A 258 -10.78 -55.76 -30.32
N PRO A 259 -11.44 -55.70 -31.48
CA PRO A 259 -12.89 -55.57 -31.54
C PRO A 259 -13.55 -56.72 -30.82
N GLY A 260 -14.70 -56.48 -30.20
CA GLY A 260 -15.47 -57.52 -29.51
C GLY A 260 -14.73 -58.32 -28.43
N SER A 261 -14.00 -57.64 -27.54
CA SER A 261 -13.31 -58.30 -26.45
C SER A 261 -14.01 -58.09 -25.09
N PRO A 262 -13.99 -59.11 -24.24
CA PRO A 262 -14.60 -59.00 -22.90
C PRO A 262 -13.91 -57.93 -22.02
N VAL A 263 -12.67 -57.60 -22.37
CA VAL A 263 -11.83 -56.69 -21.59
C VAL A 263 -11.32 -55.49 -22.35
N ALA A 264 -10.79 -55.63 -23.57
CA ALA A 264 -10.28 -54.47 -24.32
C ALA A 264 -11.20 -53.24 -24.26
N GLY A 265 -10.62 -52.09 -23.98
CA GLY A 265 -11.38 -50.86 -23.86
C GLY A 265 -11.85 -50.57 -22.44
N LYS A 266 -12.03 -51.61 -21.66
CA LYS A 266 -12.62 -51.43 -20.35
C LYS A 266 -11.71 -51.80 -19.19
N ALA A 267 -10.50 -52.27 -19.47
CA ALA A 267 -9.66 -52.89 -18.46
C ALA A 267 -9.45 -52.04 -17.24
N ASN A 268 -9.54 -52.71 -16.08
CA ASN A 268 -9.21 -52.14 -14.76
C ASN A 268 -8.18 -52.98 -13.98
N VAL A 269 -7.66 -54.02 -14.57
CA VAL A 269 -6.62 -54.79 -13.92
C VAL A 269 -5.49 -55.04 -14.92
N PHE A 270 -4.27 -54.65 -14.55
CA PHE A 270 -3.10 -54.79 -15.41
C PHE A 270 -2.28 -55.97 -14.85
N ILE A 271 -2.00 -56.97 -15.67
CA ILE A 271 -1.12 -58.06 -15.30
C ILE A 271 0.15 -58.03 -16.12
N PHE A 272 1.31 -57.99 -15.45
CA PHE A 272 2.60 -57.74 -16.10
C PHE A 272 3.41 -58.98 -16.35
N PRO A 273 4.23 -58.96 -17.38
CA PRO A 273 5.06 -60.12 -17.72
C PRO A 273 6.06 -60.52 -16.66
N ASP A 274 6.51 -59.52 -15.90
CA ASP A 274 7.47 -59.71 -14.84
C ASP A 274 7.66 -58.42 -14.06
N LEU A 275 8.49 -58.45 -13.03
CA LEU A 275 8.63 -57.34 -12.08
C LEU A 275 9.29 -56.13 -12.67
N ASN A 276 10.14 -56.29 -13.69
CA ASN A 276 10.68 -55.13 -14.42
C ASN A 276 9.52 -54.23 -14.86
N CYS A 277 8.63 -54.78 -15.70
CA CYS A 277 7.48 -54.04 -16.21
C CYS A 277 6.54 -53.60 -15.11
N GLY A 278 6.25 -54.48 -14.17
CA GLY A 278 5.25 -54.17 -13.16
C GLY A 278 5.75 -53.08 -12.24
N ASN A 279 7.02 -53.11 -11.89
CA ASN A 279 7.54 -52.07 -11.01
C ASN A 279 7.70 -50.75 -11.77
N ILE A 280 8.16 -50.82 -13.01
CA ILE A 280 8.35 -49.65 -13.86
C ILE A 280 7.02 -49.00 -14.20
N ALA A 281 6.00 -49.80 -14.41
CA ALA A 281 4.69 -49.28 -14.78
C ALA A 281 4.08 -48.54 -13.58
N TYR A 282 4.16 -49.12 -12.40
CA TYR A 282 3.60 -48.47 -11.22
C TYR A 282 4.32 -47.16 -10.87
N LYS A 283 5.64 -47.13 -10.99
CA LYS A 283 6.40 -45.90 -10.74
C LYS A 283 6.06 -44.84 -11.78
N ILE A 284 5.99 -45.22 -13.05
CA ILE A 284 5.61 -44.24 -14.05
C ILE A 284 4.22 -43.64 -13.77
N ALA A 285 3.28 -44.45 -13.30
CA ALA A 285 1.92 -44.02 -13.03
C ALA A 285 1.91 -43.13 -11.82
N GLN A 286 2.55 -43.55 -10.75
CA GLN A 286 2.64 -42.73 -9.55
C GLN A 286 3.28 -41.37 -9.81
N ARG A 287 4.45 -41.36 -10.47
CA ARG A 287 5.27 -40.17 -10.63
C ARG A 287 5.00 -39.29 -11.87
N LEU A 288 4.77 -39.88 -13.04
CA LEU A 288 4.45 -39.12 -14.26
C LEU A 288 2.96 -38.87 -14.49
N ALA A 289 2.12 -39.78 -14.03
CA ALA A 289 0.67 -39.63 -14.09
C ALA A 289 0.10 -39.07 -12.80
N LYS A 290 0.93 -38.91 -11.77
CA LYS A 290 0.53 -38.32 -10.48
C LYS A 290 -0.50 -39.17 -9.76
N ALA A 291 -0.46 -40.46 -9.99
CA ALA A 291 -1.38 -41.39 -9.37
C ALA A 291 -1.06 -41.60 -7.91
N GLU A 292 -2.11 -41.85 -7.13
CA GLU A 292 -1.95 -42.27 -5.75
C GLU A 292 -1.70 -43.78 -5.82
N ALA A 293 -0.73 -44.27 -5.05
CA ALA A 293 -0.40 -45.69 -5.09
C ALA A 293 -0.47 -46.24 -3.72
N TYR A 294 -1.19 -47.33 -3.55
CA TYR A 294 -1.24 -48.04 -2.29
C TYR A 294 -0.65 -49.39 -2.49
N GLY A 295 0.38 -49.70 -1.69
CA GLY A 295 1.15 -50.91 -1.82
C GLY A 295 2.59 -50.70 -1.37
N PRO A 296 3.34 -51.76 -1.22
CA PRO A 296 2.84 -53.06 -1.64
C PRO A 296 1.93 -53.72 -0.64
N ILE A 297 0.82 -54.22 -1.13
CA ILE A 297 -0.13 -55.06 -0.37
C ILE A 297 0.03 -56.49 -0.85
N THR A 298 0.17 -57.44 0.03
CA THR A 298 0.34 -58.78 -0.47
C THR A 298 -1.00 -59.47 -0.66
N GLN A 299 -1.06 -60.30 -1.68
CA GLN A 299 -2.19 -61.16 -1.94
C GLN A 299 -1.65 -62.56 -2.14
N GLY A 300 -2.55 -63.52 -2.20
CA GLY A 300 -2.19 -64.89 -2.48
C GLY A 300 -1.81 -65.69 -1.25
N LEU A 301 -2.05 -65.17 -0.05
CA LEU A 301 -1.75 -65.90 1.17
C LEU A 301 -3.06 -66.42 1.79
N ALA A 302 -2.97 -67.41 2.68
CA ALA A 302 -4.13 -68.04 3.30
C ALA A 302 -4.80 -67.16 4.33
N LYS A 303 -4.08 -66.14 4.76
CA LYS A 303 -4.57 -65.10 5.66
C LYS A 303 -3.76 -63.83 5.33
N PRO A 304 -4.39 -62.68 5.43
CA PRO A 304 -3.78 -61.40 5.12
C PRO A 304 -2.68 -60.95 6.07
N ILE A 305 -1.47 -60.97 5.56
CA ILE A 305 -0.32 -60.48 6.28
C ILE A 305 0.22 -59.37 5.41
N ASN A 306 0.30 -58.18 5.95
CA ASN A 306 0.80 -57.07 5.18
C ASN A 306 2.09 -56.44 5.72
N ASP A 307 2.94 -56.03 4.78
CA ASP A 307 4.21 -55.38 5.03
C ASP A 307 4.08 -53.88 4.90
N LEU A 308 4.86 -53.16 5.67
CA LEU A 308 4.83 -51.70 5.66
C LEU A 308 6.19 -51.17 5.22
N SER A 309 6.17 -49.94 4.73
CA SER A 309 7.41 -49.18 4.56
C SER A 309 8.04 -48.90 5.95
N ARG A 310 9.35 -49.02 6.07
CA ARG A 310 10.05 -48.74 7.35
C ARG A 310 9.99 -47.28 7.71
N GLY A 311 9.72 -46.40 6.74
CA GLY A 311 9.50 -44.98 7.01
C GLY A 311 8.05 -44.56 7.13
N CYS A 312 7.16 -45.52 7.34
CA CYS A 312 5.72 -45.27 7.44
C CYS A 312 5.35 -44.37 8.61
N SER A 313 4.23 -43.68 8.48
CA SER A 313 3.76 -42.83 9.55
C SER A 313 2.82 -43.70 10.35
N ASP A 314 2.43 -43.23 11.52
CA ASP A 314 1.42 -43.93 12.28
C ASP A 314 0.07 -43.99 11.54
N GLU A 315 -0.20 -43.03 10.65
CA GLU A 315 -1.47 -43.04 9.87
C GLU A 315 -1.39 -44.09 8.77
N ASP A 316 -0.17 -44.27 8.24
CA ASP A 316 0.09 -45.34 7.28
C ASP A 316 -0.28 -46.73 7.87
N ILE A 317 0.05 -46.97 9.14
CA ILE A 317 -0.25 -48.24 9.81
C ILE A 317 -1.74 -48.45 9.96
N VAL A 318 -2.45 -47.38 10.33
CA VAL A 318 -3.92 -47.41 10.44
C VAL A 318 -4.56 -47.84 9.11
N GLY A 319 -4.21 -47.16 8.01
CA GLY A 319 -4.70 -47.53 6.70
C GLY A 319 -4.46 -49.00 6.44
N ALA A 320 -3.20 -49.43 6.60
CA ALA A 320 -2.80 -50.81 6.35
C ALA A 320 -3.68 -51.79 7.12
N VAL A 321 -3.98 -51.48 8.37
CA VAL A 321 -4.88 -52.33 9.16
C VAL A 321 -6.26 -52.41 8.48
N ALA A 322 -6.77 -51.26 8.03
CA ALA A 322 -8.05 -51.24 7.36
C ALA A 322 -8.05 -52.16 6.16
N ILE A 323 -7.09 -52.01 5.26
CA ILE A 323 -7.02 -52.84 4.04
C ILE A 323 -6.96 -54.33 4.39
N THR A 324 -6.12 -54.65 5.37
CA THR A 324 -5.97 -56.03 5.83
C THR A 324 -7.33 -56.54 6.28
N CYS A 325 -8.07 -55.75 7.07
CA CYS A 325 -9.40 -56.13 7.55
C CYS A 325 -10.34 -56.46 6.39
N VAL A 326 -10.27 -55.66 5.33
CA VAL A 326 -11.14 -55.86 4.16
C VAL A 326 -10.70 -57.09 3.35
N GLN A 327 -9.41 -57.33 3.24
CA GLN A 327 -8.97 -58.57 2.61
C GLN A 327 -9.46 -59.73 3.46
N ALA A 328 -9.58 -59.55 4.77
CA ALA A 328 -10.07 -60.63 5.63
C ALA A 328 -11.54 -60.98 5.40
N ALA A 329 -12.29 -60.02 4.86
CA ALA A 329 -13.69 -60.22 4.43
C ALA A 329 -13.83 -61.26 3.34
N ALA A 330 -12.93 -61.25 2.38
CA ALA A 330 -12.98 -62.23 1.30
C ALA A 330 -12.81 -63.59 1.90
N GLN A 331 -11.68 -63.75 2.56
CA GLN A 331 -11.30 -65.01 3.18
C GLN A 331 -12.18 -65.20 4.42
N ASP A 332 -13.45 -65.49 4.17
CA ASP A 332 -14.44 -65.59 5.22
C ASP A 332 -14.59 -67.07 5.56
N LYS A 333 -14.47 -67.36 6.86
CA LYS A 333 -14.62 -68.70 7.41
C LYS A 333 -13.39 -69.63 7.13
N VAL B 2 5.77 -25.55 -22.33
CA VAL B 2 5.84 -25.52 -23.82
C VAL B 2 5.81 -26.90 -24.47
N THR B 3 5.08 -26.98 -25.58
CA THR B 3 4.91 -28.24 -26.32
C THR B 3 6.20 -28.62 -27.08
N PHE B 4 6.60 -29.89 -27.01
CA PHE B 4 7.74 -30.38 -27.78
C PHE B 4 7.52 -30.23 -29.30
N LEU B 5 6.31 -30.45 -29.75
CA LEU B 5 5.90 -30.13 -31.13
C LEU B 5 6.27 -28.72 -31.64
N GLU B 6 6.14 -27.69 -30.80
CA GLU B 6 6.47 -26.32 -31.20
C GLU B 6 7.95 -26.22 -31.40
N LYS B 7 8.68 -26.76 -30.42
CA LYS B 7 10.12 -26.66 -30.42
C LYS B 7 10.74 -27.42 -31.60
N ILE B 8 10.38 -28.70 -31.71
CA ILE B 8 10.88 -29.52 -32.81
C ILE B 8 10.31 -29.06 -34.16
N SER B 9 9.21 -28.32 -34.14
CA SER B 9 8.60 -27.70 -35.32
C SER B 9 9.33 -26.41 -35.68
N GLU B 10 9.93 -25.77 -34.68
CA GLU B 10 10.74 -24.57 -34.84
C GLU B 10 12.07 -24.90 -35.53
N ARG B 11 12.95 -25.70 -34.91
CA ARG B 11 14.27 -26.00 -35.48
C ARG B 11 14.09 -26.55 -36.87
N ALA B 12 13.07 -27.38 -37.05
CA ALA B 12 12.80 -28.00 -38.35
C ALA B 12 12.52 -26.98 -39.45
N LYS B 13 11.90 -25.87 -39.06
CA LYS B 13 11.61 -24.76 -39.99
C LYS B 13 12.89 -24.15 -40.59
N LYS B 14 13.83 -23.85 -39.71
CA LYS B 14 15.09 -23.22 -40.09
C LYS B 14 15.93 -24.15 -40.94
N LEU B 15 15.73 -25.46 -40.82
CA LEU B 15 16.38 -26.42 -41.71
C LEU B 15 15.51 -26.49 -42.94
N ASN B 16 16.01 -26.94 -44.08
CA ASN B 16 15.14 -26.96 -45.27
C ASN B 16 15.03 -28.31 -45.92
N LYS B 17 14.47 -29.28 -45.19
CA LYS B 17 14.49 -30.66 -45.64
C LYS B 17 13.17 -31.07 -46.28
N THR B 18 13.25 -32.09 -47.12
CA THR B 18 12.10 -32.64 -47.80
C THR B 18 11.84 -34.06 -47.33
N ILE B 19 10.63 -34.32 -46.87
CA ILE B 19 10.24 -35.61 -46.36
C ILE B 19 9.19 -36.23 -47.28
N ALA B 20 9.32 -37.53 -47.51
CA ALA B 20 8.31 -38.28 -48.25
C ALA B 20 7.26 -38.84 -47.29
N LEU B 21 6.01 -38.84 -47.72
CA LEU B 21 4.91 -39.42 -46.98
C LEU B 21 4.13 -40.38 -47.90
N PRO B 22 4.45 -41.68 -47.84
CA PRO B 22 3.81 -42.66 -48.72
C PRO B 22 2.36 -43.12 -48.36
N GLU B 23 1.90 -42.92 -47.13
CA GLU B 23 0.56 -43.38 -46.76
C GLU B 23 -0.52 -42.36 -47.16
N THR B 24 -0.67 -42.17 -48.47
CA THR B 24 -1.53 -41.13 -49.02
C THR B 24 -3.00 -41.54 -49.07
N GLU B 25 -3.31 -42.81 -48.79
CA GLU B 25 -4.69 -43.32 -48.84
C GLU B 25 -5.30 -43.29 -47.43
N ASP B 26 -4.55 -42.68 -46.50
CA ASP B 26 -4.96 -42.51 -45.12
C ASP B 26 -5.04 -41.01 -44.83
N ILE B 27 -6.24 -40.53 -44.49
CA ILE B 27 -6.50 -39.09 -44.29
C ILE B 27 -5.50 -38.36 -43.43
N ARG B 28 -5.12 -39.02 -42.34
CA ARG B 28 -4.23 -38.44 -41.33
C ARG B 28 -2.92 -37.95 -41.94
N THR B 29 -2.46 -38.64 -42.97
CA THR B 29 -1.26 -38.26 -43.71
C THR B 29 -1.44 -36.93 -44.46
N LEU B 30 -2.54 -36.83 -45.19
CA LEU B 30 -2.90 -35.63 -45.93
C LEU B 30 -3.22 -34.45 -45.02
N GLN B 31 -3.88 -34.74 -43.90
CA GLN B 31 -4.22 -33.70 -42.93
C GLN B 31 -2.93 -33.15 -42.32
N ALA B 32 -2.00 -34.07 -42.01
CA ALA B 32 -0.70 -33.68 -41.47
C ALA B 32 0.15 -32.93 -42.51
N ALA B 33 0.15 -33.43 -43.75
CA ALA B 33 0.90 -32.78 -44.81
C ALA B 33 0.51 -31.32 -44.85
N ALA B 34 -0.80 -31.05 -44.85
CA ALA B 34 -1.36 -29.69 -44.93
C ALA B 34 -0.86 -28.78 -43.82
N LYS B 35 -0.88 -29.29 -42.59
CA LYS B 35 -0.37 -28.53 -41.45
C LYS B 35 1.14 -28.30 -41.61
N ILE B 36 1.87 -29.31 -42.11
CA ILE B 36 3.32 -29.20 -42.25
C ILE B 36 3.65 -28.05 -43.20
N LEU B 37 3.16 -28.16 -44.42
CA LEU B 37 3.39 -27.17 -45.46
C LEU B 37 2.98 -25.73 -45.10
N GLU B 38 1.87 -25.61 -44.39
CA GLU B 38 1.39 -24.32 -43.87
C GLU B 38 2.31 -23.78 -42.75
N ARG B 39 2.73 -24.64 -41.83
CA ARG B 39 3.55 -24.19 -40.68
C ARG B 39 5.01 -23.99 -41.08
N GLY B 40 5.36 -24.36 -42.33
CA GLY B 40 6.71 -24.20 -42.85
C GLY B 40 7.72 -25.22 -42.36
N ILE B 41 7.23 -26.30 -41.77
CA ILE B 41 8.05 -27.34 -41.13
C ILE B 41 8.97 -28.08 -42.10
N ALA B 42 8.45 -28.42 -43.27
CA ALA B 42 9.24 -29.11 -44.30
C ALA B 42 8.57 -29.08 -45.69
N ASP B 43 9.35 -29.37 -46.72
CA ASP B 43 8.79 -29.60 -48.05
C ASP B 43 8.30 -31.06 -48.02
N ILE B 44 7.27 -31.37 -48.79
CA ILE B 44 6.73 -32.72 -48.78
C ILE B 44 6.58 -33.35 -50.15
N VAL B 45 6.90 -34.63 -50.22
CA VAL B 45 6.56 -35.44 -51.37
C VAL B 45 5.51 -36.44 -50.93
N LEU B 46 4.34 -36.41 -51.55
CA LEU B 46 3.30 -37.40 -51.32
C LEU B 46 3.41 -38.48 -52.37
N VAL B 47 3.57 -39.73 -51.95
CA VAL B 47 3.75 -40.82 -52.90
C VAL B 47 2.42 -41.57 -53.04
N GLY B 48 1.84 -41.50 -54.23
CA GLY B 48 0.57 -42.14 -54.55
C GLY B 48 -0.03 -41.65 -55.86
N ASN B 49 -1.32 -41.94 -56.06
CA ASN B 49 -2.06 -41.54 -57.25
C ASN B 49 -2.55 -40.13 -56.98
N GLU B 50 -2.28 -39.19 -57.91
CA GLU B 50 -2.61 -37.78 -57.68
C GLU B 50 -4.10 -37.52 -57.76
N ALA B 51 -4.78 -38.22 -58.69
CA ALA B 51 -6.23 -38.11 -58.87
C ALA B 51 -6.95 -38.54 -57.59
N ASP B 52 -6.51 -39.69 -57.09
CA ASP B 52 -6.95 -40.30 -55.83
C ASP B 52 -6.76 -39.40 -54.61
N ILE B 53 -5.60 -38.75 -54.56
CA ILE B 53 -5.26 -37.85 -53.47
C ILE B 53 -6.15 -36.61 -53.49
N LYS B 54 -6.35 -36.00 -54.67
CA LYS B 54 -7.19 -34.79 -54.82
C LYS B 54 -8.60 -35.08 -54.32
N ALA B 55 -9.05 -36.29 -54.65
CA ALA B 55 -10.36 -36.77 -54.25
C ALA B 55 -10.44 -37.00 -52.75
N LEU B 56 -9.37 -37.51 -52.15
CA LEU B 56 -9.38 -37.78 -50.72
C LEU B 56 -9.11 -36.54 -49.88
N ALA B 57 -8.36 -35.60 -50.44
CA ALA B 57 -7.91 -34.40 -49.72
C ALA B 57 -9.09 -33.49 -49.39
N GLY B 58 -9.86 -33.17 -50.43
CA GLY B 58 -10.99 -32.28 -50.32
C GLY B 58 -10.54 -30.85 -50.11
N ASP B 59 -11.00 -30.27 -48.99
CA ASP B 59 -10.74 -28.86 -48.65
C ASP B 59 -9.30 -28.58 -48.21
N LEU B 60 -8.53 -29.64 -47.89
CA LEU B 60 -7.14 -29.49 -47.43
C LEU B 60 -6.20 -28.90 -48.50
N ASP B 61 -5.43 -27.87 -48.11
CA ASP B 61 -4.49 -27.23 -49.03
C ASP B 61 -3.16 -27.98 -49.13
N LEU B 62 -3.02 -28.76 -50.20
CA LEU B 62 -1.80 -29.55 -50.49
C LEU B 62 -1.09 -29.08 -51.75
N SER B 63 -1.44 -27.88 -52.22
CA SER B 63 -0.90 -27.32 -53.49
C SER B 63 0.62 -27.18 -53.48
N LYS B 64 1.15 -26.82 -52.32
CA LYS B 64 2.59 -26.67 -52.11
C LYS B 64 3.37 -28.00 -52.27
N ALA B 65 2.72 -29.14 -51.97
CA ALA B 65 3.34 -30.48 -52.03
C ALA B 65 3.57 -30.95 -53.44
N LYS B 66 4.41 -31.98 -53.55
CA LYS B 66 4.78 -32.60 -54.82
C LYS B 66 4.30 -34.02 -54.83
N ILE B 67 3.51 -34.39 -55.82
CA ILE B 67 3.00 -35.74 -55.91
C ILE B 67 3.81 -36.58 -56.90
N VAL B 68 4.18 -37.79 -56.47
CA VAL B 68 4.96 -38.72 -57.25
C VAL B 68 4.24 -40.03 -57.28
N ASP B 69 3.86 -40.49 -58.47
CA ASP B 69 3.14 -41.76 -58.63
C ASP B 69 4.20 -42.78 -59.04
N PRO B 70 4.42 -43.82 -58.24
CA PRO B 70 5.40 -44.85 -58.57
C PRO B 70 5.19 -45.53 -59.91
N LYS B 71 3.99 -45.42 -60.48
CA LYS B 71 3.71 -46.07 -61.76
C LYS B 71 3.78 -45.15 -62.97
N THR B 72 4.13 -43.88 -62.76
CA THR B 72 4.28 -42.92 -63.86
C THR B 72 5.55 -42.08 -63.76
N TYR B 73 6.16 -42.06 -62.58
CA TYR B 73 7.33 -41.23 -62.32
C TYR B 73 8.42 -41.47 -63.38
N GLU B 74 9.04 -40.38 -63.80
CA GLU B 74 10.12 -40.38 -64.80
C GLU B 74 11.24 -41.40 -64.49
N LYS B 75 11.74 -41.37 -63.27
CA LYS B 75 12.85 -42.24 -62.83
C LYS B 75 12.43 -43.67 -62.44
N LYS B 76 11.18 -44.05 -62.72
CA LYS B 76 10.66 -45.36 -62.32
C LYS B 76 11.65 -46.52 -62.56
N ASP B 77 12.27 -46.53 -63.74
CA ASP B 77 13.15 -47.61 -64.16
C ASP B 77 14.43 -47.61 -63.36
N GLU B 78 14.95 -46.42 -63.08
CA GLU B 78 16.17 -46.27 -62.26
C GLU B 78 15.95 -46.89 -60.88
N TYR B 79 14.76 -46.64 -60.35
CA TYR B 79 14.36 -47.15 -59.04
C TYR B 79 14.17 -48.66 -59.04
N ILE B 80 13.65 -49.22 -60.12
CA ILE B 80 13.48 -50.67 -60.20
C ILE B 80 14.86 -51.34 -60.30
N ASN B 81 15.72 -50.76 -61.14
CA ASN B 81 17.06 -51.28 -61.36
C ASN B 81 17.82 -51.31 -60.05
N ALA B 82 17.73 -50.20 -59.32
CA ALA B 82 18.42 -50.02 -58.05
C ALA B 82 18.03 -51.08 -57.02
N PHE B 83 16.73 -51.30 -56.86
CA PHE B 83 16.24 -52.32 -55.92
C PHE B 83 16.68 -53.70 -56.39
N TYR B 84 16.64 -53.92 -57.70
CA TYR B 84 17.10 -55.18 -58.31
C TYR B 84 18.58 -55.48 -57.96
N GLU B 85 19.44 -54.47 -58.00
CA GLU B 85 20.86 -54.61 -57.60
C GLU B 85 21.00 -54.98 -56.11
N LEU B 86 20.25 -54.30 -55.26
CA LEU B 86 20.30 -54.52 -53.81
C LEU B 86 19.83 -55.93 -53.48
N ARG B 87 18.71 -56.29 -54.07
CA ARG B 87 17.98 -57.50 -53.70
C ARG B 87 18.27 -58.67 -54.63
N LYS B 88 19.16 -58.42 -55.60
CA LYS B 88 19.50 -59.34 -56.69
C LYS B 88 19.83 -60.76 -56.27
N HIS B 89 20.69 -60.87 -55.26
CA HIS B 89 21.26 -62.15 -54.82
C HIS B 89 20.51 -62.79 -53.66
N LYS B 90 19.26 -62.35 -53.46
CA LYS B 90 18.39 -62.88 -52.40
C LYS B 90 17.10 -63.47 -53.05
N GLY B 91 17.19 -63.80 -54.33
CA GLY B 91 16.10 -64.46 -55.05
C GLY B 91 15.10 -63.54 -55.72
N ILE B 92 15.46 -62.28 -55.91
CA ILE B 92 14.57 -61.33 -56.59
C ILE B 92 14.97 -61.18 -58.08
N THR B 93 14.01 -61.43 -58.96
CA THR B 93 14.19 -61.22 -60.40
C THR B 93 13.88 -59.76 -60.71
N LEU B 94 14.22 -59.33 -61.91
CA LEU B 94 13.95 -57.96 -62.33
C LEU B 94 12.44 -57.63 -62.37
N GLU B 95 11.64 -58.64 -62.69
CA GLU B 95 10.19 -58.53 -62.78
C GLU B 95 9.58 -58.46 -61.34
N ASN B 96 10.17 -59.21 -60.41
CA ASN B 96 9.85 -59.12 -58.99
C ASN B 96 10.14 -57.72 -58.46
N ALA B 97 11.32 -57.22 -58.79
CA ALA B 97 11.72 -55.87 -58.41
C ALA B 97 10.66 -54.87 -58.81
N ALA B 98 10.21 -54.97 -60.06
CA ALA B 98 9.19 -54.10 -60.63
C ALA B 98 7.90 -54.07 -59.81
N GLU B 99 7.42 -55.26 -59.45
CA GLU B 99 6.21 -55.43 -58.64
C GLU B 99 6.36 -54.87 -57.21
N ILE B 100 7.49 -55.18 -56.57
CA ILE B 100 7.77 -54.74 -55.20
C ILE B 100 7.95 -53.21 -55.14
N MET B 101 8.62 -52.68 -56.15
CA MET B 101 8.90 -51.25 -56.22
C MET B 101 7.68 -50.44 -56.65
N SER B 102 6.53 -51.10 -56.84
CA SER B 102 5.26 -50.41 -57.11
C SER B 102 4.57 -49.97 -55.83
N ASP B 103 5.05 -50.46 -54.69
CA ASP B 103 4.51 -50.11 -53.40
C ASP B 103 4.91 -48.70 -53.05
N TYR B 104 4.00 -47.92 -52.47
CA TYR B 104 4.25 -46.50 -52.18
C TYR B 104 5.38 -46.31 -51.18
N VAL B 105 5.35 -47.09 -50.09
CA VAL B 105 6.38 -46.96 -49.06
C VAL B 105 7.76 -47.32 -49.64
N TYR B 106 7.87 -48.49 -50.27
CA TYR B 106 9.13 -48.97 -50.88
C TYR B 106 9.75 -47.94 -51.79
N PHE B 107 8.88 -47.25 -52.52
CA PHE B 107 9.33 -46.25 -53.48
C PHE B 107 9.84 -45.02 -52.73
N ALA B 108 9.11 -44.61 -51.70
CA ALA B 108 9.48 -43.46 -50.88
C ALA B 108 10.80 -43.68 -50.20
N VAL B 109 11.03 -44.91 -49.74
CA VAL B 109 12.31 -45.28 -49.14
C VAL B 109 13.44 -45.23 -50.17
N MET B 110 13.16 -45.65 -51.40
CA MET B 110 14.17 -45.59 -52.44
C MET B 110 14.48 -44.14 -52.83
N MET B 111 13.51 -43.24 -52.63
CA MET B 111 13.70 -41.79 -52.87
C MET B 111 14.71 -41.19 -51.88
N ALA B 112 14.59 -41.55 -50.61
CA ALA B 112 15.57 -41.11 -49.63
C ALA B 112 16.97 -41.68 -49.89
N LYS B 113 17.01 -42.89 -50.45
CA LYS B 113 18.26 -43.58 -50.76
C LYS B 113 19.03 -42.88 -51.90
N LEU B 114 18.30 -42.36 -52.88
CA LEU B 114 18.89 -41.76 -54.07
C LEU B 114 18.99 -40.22 -54.03
N GLY B 115 18.55 -39.61 -52.93
CA GLY B 115 18.68 -38.17 -52.76
C GLY B 115 17.46 -37.30 -53.02
N GLU B 116 16.48 -37.78 -53.79
CA GLU B 116 15.29 -36.94 -54.10
C GLU B 116 14.63 -36.38 -52.82
N VAL B 117 14.83 -37.13 -51.73
CA VAL B 117 14.19 -36.87 -50.44
C VAL B 117 15.24 -37.06 -49.32
N ASP B 118 15.02 -36.43 -48.18
CA ASP B 118 15.94 -36.53 -47.04
C ASP B 118 15.47 -37.51 -45.96
N GLY B 119 14.22 -37.92 -46.01
CA GLY B 119 13.72 -38.93 -45.11
C GLY B 119 12.30 -39.35 -45.43
N VAL B 120 11.82 -40.39 -44.77
CA VAL B 120 10.46 -40.85 -44.91
C VAL B 120 9.79 -41.00 -43.54
N VAL B 121 8.49 -40.75 -43.47
CA VAL B 121 7.70 -41.12 -42.28
C VAL B 121 6.51 -41.93 -42.72
N SER B 122 6.27 -43.04 -42.04
CA SER B 122 5.20 -43.97 -42.39
C SER B 122 4.82 -44.80 -41.15
N GLY B 123 3.78 -45.61 -41.28
CA GLY B 123 3.38 -46.51 -40.21
C GLY B 123 2.03 -46.25 -39.58
N ALA B 124 1.31 -45.22 -40.03
CA ALA B 124 -0.10 -44.99 -39.58
C ALA B 124 -1.06 -46.08 -40.06
N ALA B 125 -0.76 -46.66 -41.22
CA ALA B 125 -1.60 -47.66 -41.87
C ALA B 125 -0.82 -48.95 -42.25
N HIS B 126 0.30 -49.20 -41.58
CA HIS B 126 1.12 -50.39 -41.88
C HIS B 126 1.70 -50.94 -40.61
N SER B 127 1.94 -52.25 -40.58
CA SER B 127 2.59 -52.86 -39.43
C SER B 127 4.00 -52.27 -39.30
N SER B 128 4.52 -52.30 -38.08
CA SER B 128 5.87 -51.83 -37.78
C SER B 128 6.91 -52.59 -38.60
N SER B 129 6.73 -53.92 -38.68
CA SER B 129 7.63 -54.78 -39.46
C SER B 129 7.53 -54.59 -40.99
N ASP B 130 6.37 -54.16 -41.49
CA ASP B 130 6.23 -53.80 -42.91
C ASP B 130 6.79 -52.42 -43.27
N THR B 131 6.95 -51.59 -42.25
CA THR B 131 7.57 -50.27 -42.38
C THR B 131 9.11 -50.39 -42.31
N LEU B 132 9.57 -51.34 -41.51
CA LEU B 132 10.97 -51.53 -41.26
C LEU B 132 11.62 -52.26 -42.46
N ARG B 133 10.91 -53.20 -43.03
CA ARG B 133 11.44 -54.04 -44.09
C ARG B 133 12.06 -53.28 -45.29
N PRO B 134 11.37 -52.28 -45.85
CA PRO B 134 11.95 -51.48 -46.92
C PRO B 134 13.17 -50.68 -46.46
N ALA B 135 13.12 -50.19 -45.21
CA ALA B 135 14.23 -49.42 -44.63
C ALA B 135 15.44 -50.30 -44.59
N VAL B 136 15.27 -51.47 -43.96
CA VAL B 136 16.33 -52.43 -43.75
C VAL B 136 16.93 -52.98 -45.02
N GLN B 137 16.08 -53.17 -46.05
CA GLN B 137 16.55 -53.68 -47.36
C GLN B 137 17.22 -52.64 -48.24
N ILE B 138 16.72 -51.42 -48.22
CA ILE B 138 17.15 -50.38 -49.16
C ILE B 138 18.20 -49.44 -48.54
N VAL B 139 17.85 -48.79 -47.43
CA VAL B 139 18.75 -47.84 -46.77
C VAL B 139 19.82 -48.54 -45.94
N LYS B 140 19.41 -49.57 -45.22
CA LYS B 140 20.30 -50.41 -44.40
C LYS B 140 20.85 -49.67 -43.18
N THR B 141 21.62 -50.38 -42.39
CA THR B 141 22.20 -49.80 -41.21
C THR B 141 23.36 -48.88 -41.53
N ALA B 142 23.44 -47.80 -40.77
CA ALA B 142 24.61 -46.93 -40.77
C ALA B 142 25.94 -47.69 -40.54
N LYS B 143 27.06 -46.99 -40.72
CA LYS B 143 28.40 -47.61 -40.63
C LYS B 143 28.88 -47.76 -39.17
N GLY B 144 28.79 -46.69 -38.40
CA GLY B 144 29.15 -46.76 -36.99
C GLY B 144 28.20 -47.71 -36.26
N ALA B 145 26.92 -47.35 -36.23
CA ALA B 145 25.89 -48.06 -35.48
C ALA B 145 26.02 -49.61 -35.41
N ALA B 146 26.04 -50.12 -34.20
CA ALA B 146 26.01 -51.54 -33.92
C ALA B 146 24.67 -52.20 -34.23
N LEU B 147 23.59 -51.40 -34.35
CA LEU B 147 22.24 -51.89 -34.74
C LEU B 147 21.22 -50.79 -34.83
N ALA B 148 20.15 -51.05 -35.56
CA ALA B 148 18.99 -50.16 -35.55
C ALA B 148 18.08 -50.42 -34.32
N SER B 149 17.44 -49.35 -33.83
CA SER B 149 16.47 -49.43 -32.73
C SER B 149 15.46 -48.31 -32.85
N ALA B 150 14.38 -48.37 -32.10
CA ALA B 150 13.42 -47.29 -32.16
C ALA B 150 13.18 -46.70 -30.78
N PHE B 151 12.57 -45.53 -30.72
CA PHE B 151 12.42 -44.78 -29.48
C PHE B 151 11.22 -43.83 -29.55
N PHE B 152 10.88 -43.19 -28.43
CA PHE B 152 9.78 -42.21 -28.41
C PHE B 152 10.23 -41.02 -27.64
N ILE B 153 9.96 -39.82 -28.17
CA ILE B 153 10.15 -38.63 -27.32
C ILE B 153 8.83 -38.59 -26.62
N ILE B 154 8.86 -38.29 -25.33
CA ILE B 154 7.69 -38.25 -24.52
C ILE B 154 7.70 -37.01 -23.65
N SER B 155 6.66 -36.20 -23.77
CA SER B 155 6.51 -34.96 -22.99
C SER B 155 5.32 -35.02 -22.08
N VAL B 156 5.60 -35.12 -20.79
CA VAL B 156 4.59 -35.11 -19.76
C VAL B 156 4.21 -33.66 -19.42
N PRO B 157 2.89 -33.37 -19.40
CA PRO B 157 2.34 -32.06 -19.05
C PRO B 157 2.88 -31.31 -17.81
N ASP B 158 2.35 -31.47 -16.60
CA ASP B 158 2.82 -30.65 -15.48
C ASP B 158 3.94 -31.29 -14.74
N CYS B 159 5.01 -31.54 -15.46
CA CYS B 159 6.05 -32.39 -14.95
C CYS B 159 7.32 -31.60 -14.62
N GLU B 160 7.77 -31.80 -13.39
CA GLU B 160 9.04 -31.26 -12.89
C GLU B 160 10.24 -32.19 -13.23
N TYR B 161 9.96 -33.45 -13.62
CA TYR B 161 11.02 -34.42 -13.93
C TYR B 161 11.40 -34.41 -15.40
N GLY B 162 12.49 -35.10 -15.70
CA GLY B 162 13.07 -35.08 -17.03
C GLY B 162 13.59 -33.69 -17.44
N SER B 163 13.74 -33.49 -18.75
CA SER B 163 14.09 -32.19 -19.34
C SER B 163 12.79 -31.42 -19.62
N ASP B 164 12.38 -30.63 -18.63
CA ASP B 164 11.09 -29.96 -18.65
C ASP B 164 9.96 -30.94 -19.03
N GLY B 165 9.90 -32.07 -18.33
CA GLY B 165 8.88 -33.09 -18.57
C GLY B 165 9.10 -34.00 -19.77
N THR B 166 10.20 -33.79 -20.48
CA THR B 166 10.51 -34.51 -21.71
C THR B 166 11.53 -35.62 -21.50
N PHE B 167 11.25 -36.77 -22.07
CA PHE B 167 12.08 -37.95 -21.92
C PHE B 167 12.25 -38.60 -23.24
N LEU B 168 13.22 -39.50 -23.31
CA LEU B 168 13.34 -40.38 -24.47
C LEU B 168 13.27 -41.81 -23.92
N PHE B 169 12.47 -42.66 -24.56
CA PHE B 169 12.28 -44.05 -24.14
C PHE B 169 12.95 -45.07 -25.08
N ALA B 170 13.71 -45.97 -24.45
CA ALA B 170 14.63 -46.99 -24.97
C ALA B 170 14.11 -48.17 -25.67
N ASP B 171 13.79 -47.97 -26.90
CA ASP B 171 13.16 -49.01 -27.64
C ASP B 171 11.92 -49.47 -27.01
N SER B 172 10.92 -48.69 -27.35
CA SER B 172 9.53 -48.91 -27.07
C SER B 172 8.83 -49.17 -28.40
N GLY B 173 9.59 -49.45 -29.46
CA GLY B 173 8.94 -49.73 -30.72
C GLY B 173 9.60 -50.54 -31.82
N MET B 174 10.53 -51.43 -31.48
CA MET B 174 11.21 -52.21 -32.53
C MET B 174 11.90 -53.47 -32.01
N VAL B 175 13.10 -53.33 -31.46
CA VAL B 175 13.85 -54.48 -30.99
C VAL B 175 13.09 -55.10 -29.86
N GLU B 176 12.57 -56.28 -30.12
CA GLU B 176 11.70 -56.98 -29.18
C GLU B 176 12.48 -57.55 -28.00
N MET B 177 13.52 -58.35 -28.29
CA MET B 177 14.29 -58.99 -27.23
C MET B 177 15.78 -58.71 -27.30
N PRO B 178 16.19 -57.48 -26.96
CA PRO B 178 17.60 -57.07 -27.09
C PRO B 178 18.48 -57.82 -26.09
N SER B 179 19.65 -58.20 -26.53
CA SER B 179 20.62 -58.87 -25.68
C SER B 179 21.26 -57.85 -24.73
N VAL B 180 22.15 -58.29 -23.85
CA VAL B 180 22.83 -57.34 -23.00
C VAL B 180 23.60 -56.29 -23.82
N GLU B 181 24.36 -56.74 -24.82
CA GLU B 181 25.10 -55.82 -25.70
C GLU B 181 24.13 -54.87 -26.40
N ASP B 182 23.06 -55.41 -26.96
CA ASP B 182 22.04 -54.60 -27.61
C ASP B 182 21.54 -53.48 -26.70
N VAL B 183 21.21 -53.80 -25.44
CA VAL B 183 20.70 -52.81 -24.49
C VAL B 183 21.77 -51.72 -24.28
N ALA B 184 23.01 -52.12 -24.06
CA ALA B 184 24.13 -51.18 -23.90
C ALA B 184 24.24 -50.23 -25.10
N ASN B 185 24.29 -50.79 -26.30
CA ASN B 185 24.39 -50.00 -27.54
C ASN B 185 23.20 -49.09 -27.78
N ILE B 186 22.01 -49.55 -27.43
CA ILE B 186 20.82 -48.70 -27.48
C ILE B 186 20.94 -47.55 -26.50
N ALA B 187 21.54 -47.79 -25.35
CA ALA B 187 21.71 -46.73 -24.33
C ALA B 187 22.60 -45.59 -24.88
N VAL B 188 23.66 -45.98 -25.58
CA VAL B 188 24.62 -45.03 -26.07
C VAL B 188 24.07 -44.20 -27.19
N ILE B 189 23.55 -44.85 -28.20
CA ILE B 189 22.96 -44.16 -29.34
C ILE B 189 21.76 -43.29 -28.91
N SER B 190 21.02 -43.73 -27.90
CA SER B 190 19.87 -42.97 -27.42
C SER B 190 20.33 -41.70 -26.77
N ALA B 191 21.46 -41.76 -26.06
CA ALA B 191 22.05 -40.54 -25.49
C ALA B 191 22.28 -39.48 -26.55
N LYS B 192 22.87 -39.87 -27.67
CA LYS B 192 23.19 -38.93 -28.76
C LYS B 192 21.97 -38.42 -29.48
N THR B 193 20.92 -39.24 -29.53
CA THR B 193 19.67 -38.83 -30.14
C THR B 193 18.95 -37.85 -29.23
N PHE B 194 18.90 -38.16 -27.93
CA PHE B 194 18.32 -37.25 -26.96
C PHE B 194 19.01 -35.91 -27.01
N GLU B 195 20.33 -35.91 -27.08
CA GLU B 195 21.09 -34.64 -27.17
C GLU B 195 20.70 -33.82 -28.42
N LEU B 196 20.60 -34.50 -29.54
CA LEU B 196 20.34 -33.84 -30.80
C LEU B 196 18.94 -33.24 -30.82
N LEU B 197 17.94 -34.01 -30.36
CA LEU B 197 16.53 -33.64 -30.52
C LEU B 197 15.92 -32.88 -29.36
N VAL B 198 16.40 -33.12 -28.16
CA VAL B 198 15.91 -32.37 -27.01
C VAL B 198 16.79 -31.19 -26.66
N GLN B 199 18.04 -31.20 -27.14
CA GLN B 199 19.01 -30.12 -26.88
C GLN B 199 19.19 -29.92 -25.39
N ASP B 200 19.58 -31.00 -24.73
CA ASP B 200 19.84 -30.97 -23.31
C ASP B 200 20.77 -32.14 -22.98
N VAL B 201 21.47 -32.06 -21.87
CA VAL B 201 22.39 -33.10 -21.50
C VAL B 201 21.64 -34.42 -21.25
N PRO B 202 22.02 -35.50 -21.94
CA PRO B 202 21.39 -36.80 -21.72
C PRO B 202 21.80 -37.40 -20.43
N LYS B 203 20.85 -37.82 -19.63
CA LYS B 203 21.10 -38.48 -18.36
C LYS B 203 20.43 -39.85 -18.42
N VAL B 204 21.18 -40.85 -18.87
CA VAL B 204 20.63 -42.15 -19.20
C VAL B 204 20.45 -43.07 -18.01
N ALA B 205 19.24 -43.60 -17.79
CA ALA B 205 18.91 -44.53 -16.72
C ALA B 205 18.54 -45.92 -17.24
N MET B 206 19.33 -46.92 -16.86
CA MET B 206 19.06 -48.30 -17.19
C MET B 206 18.02 -48.84 -16.17
N LEU B 207 16.78 -48.91 -16.60
CA LEU B 207 15.64 -49.18 -15.73
C LEU B 207 15.54 -50.60 -15.24
N SER B 208 14.90 -50.77 -14.10
CA SER B 208 14.76 -52.06 -13.45
C SER B 208 13.73 -51.99 -12.31
N TYR B 209 13.44 -53.10 -11.65
CA TYR B 209 12.66 -53.04 -10.40
C TYR B 209 13.57 -52.91 -9.20
N SER B 210 14.87 -53.00 -9.47
CA SER B 210 15.88 -52.90 -8.46
C SER B 210 16.57 -51.57 -8.62
N THR B 211 17.04 -51.02 -7.49
CA THR B 211 17.76 -49.76 -7.53
C THR B 211 19.27 -49.82 -7.41
N LYS B 212 19.84 -50.38 -6.37
CA LYS B 212 21.30 -50.49 -6.43
C LYS B 212 21.69 -51.64 -5.61
N GLY B 213 21.37 -52.82 -6.10
CA GLY B 213 21.52 -54.06 -5.35
C GLY B 213 20.37 -54.32 -4.39
N SER B 214 19.30 -53.55 -4.48
CA SER B 214 18.14 -53.76 -3.62
C SER B 214 17.51 -55.10 -3.86
N ALA B 215 17.78 -55.68 -5.00
CA ALA B 215 17.31 -57.02 -5.32
C ALA B 215 18.34 -57.68 -6.22
N LYS B 216 18.25 -58.98 -6.33
CA LYS B 216 19.19 -59.67 -7.17
C LYS B 216 18.54 -60.84 -7.90
N SER B 217 18.65 -60.84 -9.22
CA SER B 217 18.08 -61.85 -10.05
C SER B 217 18.72 -61.90 -11.43
N LYS B 218 18.34 -62.87 -12.24
CA LYS B 218 18.87 -62.93 -13.61
C LYS B 218 18.58 -61.64 -14.35
N LEU B 219 17.39 -61.09 -14.14
CA LEU B 219 17.01 -59.86 -14.84
C LEU B 219 17.85 -58.70 -14.40
N THR B 220 18.15 -58.67 -13.10
CA THR B 220 18.90 -57.58 -12.49
C THR B 220 20.35 -57.55 -12.95
N GLU B 221 20.94 -58.73 -13.16
CA GLU B 221 22.33 -58.83 -13.56
C GLU B 221 22.46 -58.40 -15.01
N ALA B 222 21.47 -58.76 -15.82
CA ALA B 222 21.41 -58.28 -17.19
C ALA B 222 21.49 -56.77 -17.21
N THR B 223 20.68 -56.12 -16.40
CA THR B 223 20.67 -54.64 -16.43
C THR B 223 22.01 -54.07 -16.01
N ILE B 224 22.56 -54.62 -14.91
CA ILE B 224 23.86 -54.14 -14.44
C ILE B 224 24.94 -54.39 -15.48
N ALA B 225 24.93 -55.54 -16.15
CA ALA B 225 25.93 -55.83 -17.16
C ALA B 225 25.78 -54.92 -18.36
N SER B 226 24.56 -54.57 -18.72
CA SER B 226 24.39 -53.64 -19.82
C SER B 226 24.90 -52.26 -19.39
N THR B 227 24.75 -51.94 -18.11
CA THR B 227 25.17 -50.65 -17.61
C THR B 227 26.64 -50.53 -17.76
N LYS B 228 27.32 -51.49 -17.20
CA LYS B 228 28.77 -51.53 -17.24
C LYS B 228 29.34 -51.56 -18.64
N LEU B 229 28.77 -52.37 -19.50
CA LEU B 229 29.24 -52.30 -20.89
C LEU B 229 29.08 -50.91 -21.44
N ALA B 230 27.90 -50.32 -21.30
CA ALA B 230 27.65 -48.99 -21.87
C ALA B 230 28.61 -47.91 -21.33
N GLN B 231 28.95 -48.00 -20.05
CA GLN B 231 29.88 -47.07 -19.45
C GLN B 231 31.24 -47.20 -20.11
N GLU B 232 31.60 -48.42 -20.53
CA GLU B 232 32.85 -48.62 -21.25
C GLU B 232 32.78 -48.12 -22.68
N LEU B 233 31.66 -48.36 -23.36
CA LEU B 233 31.49 -47.92 -24.75
C LEU B 233 31.47 -46.40 -24.86
N ALA B 234 30.98 -45.74 -23.83
CA ALA B 234 30.89 -44.28 -23.85
C ALA B 234 31.09 -43.69 -22.45
N PRO B 235 32.34 -43.60 -21.99
CA PRO B 235 32.63 -43.05 -20.66
C PRO B 235 32.30 -41.58 -20.46
N ASP B 236 32.18 -40.79 -21.51
CA ASP B 236 31.89 -39.39 -21.30
C ASP B 236 30.40 -39.06 -21.14
N ILE B 237 29.55 -40.07 -21.16
CA ILE B 237 28.10 -39.92 -21.03
C ILE B 237 27.61 -40.31 -19.63
N ALA B 238 26.64 -39.58 -19.11
CA ALA B 238 26.13 -39.87 -17.79
C ALA B 238 25.13 -41.02 -17.89
N ILE B 239 25.57 -42.19 -17.47
CA ILE B 239 24.79 -43.41 -17.52
C ILE B 239 24.94 -44.12 -16.15
N ASP B 240 23.84 -44.31 -15.42
CA ASP B 240 23.89 -45.09 -14.19
C ASP B 240 22.89 -46.22 -14.29
N GLY B 241 23.20 -47.31 -13.59
CA GLY B 241 22.56 -48.54 -13.92
C GLY B 241 22.07 -49.40 -12.81
N GLU B 242 20.84 -49.88 -13.13
CA GLU B 242 19.93 -50.59 -12.28
C GLU B 242 19.35 -49.52 -11.41
N LEU B 243 18.29 -48.90 -11.91
CA LEU B 243 17.56 -47.87 -11.20
C LEU B 243 16.08 -48.10 -11.42
N GLN B 244 15.31 -47.95 -10.35
CA GLN B 244 13.88 -47.89 -10.47
C GLN B 244 13.52 -46.52 -10.98
N VAL B 245 12.31 -46.38 -11.52
CA VAL B 245 11.88 -45.13 -12.15
C VAL B 245 11.92 -43.99 -11.14
N ASP B 246 11.55 -44.27 -9.91
CA ASP B 246 11.54 -43.20 -8.91
C ASP B 246 12.92 -42.71 -8.51
N ALA B 247 13.86 -43.61 -8.36
CA ALA B 247 15.22 -43.22 -8.04
C ALA B 247 15.84 -42.51 -9.26
N ALA B 248 15.44 -42.90 -10.48
CA ALA B 248 16.00 -42.28 -11.70
C ALA B 248 15.59 -40.80 -11.81
N ILE B 249 14.37 -40.46 -11.41
CA ILE B 249 13.88 -39.11 -11.64
C ILE B 249 13.60 -38.25 -10.42
N VAL B 250 13.49 -38.87 -9.25
CA VAL B 250 13.08 -38.16 -8.04
C VAL B 250 14.28 -37.93 -7.11
N PRO B 251 14.72 -36.69 -7.01
CA PRO B 251 15.87 -36.31 -6.18
C PRO B 251 15.85 -36.87 -4.76
N LYS B 252 14.73 -36.76 -4.06
CA LYS B 252 14.70 -37.31 -2.70
C LYS B 252 14.90 -38.83 -2.62
N VAL B 253 14.29 -39.60 -3.54
CA VAL B 253 14.52 -41.06 -3.60
C VAL B 253 15.95 -41.35 -4.07
N ALA B 254 16.44 -40.55 -5.02
CA ALA B 254 17.81 -40.70 -5.49
C ALA B 254 18.79 -40.52 -4.35
N ALA B 255 18.53 -39.52 -3.52
CA ALA B 255 19.38 -39.27 -2.36
C ALA B 255 19.56 -40.50 -1.43
N SER B 256 18.48 -41.23 -1.14
CA SER B 256 18.56 -42.40 -0.25
C SER B 256 19.00 -43.72 -0.94
N LYS B 257 18.45 -44.01 -2.11
CA LYS B 257 18.68 -45.30 -2.76
C LYS B 257 19.89 -45.36 -3.74
N ALA B 258 20.26 -44.21 -4.29
CA ALA B 258 21.40 -44.12 -5.22
C ALA B 258 22.24 -42.86 -5.00
N PRO B 259 22.87 -42.77 -3.83
CA PRO B 259 23.62 -41.55 -3.46
C PRO B 259 24.81 -41.31 -4.35
N GLY B 260 25.10 -40.04 -4.62
CA GLY B 260 26.23 -39.65 -5.44
C GLY B 260 26.27 -40.35 -6.80
N SER B 261 25.20 -40.21 -7.60
CA SER B 261 25.16 -40.80 -8.92
C SER B 261 25.08 -39.77 -10.03
N PRO B 262 25.73 -40.07 -11.14
CA PRO B 262 25.78 -39.10 -12.24
C PRO B 262 24.38 -38.84 -12.80
N VAL B 263 23.46 -39.81 -12.60
CA VAL B 263 22.14 -39.82 -13.23
C VAL B 263 20.96 -39.73 -12.25
N ALA B 264 20.95 -40.57 -11.22
CA ALA B 264 19.84 -40.69 -10.28
C ALA B 264 19.33 -39.35 -9.84
N GLY B 265 18.03 -39.16 -9.95
CA GLY B 265 17.40 -37.90 -9.58
C GLY B 265 17.19 -36.91 -10.72
N LYS B 266 17.92 -37.11 -11.81
CA LYS B 266 17.95 -36.20 -12.93
C LYS B 266 17.74 -36.86 -14.28
N ALA B 267 17.40 -38.14 -14.28
CA ALA B 267 17.32 -38.89 -15.51
C ALA B 267 16.33 -38.29 -16.49
N ASN B 268 16.69 -38.34 -17.77
CA ASN B 268 15.82 -37.88 -18.85
C ASN B 268 15.81 -38.84 -20.01
N VAL B 269 16.53 -39.94 -19.87
CA VAL B 269 16.49 -41.00 -20.89
C VAL B 269 16.23 -42.29 -20.13
N PHE B 270 15.17 -43.01 -20.52
CA PHE B 270 14.84 -44.28 -19.90
C PHE B 270 15.20 -45.35 -20.89
N ILE B 271 16.01 -46.32 -20.44
CA ILE B 271 16.38 -47.48 -21.25
C ILE B 271 15.76 -48.75 -20.68
N PHE B 272 14.94 -49.45 -21.47
CA PHE B 272 14.21 -50.63 -20.96
C PHE B 272 14.87 -52.00 -21.24
N PRO B 273 14.57 -52.98 -20.40
CA PRO B 273 15.12 -54.34 -20.58
C PRO B 273 14.67 -54.99 -21.87
N ASP B 274 13.46 -54.67 -22.32
CA ASP B 274 12.91 -55.20 -23.54
C ASP B 274 11.61 -54.47 -23.99
N LEU B 275 11.07 -54.94 -25.09
CA LEU B 275 9.93 -54.29 -25.70
C LEU B 275 8.61 -54.34 -24.91
N ASN B 276 8.42 -55.37 -24.09
CA ASN B 276 7.31 -55.43 -23.17
C ASN B 276 7.36 -54.15 -22.32
N CYS B 277 8.43 -53.97 -21.51
CA CYS B 277 8.54 -52.82 -20.58
C CYS B 277 8.47 -51.52 -21.30
N GLY B 278 9.16 -51.47 -22.42
CA GLY B 278 9.28 -50.28 -23.21
C GLY B 278 7.95 -49.84 -23.76
N ASN B 279 7.28 -50.74 -24.42
CA ASN B 279 6.01 -50.37 -25.04
C ASN B 279 4.97 -50.08 -23.96
N ILE B 280 4.93 -50.92 -22.92
CA ILE B 280 4.00 -50.70 -21.82
C ILE B 280 4.25 -49.36 -21.13
N ALA B 281 5.52 -49.01 -20.97
CA ALA B 281 5.92 -47.81 -20.28
C ALA B 281 5.45 -46.63 -21.07
N TYR B 282 5.64 -46.70 -22.38
CA TYR B 282 5.28 -45.56 -23.25
C TYR B 282 3.75 -45.37 -23.25
N LYS B 283 3.01 -46.42 -23.49
CA LYS B 283 1.55 -46.30 -23.50
C LYS B 283 1.08 -45.75 -22.15
N ILE B 284 1.65 -46.20 -21.05
CA ILE B 284 1.22 -45.68 -19.76
C ILE B 284 1.50 -44.18 -19.66
N ALA B 285 2.64 -43.75 -20.15
CA ALA B 285 2.99 -42.32 -20.10
C ALA B 285 1.99 -41.57 -20.94
N GLN B 286 1.77 -42.04 -22.15
CA GLN B 286 0.82 -41.40 -23.03
C GLN B 286 -0.59 -41.33 -22.47
N ARG B 287 -1.15 -42.47 -22.07
CA ARG B 287 -2.59 -42.53 -21.76
C ARG B 287 -2.99 -42.21 -20.33
N LEU B 288 -2.14 -42.55 -19.36
CA LEU B 288 -2.43 -42.26 -17.97
C LEU B 288 -1.79 -40.92 -17.54
N ALA B 289 -0.57 -40.66 -17.99
CA ALA B 289 0.13 -39.41 -17.68
C ALA B 289 -0.23 -38.32 -18.71
N LYS B 290 -0.95 -38.68 -19.75
CA LYS B 290 -1.43 -37.74 -20.78
C LYS B 290 -0.27 -37.10 -21.51
N ALA B 291 0.82 -37.83 -21.61
CA ALA B 291 2.00 -37.32 -22.28
C ALA B 291 1.80 -37.32 -23.77
N GLU B 292 2.48 -36.41 -24.43
CA GLU B 292 2.53 -36.37 -25.87
C GLU B 292 3.62 -37.37 -26.27
N ALA B 293 3.45 -38.03 -27.40
CA ALA B 293 4.32 -39.13 -27.72
C ALA B 293 4.59 -39.18 -29.19
N TYR B 294 5.84 -39.01 -29.56
CA TYR B 294 6.24 -38.97 -30.96
C TYR B 294 7.09 -40.21 -31.27
N GLY B 295 6.70 -40.99 -32.28
CA GLY B 295 7.52 -42.12 -32.68
C GLY B 295 6.77 -43.41 -32.91
N PRO B 296 7.43 -44.58 -32.79
CA PRO B 296 8.85 -44.77 -32.42
C PRO B 296 9.76 -44.19 -33.49
N ILE B 297 10.84 -43.53 -33.09
CA ILE B 297 11.71 -42.94 -34.06
C ILE B 297 12.88 -43.88 -34.09
N THR B 298 13.28 -44.27 -35.29
CA THR B 298 14.43 -45.15 -35.43
C THR B 298 15.73 -44.35 -35.41
N GLN B 299 16.81 -45.05 -35.10
CA GLN B 299 18.14 -44.50 -35.12
C GLN B 299 19.07 -45.62 -35.57
N GLY B 300 20.15 -45.26 -36.26
CA GLY B 300 21.09 -46.23 -36.76
C GLY B 300 20.95 -46.59 -38.22
N LEU B 301 19.99 -45.99 -38.94
CA LEU B 301 19.87 -46.20 -40.39
C LEU B 301 20.68 -45.16 -41.14
N ALA B 302 21.04 -45.44 -42.39
CA ALA B 302 21.87 -44.51 -43.16
C ALA B 302 21.05 -43.30 -43.56
N LYS B 303 19.73 -43.43 -43.53
CA LYS B 303 18.80 -42.32 -43.79
C LYS B 303 17.61 -42.42 -42.82
N PRO B 304 17.08 -41.29 -42.38
CA PRO B 304 15.93 -41.27 -41.49
C PRO B 304 14.65 -41.78 -42.14
N ILE B 305 14.28 -43.00 -41.77
CA ILE B 305 13.03 -43.67 -42.14
C ILE B 305 12.35 -43.90 -40.81
N ASN B 306 11.31 -43.16 -40.50
CA ASN B 306 10.62 -43.30 -39.21
C ASN B 306 9.24 -43.97 -39.30
N ASP B 307 8.88 -44.63 -38.20
CA ASP B 307 7.66 -45.40 -38.05
C ASP B 307 6.63 -44.51 -37.33
N LEU B 308 5.37 -44.94 -37.31
CA LEU B 308 4.31 -44.29 -36.54
C LEU B 308 3.49 -45.36 -35.85
N SER B 309 2.79 -44.94 -34.78
CA SER B 309 1.76 -45.74 -34.13
C SER B 309 0.53 -45.75 -35.06
N ARG B 310 -0.06 -46.92 -35.26
CA ARG B 310 -1.24 -47.07 -36.08
C ARG B 310 -2.40 -46.25 -35.55
N GLY B 311 -2.37 -45.93 -34.26
CA GLY B 311 -3.36 -45.05 -33.66
C GLY B 311 -2.95 -43.59 -33.46
N CYS B 312 -2.00 -43.12 -34.28
CA CYS B 312 -1.51 -41.74 -34.20
C CYS B 312 -2.53 -40.72 -34.73
N SER B 313 -2.39 -39.49 -34.27
CA SER B 313 -3.20 -38.38 -34.75
C SER B 313 -2.44 -37.72 -35.91
N ASP B 314 -3.13 -36.96 -36.74
CA ASP B 314 -2.48 -36.22 -37.80
C ASP B 314 -1.35 -35.34 -37.23
N GLU B 315 -1.54 -34.81 -36.03
CA GLU B 315 -0.54 -33.92 -35.40
C GLU B 315 0.69 -34.72 -34.99
N ASP B 316 0.49 -35.97 -34.57
CA ASP B 316 1.63 -36.87 -34.29
C ASP B 316 2.52 -37.03 -35.53
N ILE B 317 1.90 -37.15 -36.72
CA ILE B 317 2.63 -37.23 -37.99
C ILE B 317 3.45 -35.96 -38.25
N VAL B 318 2.86 -34.81 -37.99
CA VAL B 318 3.56 -33.54 -38.09
C VAL B 318 4.88 -33.57 -37.24
N GLY B 319 4.73 -33.91 -35.98
CA GLY B 319 5.84 -33.99 -35.05
C GLY B 319 6.90 -34.96 -35.53
N ALA B 320 6.46 -36.08 -36.13
CA ALA B 320 7.38 -37.10 -36.66
C ALA B 320 8.13 -36.56 -37.87
N VAL B 321 7.46 -35.83 -38.74
CA VAL B 321 8.14 -35.23 -39.89
C VAL B 321 9.25 -34.24 -39.38
N ALA B 322 8.94 -33.49 -38.31
CA ALA B 322 9.89 -32.51 -37.77
C ALA B 322 11.19 -33.20 -37.30
N ILE B 323 11.03 -34.19 -36.44
CA ILE B 323 12.15 -34.95 -35.91
C ILE B 323 12.96 -35.54 -37.05
N THR B 324 12.27 -36.06 -38.06
CA THR B 324 12.93 -36.71 -39.20
C THR B 324 13.85 -35.73 -39.86
N CYS B 325 13.32 -34.55 -40.15
CA CYS B 325 14.07 -33.41 -40.66
C CYS B 325 15.27 -33.11 -39.82
N VAL B 326 15.13 -33.07 -38.50
CA VAL B 326 16.26 -32.74 -37.62
C VAL B 326 17.32 -33.86 -37.62
N GLN B 327 16.89 -35.11 -37.70
CA GLN B 327 17.83 -36.18 -37.80
C GLN B 327 18.62 -36.06 -39.10
N ALA B 328 17.97 -35.51 -40.13
CA ALA B 328 18.58 -35.41 -41.47
C ALA B 328 19.65 -34.32 -41.50
N ALA B 329 19.56 -33.37 -40.60
CA ALA B 329 20.62 -32.37 -40.42
C ALA B 329 21.93 -32.97 -39.92
N ALA B 330 21.87 -33.97 -39.04
CA ALA B 330 23.08 -34.67 -38.63
C ALA B 330 23.74 -35.30 -39.85
N GLN B 331 23.06 -36.26 -40.46
CA GLN B 331 23.54 -37.00 -41.63
C GLN B 331 23.71 -36.09 -42.91
N ASP B 332 24.94 -35.61 -43.15
CA ASP B 332 25.20 -34.72 -44.32
C ASP B 332 25.28 -35.40 -45.72
N VAL C 2 -23.81 62.40 35.94
CA VAL C 2 -24.36 61.03 36.28
C VAL C 2 -23.47 59.95 35.63
N THR C 3 -22.27 59.81 36.18
CA THR C 3 -21.17 58.98 35.67
C THR C 3 -21.45 57.46 35.64
N PHE C 4 -20.86 56.77 34.66
CA PHE C 4 -20.96 55.31 34.55
C PHE C 4 -20.68 54.59 35.88
N LEU C 5 -19.61 54.97 36.53
CA LEU C 5 -19.26 54.37 37.82
C LEU C 5 -20.30 54.63 38.92
N GLU C 6 -21.00 55.74 38.81
CA GLU C 6 -22.04 56.11 39.78
C GLU C 6 -23.30 55.27 39.60
N LYS C 7 -23.64 54.94 38.35
CA LYS C 7 -24.73 54.00 38.06
C LYS C 7 -24.40 52.64 38.68
N ILE C 8 -23.17 52.18 38.50
CA ILE C 8 -22.76 50.85 38.94
C ILE C 8 -22.86 50.70 40.48
N SER C 9 -22.32 51.69 41.20
CA SER C 9 -22.27 51.66 42.66
C SER C 9 -23.65 51.70 43.26
N GLU C 10 -24.53 52.48 42.63
CA GLU C 10 -25.93 52.56 43.07
C GLU C 10 -26.68 51.23 42.85
N ARG C 11 -26.50 50.65 41.68
CA ARG C 11 -27.04 49.34 41.38
C ARG C 11 -26.52 48.24 42.28
N ALA C 12 -25.28 48.38 42.75
CA ALA C 12 -24.68 47.38 43.66
C ALA C 12 -25.32 47.41 45.05
N LYS C 13 -25.76 48.59 45.48
CA LYS C 13 -26.45 48.74 46.77
C LYS C 13 -27.77 47.95 46.84
N LYS C 14 -28.57 48.04 45.77
CA LYS C 14 -29.85 47.33 45.69
C LYS C 14 -29.66 45.83 45.51
N LEU C 15 -28.49 45.44 45.02
CA LEU C 15 -28.15 44.02 44.95
C LEU C 15 -27.53 43.68 46.30
N ASN C 16 -27.49 42.39 46.64
CA ASN C 16 -27.01 42.02 47.99
C ASN C 16 -25.90 41.01 47.93
N LYS C 17 -24.82 41.42 47.30
CA LYS C 17 -23.73 40.51 47.02
C LYS C 17 -22.66 40.59 48.07
N THR C 18 -21.96 39.48 48.24
CA THR C 18 -20.84 39.41 49.12
C THR C 18 -19.58 39.26 48.26
N ILE C 19 -18.57 40.05 48.58
CA ILE C 19 -17.29 40.04 47.88
C ILE C 19 -16.17 39.76 48.88
N ALA C 20 -15.25 38.87 48.48
CA ALA C 20 -14.03 38.62 49.27
C ALA C 20 -12.93 39.61 48.88
N LEU C 21 -12.17 40.07 49.87
CA LEU C 21 -10.98 40.90 49.64
C LEU C 21 -9.79 40.20 50.29
N PRO C 22 -8.93 39.54 49.51
CA PRO C 22 -7.80 38.81 50.09
C PRO C 22 -6.54 39.57 50.43
N GLU C 23 -6.33 40.77 49.90
CA GLU C 23 -5.08 41.53 50.14
C GLU C 23 -5.20 42.37 51.39
N THR C 24 -5.36 41.65 52.50
CA THR C 24 -5.64 42.23 53.80
C THR C 24 -4.44 42.77 54.52
N GLU C 25 -3.25 42.63 53.95
CA GLU C 25 -2.06 43.23 54.54
C GLU C 25 -1.72 44.56 53.89
N ASP C 26 -2.56 44.98 52.95
CA ASP C 26 -2.43 46.28 52.29
C ASP C 26 -3.53 47.19 52.83
N ILE C 27 -3.16 48.32 53.41
CA ILE C 27 -4.13 49.27 53.97
C ILE C 27 -5.22 49.64 53.01
N ARG C 28 -4.89 49.91 51.75
CA ARG C 28 -5.92 50.34 50.81
C ARG C 28 -7.10 49.38 50.87
N THR C 29 -6.82 48.09 50.95
CA THR C 29 -7.87 47.09 50.97
C THR C 29 -8.81 47.37 52.13
N LEU C 30 -8.25 47.54 53.32
CA LEU C 30 -9.02 47.77 54.53
C LEU C 30 -9.71 49.14 54.55
N GLN C 31 -9.12 50.12 53.92
CA GLN C 31 -9.68 51.46 53.87
C GLN C 31 -10.88 51.38 52.96
N ALA C 32 -10.74 50.65 51.85
CA ALA C 32 -11.84 50.43 50.88
C ALA C 32 -12.98 49.63 51.50
N ALA C 33 -12.65 48.61 52.28
CA ALA C 33 -13.66 47.79 52.99
C ALA C 33 -14.53 48.61 53.91
N ALA C 34 -13.89 49.46 54.68
CA ALA C 34 -14.57 50.41 55.55
C ALA C 34 -15.63 51.25 54.80
N LYS C 35 -15.22 51.91 53.72
CA LYS C 35 -16.11 52.67 52.85
C LYS C 35 -17.22 51.79 52.23
N ILE C 36 -16.88 50.59 51.79
CA ILE C 36 -17.87 49.72 51.15
C ILE C 36 -18.98 49.37 52.11
N LEU C 37 -18.58 48.94 53.30
CA LEU C 37 -19.53 48.54 54.34
C LEU C 37 -20.40 49.67 54.79
N GLU C 38 -19.77 50.82 55.00
CA GLU C 38 -20.45 52.05 55.41
C GLU C 38 -21.43 52.57 54.36
N ARG C 39 -21.04 52.48 53.08
CA ARG C 39 -21.88 52.94 51.97
C ARG C 39 -22.97 51.94 51.52
N GLY C 40 -22.96 50.74 52.09
CA GLY C 40 -23.95 49.71 51.72
C GLY C 40 -23.74 49.06 50.35
N ILE C 41 -22.56 49.22 49.77
CA ILE C 41 -22.25 48.68 48.45
C ILE C 41 -22.23 47.15 48.38
N ALA C 42 -21.76 46.52 49.46
CA ALA C 42 -21.65 45.06 49.55
C ALA C 42 -21.29 44.55 50.94
N ASP C 43 -21.56 43.28 51.18
CA ASP C 43 -21.06 42.55 52.34
C ASP C 43 -19.64 42.13 51.98
N ILE C 44 -18.78 42.06 52.98
CA ILE C 44 -17.38 41.75 52.72
C ILE C 44 -16.82 40.63 53.57
N VAL C 45 -16.08 39.74 52.93
CA VAL C 45 -15.29 38.73 53.64
C VAL C 45 -13.83 39.14 53.43
N LEU C 46 -13.14 39.44 54.52
CA LEU C 46 -11.71 39.72 54.46
C LEU C 46 -11.04 38.40 54.73
N VAL C 47 -10.08 38.04 53.87
CA VAL C 47 -9.36 36.79 54.03
C VAL C 47 -8.00 37.12 54.57
N GLY C 48 -7.76 36.75 55.82
CA GLY C 48 -6.48 37.08 56.41
C GLY C 48 -6.35 36.66 57.87
N ASN C 49 -5.35 37.22 58.52
CA ASN C 49 -5.16 36.98 59.94
C ASN C 49 -5.97 38.07 60.64
N GLU C 50 -6.82 37.67 61.59
CA GLU C 50 -7.70 38.65 62.22
C GLU C 50 -6.96 39.50 63.23
N ALA C 51 -5.99 38.88 63.92
CA ALA C 51 -5.09 39.63 64.79
C ALA C 51 -4.39 40.73 63.99
N ASP C 52 -3.74 40.33 62.89
CA ASP C 52 -3.01 41.25 62.02
C ASP C 52 -3.88 42.39 61.48
N ILE C 53 -5.10 42.03 61.06
CA ILE C 53 -6.01 42.97 60.42
C ILE C 53 -6.44 44.01 61.42
N LYS C 54 -6.78 43.55 62.62
CA LYS C 54 -7.21 44.44 63.70
C LYS C 54 -6.10 45.45 64.01
N ALA C 55 -4.86 44.99 64.03
CA ALA C 55 -3.68 45.84 64.25
C ALA C 55 -3.38 46.83 63.13
N LEU C 56 -3.66 46.43 61.91
CA LEU C 56 -3.35 47.20 60.74
C LEU C 56 -4.48 48.21 60.53
N ALA C 57 -5.69 47.82 60.93
CA ALA C 57 -6.93 48.54 60.66
C ALA C 57 -6.97 49.86 61.38
N GLY C 58 -6.72 49.80 62.68
CA GLY C 58 -6.65 50.99 63.51
C GLY C 58 -8.02 51.60 63.73
N ASP C 59 -8.18 52.85 63.31
CA ASP C 59 -9.43 53.59 63.50
C ASP C 59 -10.57 53.17 62.55
N LEU C 60 -10.28 52.36 61.54
CA LEU C 60 -11.28 51.98 60.54
C LEU C 60 -12.36 51.08 61.13
N ASP C 61 -13.62 51.32 60.79
CA ASP C 61 -14.70 50.46 61.30
C ASP C 61 -14.94 49.26 60.39
N LEU C 62 -14.43 48.09 60.78
CA LEU C 62 -14.52 46.87 59.97
C LEU C 62 -15.39 45.83 60.64
N SER C 63 -16.11 46.25 61.67
CA SER C 63 -16.94 45.35 62.50
C SER C 63 -17.98 44.58 61.71
N LYS C 64 -18.50 45.20 60.66
CA LYS C 64 -19.55 44.62 59.83
C LYS C 64 -19.01 43.45 58.96
N ALA C 65 -17.72 43.52 58.61
CA ALA C 65 -17.06 42.51 57.78
C ALA C 65 -16.93 41.20 58.50
N LYS C 66 -16.65 40.15 57.75
CA LYS C 66 -16.40 38.82 58.26
C LYS C 66 -14.94 38.47 57.97
N ILE C 67 -14.20 37.91 58.92
CA ILE C 67 -12.80 37.57 58.71
C ILE C 67 -12.62 36.08 58.67
N VAL C 68 -11.91 35.59 57.66
CA VAL C 68 -11.70 34.17 57.43
C VAL C 68 -10.21 33.93 57.28
N ASP C 69 -9.64 33.18 58.20
CA ASP C 69 -8.23 32.87 58.13
C ASP C 69 -8.08 31.55 57.44
N PRO C 70 -7.33 31.51 56.34
CA PRO C 70 -7.13 30.26 55.60
C PRO C 70 -6.45 29.17 56.38
N LYS C 71 -5.89 29.48 57.55
CA LYS C 71 -5.25 28.45 58.36
C LYS C 71 -6.00 28.01 59.62
N THR C 72 -7.21 28.55 59.84
CA THR C 72 -8.07 28.19 60.96
C THR C 72 -9.56 27.98 60.59
N TYR C 73 -9.96 28.33 59.37
CA TYR C 73 -11.34 28.20 58.93
C TYR C 73 -11.80 26.74 59.03
N GLU C 74 -13.06 26.57 59.44
CA GLU C 74 -13.72 25.26 59.56
C GLU C 74 -13.52 24.44 58.28
N LYS C 75 -13.88 25.04 57.13
CA LYS C 75 -13.91 24.37 55.83
C LYS C 75 -12.56 24.25 55.10
N LYS C 76 -11.48 24.53 55.80
CA LYS C 76 -10.15 24.41 55.25
C LYS C 76 -9.88 23.12 54.48
N ASP C 77 -10.22 21.99 55.08
CA ASP C 77 -9.93 20.71 54.46
C ASP C 77 -10.80 20.46 53.21
N GLU C 78 -12.06 20.92 53.23
CA GLU C 78 -12.93 20.91 52.05
C GLU C 78 -12.23 21.62 50.89
N TYR C 79 -11.74 22.81 51.16
CA TYR C 79 -11.05 23.66 50.19
C TYR C 79 -9.75 23.05 49.66
N ILE C 80 -8.99 22.40 50.51
CA ILE C 80 -7.78 21.76 50.03
C ILE C 80 -8.10 20.58 49.13
N ASN C 81 -9.03 19.71 49.56
CA ASN C 81 -9.46 18.59 48.74
C ASN C 81 -9.95 19.08 47.41
N ALA C 82 -10.78 20.12 47.41
CA ALA C 82 -11.34 20.67 46.19
C ALA C 82 -10.25 21.10 45.22
N PHE C 83 -9.27 21.86 45.69
CA PHE C 83 -8.21 22.33 44.82
C PHE C 83 -7.44 21.16 44.27
N TYR C 84 -7.25 20.15 45.11
CA TYR C 84 -6.55 18.92 44.72
C TYR C 84 -7.26 18.27 43.55
N GLU C 85 -8.58 18.15 43.63
CA GLU C 85 -9.39 17.52 42.56
C GLU C 85 -9.26 18.27 41.25
N LEU C 86 -9.27 19.59 41.33
CA LEU C 86 -9.14 20.44 40.15
C LEU C 86 -7.75 20.32 39.51
N ARG C 87 -6.74 20.34 40.38
CA ARG C 87 -5.35 20.44 39.95
C ARG C 87 -4.62 19.09 40.02
N LYS C 88 -5.37 18.03 40.30
CA LYS C 88 -4.87 16.66 40.51
C LYS C 88 -4.03 16.13 39.35
N HIS C 89 -4.51 16.30 38.13
CA HIS C 89 -3.86 15.69 36.98
C HIS C 89 -2.86 16.59 36.30
N LYS C 90 -2.34 17.58 37.02
CA LYS C 90 -1.31 18.50 36.49
C LYS C 90 -0.07 18.48 37.38
N GLY C 91 0.09 17.41 38.18
CA GLY C 91 1.25 17.21 39.03
C GLY C 91 1.14 17.73 40.45
N ILE C 92 -0.07 18.00 40.91
CA ILE C 92 -0.27 18.57 42.25
C ILE C 92 -0.60 17.44 43.18
N THR C 93 0.16 17.32 44.26
CA THR C 93 -0.16 16.36 45.31
C THR C 93 -1.14 16.99 46.30
N LEU C 94 -1.62 16.18 47.22
CA LEU C 94 -2.52 16.66 48.25
C LEU C 94 -1.78 17.61 49.20
N GLU C 95 -0.50 17.34 49.44
CA GLU C 95 0.37 18.19 50.27
C GLU C 95 0.70 19.54 49.57
N ASN C 96 1.03 19.49 48.30
CA ASN C 96 1.17 20.70 47.51
C ASN C 96 -0.11 21.56 47.60
N ALA C 97 -1.24 20.88 47.43
CA ALA C 97 -2.54 21.51 47.48
C ALA C 97 -2.78 22.25 48.79
N ALA C 98 -2.31 21.68 49.91
CA ALA C 98 -2.44 22.33 51.20
C ALA C 98 -1.62 23.59 51.28
N GLU C 99 -0.43 23.52 50.74
CA GLU C 99 0.49 24.65 50.75
C GLU C 99 0.01 25.79 49.86
N ILE C 100 -0.43 25.45 48.65
CA ILE C 100 -0.93 26.46 47.72
C ILE C 100 -2.21 27.07 48.26
N MET C 101 -3.08 26.24 48.79
CA MET C 101 -4.38 26.71 49.24
C MET C 101 -4.28 27.55 50.50
N SER C 102 -3.05 27.82 50.97
CA SER C 102 -2.81 28.65 52.16
C SER C 102 -2.61 30.10 51.76
N ASP C 103 -2.48 30.36 50.46
CA ASP C 103 -2.49 31.73 49.94
C ASP C 103 -3.85 32.39 50.09
N TYR C 104 -3.90 33.61 50.60
CA TYR C 104 -5.19 34.32 50.77
C TYR C 104 -6.00 34.45 49.49
N VAL C 105 -5.38 34.90 48.42
CA VAL C 105 -6.06 35.01 47.11
C VAL C 105 -6.68 33.67 46.65
N TYR C 106 -5.85 32.64 46.49
CA TYR C 106 -6.37 31.31 46.14
C TYR C 106 -7.56 30.88 47.01
N PHE C 107 -7.45 31.13 48.31
CA PHE C 107 -8.49 30.72 49.24
C PHE C 107 -9.79 31.50 49.01
N ALA C 108 -9.69 32.80 48.78
CA ALA C 108 -10.84 33.62 48.44
C ALA C 108 -11.50 33.21 47.12
N VAL C 109 -10.69 32.88 46.11
CA VAL C 109 -11.22 32.41 44.84
C VAL C 109 -11.96 31.08 45.03
N MET C 110 -11.47 30.22 45.91
CA MET C 110 -12.15 28.95 46.18
C MET C 110 -13.44 29.18 46.92
N MET C 111 -13.51 30.29 47.64
CA MET C 111 -14.74 30.70 48.31
C MET C 111 -15.83 31.03 47.33
N ALA C 112 -15.46 31.72 46.25
CA ALA C 112 -16.40 32.08 45.20
C ALA C 112 -16.90 30.81 44.52
N LYS C 113 -15.97 29.91 44.26
CA LYS C 113 -16.28 28.71 43.55
C LYS C 113 -17.25 27.88 44.36
N LEU C 114 -17.14 27.91 45.68
CA LEU C 114 -18.01 27.05 46.52
C LEU C 114 -19.22 27.73 47.13
N GLY C 115 -19.46 29.00 46.82
CA GLY C 115 -20.69 29.65 47.23
C GLY C 115 -20.62 30.59 48.40
N GLU C 116 -19.62 30.48 49.26
CA GLU C 116 -19.54 31.39 50.42
C GLU C 116 -19.50 32.88 50.04
N VAL C 117 -19.07 33.12 48.80
CA VAL C 117 -18.81 34.43 48.29
C VAL C 117 -19.28 34.49 46.82
N ASP C 118 -19.68 35.69 46.39
CA ASP C 118 -20.18 35.88 45.03
C ASP C 118 -19.12 36.29 44.01
N GLY C 119 -18.00 36.86 44.48
CA GLY C 119 -16.88 37.18 43.60
C GLY C 119 -15.75 37.75 44.40
N VAL C 120 -14.64 38.03 43.73
CA VAL C 120 -13.41 38.44 44.39
C VAL C 120 -12.81 39.64 43.70
N VAL C 121 -12.21 40.54 44.48
CA VAL C 121 -11.40 41.63 43.97
C VAL C 121 -9.99 41.56 44.59
N SER C 122 -8.96 41.62 43.76
CA SER C 122 -7.58 41.59 44.21
C SER C 122 -6.69 42.26 43.14
N GLY C 123 -5.40 42.37 43.45
CA GLY C 123 -4.40 42.89 42.51
C GLY C 123 -3.77 44.24 42.85
N ALA C 124 -4.11 44.79 44.00
CA ALA C 124 -3.44 45.94 44.58
C ALA C 124 -1.99 45.66 44.94
N ALA C 125 -1.74 44.41 45.32
CA ALA C 125 -0.47 44.01 45.85
C ALA C 125 0.01 42.71 45.21
N HIS C 126 -0.44 42.49 43.99
CA HIS C 126 -0.05 41.33 43.21
C HIS C 126 0.01 41.65 41.71
N SER C 127 0.86 40.91 41.01
CA SER C 127 0.92 41.00 39.56
C SER C 127 -0.43 40.58 38.99
N SER C 128 -0.71 41.03 37.78
CA SER C 128 -1.96 40.68 37.12
C SER C 128 -2.05 39.22 36.85
N SER C 129 -0.96 38.66 36.35
CA SER C 129 -0.92 37.22 36.08
C SER C 129 -1.16 36.42 37.34
N ASP C 130 -0.66 36.89 38.49
CA ASP C 130 -0.79 36.18 39.76
C ASP C 130 -2.25 36.13 40.22
N THR C 131 -2.96 37.20 39.91
CA THR C 131 -4.37 37.35 40.25
C THR C 131 -5.19 36.45 39.36
N LEU C 132 -4.78 36.32 38.11
CA LEU C 132 -5.53 35.58 37.14
C LEU C 132 -5.36 34.08 37.34
N ARG C 133 -4.16 33.67 37.74
CA ARG C 133 -3.88 32.25 37.78
C ARG C 133 -4.92 31.47 38.62
N PRO C 134 -5.21 31.92 39.85
CA PRO C 134 -6.19 31.22 40.69
C PRO C 134 -7.60 31.19 40.06
N ALA C 135 -7.92 32.28 39.39
CA ALA C 135 -9.21 32.43 38.72
C ALA C 135 -9.35 31.41 37.62
N VAL C 136 -8.36 31.36 36.75
CA VAL C 136 -8.38 30.44 35.62
C VAL C 136 -8.36 28.98 36.07
N GLN C 137 -7.62 28.68 37.14
CA GLN C 137 -7.47 27.31 37.59
C GLN C 137 -8.65 26.84 38.39
N ILE C 138 -9.31 27.73 39.13
CA ILE C 138 -10.31 27.29 40.14
C ILE C 138 -11.74 27.57 39.69
N VAL C 139 -12.00 28.84 39.41
CA VAL C 139 -13.32 29.27 39.01
C VAL C 139 -13.53 28.99 37.53
N LYS C 140 -12.46 29.06 36.74
CA LYS C 140 -12.48 28.72 35.33
C LYS C 140 -13.45 29.56 34.55
N THR C 141 -13.56 29.25 33.27
CA THR C 141 -14.47 29.96 32.39
C THR C 141 -15.89 29.55 32.61
N ALA C 142 -16.77 30.38 32.06
CA ALA C 142 -18.20 30.30 32.25
C ALA C 142 -18.86 29.23 31.38
N LYS C 143 -20.17 29.39 31.19
CA LYS C 143 -21.00 28.57 30.31
C LYS C 143 -20.29 28.00 29.07
N GLY C 144 -20.46 28.69 27.91
CA GLY C 144 -19.84 28.37 26.63
C GLY C 144 -18.72 29.34 26.29
N ALA C 145 -18.30 30.13 27.29
CA ALA C 145 -17.03 30.87 27.22
C ALA C 145 -15.86 29.85 27.27
N ALA C 146 -14.86 30.07 26.42
CA ALA C 146 -13.74 29.15 26.35
C ALA C 146 -12.48 29.79 26.92
N LEU C 147 -12.55 31.10 27.20
CA LEU C 147 -11.47 31.84 27.89
C LEU C 147 -11.93 33.12 28.64
N ALA C 148 -11.12 33.47 29.62
CA ALA C 148 -11.21 34.72 30.32
C ALA C 148 -10.53 35.81 29.49
N SER C 149 -11.02 37.02 29.65
CA SER C 149 -10.47 38.14 28.95
C SER C 149 -10.78 39.43 29.66
N ALA C 150 -10.15 40.48 29.20
CA ALA C 150 -10.21 41.78 29.85
C ALA C 150 -10.81 42.73 28.89
N PHE C 151 -11.52 43.69 29.42
CA PHE C 151 -12.16 44.65 28.56
C PHE C 151 -12.12 45.98 29.23
N PHE C 152 -12.44 47.04 28.49
CA PHE C 152 -12.54 48.36 29.08
C PHE C 152 -13.86 48.98 28.66
N ILE C 153 -14.47 49.75 29.57
CA ILE C 153 -15.60 50.58 29.19
C ILE C 153 -14.97 51.91 28.93
N ILE C 154 -15.27 52.50 27.78
CA ILE C 154 -14.63 53.75 27.41
C ILE C 154 -15.64 54.82 27.07
N SER C 155 -15.59 55.96 27.74
CA SER C 155 -16.54 57.03 27.51
C SER C 155 -15.86 58.25 26.91
N VAL C 156 -16.05 58.44 25.62
CA VAL C 156 -15.48 59.58 24.93
C VAL C 156 -16.35 60.82 25.19
N PRO C 157 -15.72 61.95 25.53
CA PRO C 157 -16.41 63.23 25.80
C PRO C 157 -17.51 63.68 24.85
N ASP C 158 -17.23 64.53 23.86
CA ASP C 158 -18.31 65.10 23.01
C ASP C 158 -18.55 64.18 21.84
N CYS C 159 -19.04 62.98 22.15
CA CYS C 159 -19.10 61.94 21.17
C CYS C 159 -20.50 61.51 20.79
N GLU C 160 -20.81 61.67 19.51
CA GLU C 160 -22.09 61.27 18.98
C GLU C 160 -22.16 59.74 18.73
N TYR C 161 -21.01 59.09 18.57
CA TYR C 161 -20.97 57.67 18.20
C TYR C 161 -21.07 56.76 19.40
N GLY C 162 -21.19 55.45 19.16
CA GLY C 162 -21.41 54.47 20.22
C GLY C 162 -22.68 54.70 21.02
N SER C 163 -22.72 54.22 22.25
CA SER C 163 -23.86 54.46 23.13
C SER C 163 -23.65 55.70 23.97
N ASP C 164 -24.04 56.85 23.41
CA ASP C 164 -23.75 58.18 23.97
C ASP C 164 -22.27 58.33 24.23
N GLY C 165 -21.47 57.92 23.25
CA GLY C 165 -20.03 58.02 23.35
C GLY C 165 -19.37 56.97 24.23
N THR C 166 -20.13 55.96 24.66
CA THR C 166 -19.58 54.89 25.45
C THR C 166 -19.53 53.60 24.65
N PHE C 167 -18.37 52.94 24.69
CA PHE C 167 -18.08 51.69 23.98
C PHE C 167 -17.48 50.73 25.00
N LEU C 168 -17.27 49.50 24.55
CA LEU C 168 -16.57 48.50 25.29
C LEU C 168 -15.52 48.02 24.33
N PHE C 169 -14.28 47.79 24.81
CA PHE C 169 -13.15 47.36 24.00
C PHE C 169 -12.69 45.90 24.28
N ALA C 170 -12.42 45.20 23.18
CA ALA C 170 -12.16 43.74 23.04
C ALA C 170 -10.87 43.15 23.40
N ASP C 171 -10.72 42.94 24.67
CA ASP C 171 -9.42 42.58 25.16
C ASP C 171 -8.37 43.57 24.79
N SER C 172 -8.33 44.58 25.63
CA SER C 172 -7.32 45.60 25.61
C SER C 172 -6.37 45.41 26.79
N GLY C 173 -6.47 44.31 27.52
CA GLY C 173 -5.52 44.09 28.58
C GLY C 173 -5.15 42.70 29.07
N MET C 174 -5.18 41.66 28.25
CA MET C 174 -4.96 40.31 28.79
C MET C 174 -4.59 39.29 27.76
N VAL C 175 -5.57 38.77 27.04
CA VAL C 175 -5.32 37.80 25.99
C VAL C 175 -4.46 38.43 24.89
N GLU C 176 -3.19 38.00 24.87
CA GLU C 176 -2.17 38.59 24.00
C GLU C 176 -2.30 38.20 22.57
N MET C 177 -2.37 36.91 22.27
CA MET C 177 -2.48 36.45 20.87
C MET C 177 -3.64 35.49 20.68
N PRO C 178 -4.85 36.01 20.67
CA PRO C 178 -6.03 35.14 20.63
C PRO C 178 -6.08 34.41 19.28
N SER C 179 -6.59 33.20 19.27
CA SER C 179 -6.90 32.49 18.04
C SER C 179 -8.19 32.98 17.38
N VAL C 180 -8.48 32.44 16.22
CA VAL C 180 -9.69 32.80 15.55
C VAL C 180 -10.87 32.52 16.47
N GLU C 181 -10.83 31.37 17.14
CA GLU C 181 -11.88 30.96 18.08
C GLU C 181 -11.95 31.90 19.28
N ASP C 182 -10.80 32.17 19.88
CA ASP C 182 -10.71 33.10 20.99
C ASP C 182 -11.35 34.46 20.67
N VAL C 183 -11.12 35.01 19.48
CA VAL C 183 -11.70 36.32 19.15
C VAL C 183 -13.21 36.18 18.96
N ALA C 184 -13.64 35.08 18.37
CA ALA C 184 -15.07 34.82 18.24
C ALA C 184 -15.78 34.75 19.59
N ASN C 185 -15.21 33.97 20.52
CA ASN C 185 -15.76 33.84 21.86
C ASN C 185 -15.71 35.18 22.58
N ILE C 186 -14.62 35.95 22.39
CA ILE C 186 -14.50 37.23 23.09
C ILE C 186 -15.61 38.17 22.64
N ALA C 187 -15.96 38.09 21.36
CA ALA C 187 -16.94 38.97 20.77
C ALA C 187 -18.29 38.69 21.39
N VAL C 188 -18.61 37.42 21.59
CA VAL C 188 -19.94 37.01 22.09
C VAL C 188 -20.13 37.42 23.51
N ILE C 189 -19.16 37.01 24.35
CA ILE C 189 -19.15 37.34 25.78
C ILE C 189 -19.16 38.85 25.98
N SER C 190 -18.42 39.57 25.15
CA SER C 190 -18.35 41.04 25.25
C SER C 190 -19.72 41.68 25.02
N ALA C 191 -20.46 41.14 24.07
CA ALA C 191 -21.79 41.63 23.81
C ALA C 191 -22.63 41.57 25.06
N LYS C 192 -22.52 40.45 25.78
CA LYS C 192 -23.29 40.24 27.02
C LYS C 192 -22.77 41.14 28.13
N THR C 193 -21.48 41.43 28.13
CA THR C 193 -20.95 42.30 29.17
C THR C 193 -21.39 43.74 28.90
N PHE C 194 -21.32 44.13 27.66
CA PHE C 194 -21.80 45.43 27.30
C PHE C 194 -23.26 45.64 27.64
N GLU C 195 -24.06 44.65 27.33
CA GLU C 195 -25.47 44.79 27.58
C GLU C 195 -25.76 44.98 29.06
N LEU C 196 -25.05 44.20 29.87
CA LEU C 196 -25.28 44.18 31.30
C LEU C 196 -24.86 45.47 31.93
N LEU C 197 -23.68 45.96 31.57
CA LEU C 197 -23.09 47.10 32.25
C LEU C 197 -23.55 48.42 31.67
N VAL C 198 -23.68 48.51 30.34
CA VAL C 198 -24.04 49.77 29.72
C VAL C 198 -25.55 49.91 29.59
N GLN C 199 -26.23 48.76 29.63
CA GLN C 199 -27.70 48.69 29.53
C GLN C 199 -28.19 49.28 28.23
N ASP C 200 -27.75 48.66 27.15
CA ASP C 200 -28.12 49.11 25.81
C ASP C 200 -27.85 47.97 24.84
N VAL C 201 -28.48 48.02 23.66
CA VAL C 201 -28.37 46.91 22.74
C VAL C 201 -26.96 46.94 22.20
N PRO C 202 -26.17 45.86 22.43
CA PRO C 202 -24.81 45.73 21.88
C PRO C 202 -24.79 45.55 20.37
N LYS C 203 -23.88 46.26 19.71
CA LYS C 203 -23.66 46.23 18.26
C LYS C 203 -22.17 46.03 18.11
N VAL C 204 -21.78 44.80 17.79
CA VAL C 204 -20.42 44.35 17.83
C VAL C 204 -19.70 44.46 16.49
N ALA C 205 -18.57 45.16 16.48
CA ALA C 205 -17.72 45.29 15.31
C ALA C 205 -16.43 44.49 15.49
N MET C 206 -16.18 43.59 14.56
CA MET C 206 -14.93 42.85 14.51
C MET C 206 -13.99 43.67 13.64
N LEU C 207 -13.17 44.49 14.30
CA LEU C 207 -12.32 45.50 13.64
C LEU C 207 -11.21 44.97 12.75
N SER C 208 -10.81 45.80 11.78
CA SER C 208 -9.78 45.49 10.80
C SER C 208 -9.27 46.78 10.11
N TYR C 209 -8.31 46.64 9.19
CA TYR C 209 -7.93 47.78 8.32
C TYR C 209 -8.76 47.71 7.03
N SER C 210 -9.51 46.62 6.91
CA SER C 210 -10.38 46.35 5.77
C SER C 210 -11.81 46.52 6.20
N THR C 211 -12.66 47.02 5.28
CA THR C 211 -14.06 47.12 5.61
C THR C 211 -14.89 45.99 5.10
N LYS C 212 -14.98 45.76 3.81
CA LYS C 212 -15.83 44.62 3.42
C LYS C 212 -15.30 43.93 2.19
N GLY C 213 -14.16 43.28 2.33
CA GLY C 213 -13.42 42.80 1.19
C GLY C 213 -12.69 43.93 0.46
N SER C 214 -12.63 45.12 1.07
CA SER C 214 -11.82 46.22 0.52
C SER C 214 -10.35 45.87 0.44
N ALA C 215 -9.91 44.88 1.19
CA ALA C 215 -8.53 44.43 1.17
C ALA C 215 -8.54 42.95 1.52
N LYS C 216 -7.48 42.23 1.13
CA LYS C 216 -7.39 40.81 1.48
C LYS C 216 -5.99 40.32 1.87
N SER C 217 -5.90 39.73 3.05
CA SER C 217 -4.65 39.21 3.60
C SER C 217 -4.92 38.17 4.68
N LYS C 218 -3.89 37.49 5.14
CA LYS C 218 -4.03 36.51 6.23
C LYS C 218 -4.70 37.14 7.49
N LEU C 219 -4.40 38.40 7.74
CA LEU C 219 -4.98 39.10 8.89
C LEU C 219 -6.45 39.33 8.65
N THR C 220 -6.77 39.62 7.40
CA THR C 220 -8.12 39.94 7.01
C THR C 220 -9.01 38.69 7.03
N GLU C 221 -8.40 37.55 6.75
CA GLU C 221 -9.13 36.29 6.70
C GLU C 221 -9.40 35.84 8.11
N ALA C 222 -8.46 36.03 9.02
CA ALA C 222 -8.70 35.72 10.42
C ALA C 222 -9.93 36.47 10.93
N THR C 223 -10.01 37.78 10.67
CA THR C 223 -11.14 38.56 11.21
C THR C 223 -12.47 38.06 10.70
N ILE C 224 -12.54 37.85 9.39
CA ILE C 224 -13.75 37.31 8.78
C ILE C 224 -14.16 35.93 9.34
N ALA C 225 -13.20 35.01 9.47
CA ALA C 225 -13.49 33.71 10.05
C ALA C 225 -14.04 33.92 11.45
N SER C 226 -13.43 34.80 12.22
CA SER C 226 -13.87 35.00 13.60
C SER C 226 -15.25 35.61 13.62
N THR C 227 -15.54 36.48 12.63
CA THR C 227 -16.86 37.05 12.50
C THR C 227 -17.90 35.96 12.24
N LYS C 228 -17.64 35.12 11.27
CA LYS C 228 -18.54 34.01 10.91
C LYS C 228 -18.74 33.02 12.04
N LEU C 229 -17.67 32.64 12.70
CA LEU C 229 -17.80 31.71 13.81
C LEU C 229 -18.67 32.28 14.91
N ALA C 230 -18.45 33.53 15.29
CA ALA C 230 -19.25 34.16 16.35
C ALA C 230 -20.70 34.28 15.94
N GLN C 231 -20.97 34.57 14.66
CA GLN C 231 -22.36 34.68 14.16
C GLN C 231 -23.11 33.35 14.31
N GLU C 232 -22.37 32.24 14.13
CA GLU C 232 -22.86 30.88 14.39
C GLU C 232 -23.09 30.65 15.87
N LEU C 233 -22.14 31.09 16.70
CA LEU C 233 -22.21 30.91 18.17
C LEU C 233 -23.37 31.66 18.83
N ALA C 234 -23.81 32.76 18.23
CA ALA C 234 -24.82 33.62 18.81
C ALA C 234 -25.55 34.41 17.71
N PRO C 235 -26.41 33.73 16.97
CA PRO C 235 -27.12 34.35 15.86
C PRO C 235 -28.09 35.47 16.26
N ASP C 236 -28.42 35.60 17.53
CA ASP C 236 -29.31 36.70 17.97
C ASP C 236 -28.65 38.03 18.29
N ILE C 237 -27.33 38.13 18.11
CA ILE C 237 -26.58 39.32 18.46
C ILE C 237 -26.12 39.99 17.16
N ALA C 238 -26.18 41.32 17.13
CA ALA C 238 -25.76 42.09 15.97
C ALA C 238 -24.23 42.09 15.97
N ILE C 239 -23.69 41.32 15.03
CA ILE C 239 -22.25 41.17 14.87
C ILE C 239 -21.93 41.23 13.37
N ASP C 240 -21.17 42.21 12.97
CA ASP C 240 -20.74 42.24 11.60
C ASP C 240 -19.24 42.39 11.54
N GLY C 241 -18.63 41.80 10.52
CA GLY C 241 -17.22 41.58 10.62
C GLY C 241 -16.38 41.96 9.46
N GLU C 242 -15.17 42.40 9.85
CA GLU C 242 -14.17 43.02 9.01
C GLU C 242 -14.74 44.40 8.80
N LEU C 243 -14.45 45.30 9.72
CA LEU C 243 -14.90 46.67 9.63
C LEU C 243 -13.81 47.60 10.16
N GLN C 244 -13.54 48.68 9.42
CA GLN C 244 -12.68 49.70 9.94
C GLN C 244 -13.48 50.49 10.93
N VAL C 245 -12.79 51.18 11.82
CA VAL C 245 -13.45 51.94 12.89
C VAL C 245 -14.42 52.96 12.34
N ASP C 246 -14.05 53.62 11.23
CA ASP C 246 -14.95 54.62 10.61
C ASP C 246 -16.25 54.03 10.07
N ALA C 247 -16.14 52.88 9.41
CA ALA C 247 -17.30 52.15 8.89
C ALA C 247 -18.10 51.65 10.04
N ALA C 248 -17.45 51.29 11.13
CA ALA C 248 -18.17 50.70 12.24
C ALA C 248 -19.03 51.70 12.95
N ILE C 249 -18.63 52.96 13.03
CA ILE C 249 -19.34 53.91 13.88
C ILE C 249 -19.89 55.13 13.17
N VAL C 250 -19.47 55.38 11.92
CA VAL C 250 -19.91 56.60 11.22
C VAL C 250 -20.94 56.27 10.18
N PRO C 251 -22.18 56.73 10.42
CA PRO C 251 -23.30 56.45 9.52
C PRO C 251 -22.97 56.67 8.08
N LYS C 252 -22.48 57.85 7.74
CA LYS C 252 -22.17 58.11 6.36
C LYS C 252 -21.14 57.16 5.77
N VAL C 253 -20.06 56.84 6.50
CA VAL C 253 -19.05 55.91 5.96
C VAL C 253 -19.68 54.56 5.73
N ALA C 254 -20.45 54.10 6.72
CA ALA C 254 -21.16 52.84 6.63
C ALA C 254 -22.01 52.80 5.37
N ALA C 255 -22.69 53.90 5.07
CA ALA C 255 -23.54 53.97 3.89
C ALA C 255 -22.84 53.56 2.58
N SER C 256 -21.57 53.93 2.46
CA SER C 256 -20.78 53.55 1.25
C SER C 256 -20.03 52.20 1.35
N LYS C 257 -19.39 52.01 2.49
CA LYS C 257 -18.47 50.91 2.66
C LYS C 257 -19.12 49.62 3.11
N ALA C 258 -20.11 49.75 4.00
CA ALA C 258 -20.90 48.62 4.54
C ALA C 258 -22.42 48.91 4.52
N PRO C 259 -23.00 49.06 3.35
CA PRO C 259 -24.46 49.27 3.26
C PRO C 259 -25.25 48.06 3.79
N GLY C 260 -26.35 48.33 4.49
CA GLY C 260 -27.24 47.30 5.03
C GLY C 260 -26.53 46.30 5.97
N SER C 261 -25.90 46.85 7.02
CA SER C 261 -25.20 46.05 8.02
C SER C 261 -25.89 46.18 9.37
N PRO C 262 -26.09 45.08 10.08
CA PRO C 262 -26.76 45.12 11.38
C PRO C 262 -26.00 46.00 12.40
N VAL C 263 -24.67 46.11 12.19
CA VAL C 263 -23.74 46.88 13.06
C VAL C 263 -23.18 48.18 12.49
N ALA C 264 -22.58 48.14 11.30
CA ALA C 264 -21.91 49.30 10.70
C ALA C 264 -22.74 50.56 10.84
N GLY C 265 -22.10 51.64 11.27
CA GLY C 265 -22.73 52.92 11.47
C GLY C 265 -23.22 53.10 12.90
N LYS C 266 -23.42 51.99 13.62
CA LYS C 266 -24.04 52.05 14.94
C LYS C 266 -23.27 51.31 16.06
N ALA C 267 -22.06 50.86 15.73
CA ALA C 267 -21.27 50.03 16.64
C ALA C 267 -21.05 50.67 17.97
N ASN C 268 -21.12 49.85 19.01
CA ASN C 268 -20.75 50.27 20.35
C ASN C 268 -19.78 49.31 21.09
N VAL C 269 -19.38 48.21 20.41
CA VAL C 269 -18.43 47.22 20.94
C VAL C 269 -17.34 46.97 19.89
N PHE C 270 -16.08 47.18 20.27
CA PHE C 270 -14.96 46.97 19.35
C PHE C 270 -14.26 45.68 19.77
N ILE C 271 -14.01 44.79 18.81
CA ILE C 271 -13.31 43.59 19.05
C ILE C 271 -12.03 43.57 18.26
N PHE C 272 -10.89 43.39 18.91
CA PHE C 272 -9.61 43.66 18.27
C PHE C 272 -8.92 42.39 17.95
N PRO C 273 -8.13 42.38 16.88
CA PRO C 273 -7.43 41.18 16.40
C PRO C 273 -6.48 40.61 17.42
N ASP C 274 -5.87 41.47 18.24
CA ASP C 274 -4.94 41.05 19.30
C ASP C 274 -4.58 42.18 20.28
N LEU C 275 -3.73 41.88 21.24
CA LEU C 275 -3.52 42.84 22.32
C LEU C 275 -2.76 44.09 21.90
N ASN C 276 -1.94 44.00 20.85
CA ASN C 276 -1.27 45.16 20.28
C ASN C 276 -2.34 46.25 19.90
N CYS C 277 -3.31 45.90 19.03
CA CYS C 277 -4.34 46.86 18.62
C CYS C 277 -5.24 47.23 19.78
N GLY C 278 -5.57 46.25 20.61
CA GLY C 278 -6.47 46.43 21.74
C GLY C 278 -5.94 47.43 22.71
N ASN C 279 -4.73 47.21 23.16
CA ASN C 279 -4.08 48.13 24.10
C ASN C 279 -3.85 49.52 23.47
N ILE C 280 -3.24 49.54 22.30
CA ILE C 280 -2.98 50.77 21.59
C ILE C 280 -4.28 51.59 21.33
N ALA C 281 -5.37 50.92 20.99
CA ALA C 281 -6.63 51.55 20.75
C ALA C 281 -7.14 52.19 22.02
N TYR C 282 -7.04 51.46 23.14
CA TYR C 282 -7.59 51.97 24.39
C TYR C 282 -6.76 53.14 24.90
N LYS C 283 -5.44 53.05 24.79
CA LYS C 283 -4.57 54.17 25.18
C LYS C 283 -4.78 55.36 24.28
N ILE C 284 -5.01 55.15 23.00
CA ILE C 284 -5.27 56.31 22.15
C ILE C 284 -6.59 57.02 22.48
N ALA C 285 -7.59 56.25 22.82
CA ALA C 285 -8.87 56.83 23.16
C ALA C 285 -8.70 57.59 24.47
N GLN C 286 -8.04 56.99 25.44
CA GLN C 286 -7.87 57.64 26.71
C GLN C 286 -7.10 58.97 26.58
N ARG C 287 -5.95 58.94 25.95
CA ARG C 287 -5.02 60.07 25.97
C ARG C 287 -5.24 61.12 24.86
N LEU C 288 -5.54 60.67 23.64
CA LEU C 288 -5.81 61.61 22.56
C LEU C 288 -7.29 61.97 22.40
N ALA C 289 -8.19 61.05 22.77
CA ALA C 289 -9.62 61.34 22.73
C ALA C 289 -10.11 61.87 24.07
N LYS C 290 -9.29 61.74 25.10
CA LYS C 290 -9.63 62.22 26.45
C LYS C 290 -10.79 61.41 27.03
N ALA C 291 -10.83 60.16 26.65
CA ALA C 291 -11.88 59.27 27.09
C ALA C 291 -11.60 58.84 28.53
N GLU C 292 -12.65 58.58 29.28
CA GLU C 292 -12.51 58.03 30.60
C GLU C 292 -12.46 56.53 30.31
N ALA C 293 -11.58 55.80 30.99
CA ALA C 293 -11.43 54.37 30.75
C ALA C 293 -11.55 53.61 32.03
N TYR C 294 -12.35 52.54 32.03
CA TYR C 294 -12.49 51.72 33.22
C TYR C 294 -12.00 50.35 32.86
N GLY C 295 -11.00 49.87 33.59
CA GLY C 295 -10.42 48.56 33.33
C GLY C 295 -8.96 48.44 33.70
N PRO C 296 -8.41 47.23 33.69
CA PRO C 296 -9.11 46.07 33.13
C PRO C 296 -10.06 45.29 34.06
N ILE C 297 -11.25 45.03 33.53
CA ILE C 297 -12.27 44.20 34.18
C ILE C 297 -12.29 42.88 33.43
N THR C 298 -12.34 41.77 34.11
CA THR C 298 -12.28 40.52 33.42
C THR C 298 -13.69 40.01 33.19
N GLN C 299 -13.85 39.35 32.06
CA GLN C 299 -15.12 38.77 31.69
C GLN C 299 -14.88 37.32 31.29
N GLY C 300 -15.94 36.54 31.31
CA GLY C 300 -15.85 35.16 30.83
C GLY C 300 -15.59 34.09 31.87
N LEU C 301 -15.39 34.50 33.13
CA LEU C 301 -15.18 33.58 34.24
C LEU C 301 -16.54 33.09 34.75
N ALA C 302 -16.56 31.96 35.42
CA ALA C 302 -17.82 31.47 35.98
C ALA C 302 -18.17 32.28 37.23
N LYS C 303 -17.17 32.90 37.85
CA LYS C 303 -17.41 33.84 38.93
C LYS C 303 -16.57 35.10 38.68
N PRO C 304 -17.05 36.28 39.07
CA PRO C 304 -16.33 37.52 38.80
C PRO C 304 -15.13 37.66 39.72
N ILE C 305 -13.95 37.59 39.15
CA ILE C 305 -12.70 37.75 39.84
C ILE C 305 -11.98 38.90 39.16
N ASN C 306 -11.89 40.05 39.81
CA ASN C 306 -11.28 41.20 39.18
C ASN C 306 -9.91 41.58 39.71
N ASP C 307 -9.10 42.07 38.78
CA ASP C 307 -7.74 42.49 39.02
C ASP C 307 -7.79 44.01 39.28
N LEU C 308 -6.75 44.55 39.89
CA LEU C 308 -6.61 45.99 40.06
C LEU C 308 -5.27 46.40 39.52
N SER C 309 -5.09 47.70 39.33
CA SER C 309 -3.79 48.28 39.10
C SER C 309 -3.06 48.28 40.44
N ARG C 310 -1.79 47.93 40.47
CA ARG C 310 -1.02 47.90 41.71
C ARG C 310 -0.80 49.29 42.28
N GLY C 311 -1.06 50.36 41.53
CA GLY C 311 -0.98 51.70 42.08
C GLY C 311 -2.33 52.34 42.36
N CYS C 312 -3.35 51.50 42.50
CA CYS C 312 -4.73 51.96 42.65
C CYS C 312 -4.95 52.76 43.89
N SER C 313 -6.04 53.52 43.93
CA SER C 313 -6.39 54.16 45.20
C SER C 313 -7.32 53.25 45.96
N ASP C 314 -7.51 53.54 47.24
CA ASP C 314 -8.51 52.83 47.99
C ASP C 314 -9.90 52.98 47.34
N GLU C 315 -10.19 54.16 46.78
CA GLU C 315 -11.49 54.40 46.12
C GLU C 315 -11.63 53.51 44.91
N ASP C 316 -10.53 53.30 44.19
CA ASP C 316 -10.54 52.45 43.00
C ASP C 316 -11.01 51.08 43.39
N ILE C 317 -10.54 50.60 44.54
CA ILE C 317 -10.96 49.29 45.04
C ILE C 317 -12.47 49.25 45.33
N VAL C 318 -13.01 50.35 45.86
CA VAL C 318 -14.42 50.43 46.11
C VAL C 318 -15.17 50.24 44.80
N GLY C 319 -14.81 50.98 43.78
CA GLY C 319 -15.43 50.87 42.47
C GLY C 319 -15.34 49.48 41.90
N ALA C 320 -14.15 48.91 41.92
CA ALA C 320 -13.91 47.58 41.45
C ALA C 320 -14.86 46.60 42.13
N VAL C 321 -15.06 46.78 43.43
CA VAL C 321 -16.00 45.90 44.16
C VAL C 321 -17.42 46.08 43.61
N ALA C 322 -17.84 47.33 43.38
CA ALA C 322 -19.18 47.60 42.84
C ALA C 322 -19.37 46.85 41.54
N ILE C 323 -18.44 47.03 40.61
CA ILE C 323 -18.54 46.40 39.30
C ILE C 323 -18.65 44.91 39.48
N THR C 324 -17.82 44.37 40.36
CA THR C 324 -17.77 42.94 40.59
C THR C 324 -19.12 42.43 41.02
N CYS C 325 -19.72 43.10 42.00
CA CYS C 325 -21.11 42.83 42.42
C CYS C 325 -22.09 42.84 41.24
N VAL C 326 -21.99 43.84 40.36
CA VAL C 326 -22.93 43.94 39.26
C VAL C 326 -22.73 42.80 38.28
N GLN C 327 -21.48 42.47 37.97
CA GLN C 327 -21.25 41.30 37.12
C GLN C 327 -21.77 40.02 37.75
N ALA C 328 -21.80 39.94 39.09
CA ALA C 328 -22.33 38.78 39.83
C ALA C 328 -23.85 38.65 39.71
N ALA C 329 -24.54 39.76 39.42
CA ALA C 329 -25.97 39.78 39.10
C ALA C 329 -26.32 39.03 37.82
N ALA C 330 -25.54 39.20 36.77
CA ALA C 330 -25.77 38.44 35.54
C ALA C 330 -25.82 36.94 35.83
N GLN C 331 -24.69 36.43 36.34
CA GLN C 331 -24.50 35.02 36.74
C GLN C 331 -25.35 34.72 38.01
N ASP C 332 -26.67 34.92 37.88
CA ASP C 332 -27.65 34.90 39.01
C ASP C 332 -29.04 35.41 38.53
N VAL D 2 -2.98 77.46 13.01
CA VAL D 2 -2.84 77.26 11.54
C VAL D 2 -2.72 75.76 11.16
N THR D 3 -3.24 75.46 9.98
CA THR D 3 -3.42 74.08 9.58
C THR D 3 -2.21 73.54 8.83
N PHE D 4 -1.84 72.32 9.19
CA PHE D 4 -0.71 71.62 8.57
C PHE D 4 -0.83 71.62 7.04
N LEU D 5 -2.04 71.37 6.52
CA LEU D 5 -2.27 71.39 5.08
C LEU D 5 -1.95 72.74 4.44
N GLU D 6 -2.27 73.83 5.15
CA GLU D 6 -2.03 75.20 4.69
C GLU D 6 -0.54 75.50 4.61
N LYS D 7 0.23 75.05 5.61
CA LYS D 7 1.68 75.21 5.61
C LYS D 7 2.27 74.56 4.38
N ILE D 8 1.78 73.39 4.04
CA ILE D 8 2.33 72.62 2.93
C ILE D 8 2.06 73.30 1.57
N SER D 9 0.79 73.63 1.32
CA SER D 9 0.37 74.31 0.09
C SER D 9 1.19 75.57 -0.14
N GLU D 10 1.40 76.32 0.94
CA GLU D 10 2.16 77.54 0.88
C GLU D 10 3.63 77.26 0.54
N ARG D 11 4.24 76.32 1.24
CA ARG D 11 5.62 75.93 0.95
C ARG D 11 5.73 75.43 -0.48
N ALA D 12 4.68 74.76 -0.96
CA ALA D 12 4.67 74.18 -2.30
C ALA D 12 4.75 75.26 -3.39
N LYS D 13 4.11 76.41 -3.11
CA LYS D 13 4.13 77.57 -4.00
C LYS D 13 5.53 78.11 -4.15
N LYS D 14 6.25 78.28 -3.04
CA LYS D 14 7.62 78.78 -3.07
C LYS D 14 8.59 77.78 -3.69
N LEU D 15 8.20 76.51 -3.78
CA LEU D 15 8.95 75.50 -4.53
C LEU D 15 8.38 75.54 -5.93
N ASN D 16 9.15 75.09 -6.92
CA ASN D 16 8.72 75.19 -8.33
C ASN D 16 8.70 73.82 -9.01
N LYS D 17 7.86 72.92 -8.50
CA LYS D 17 7.82 71.56 -9.02
C LYS D 17 6.68 71.33 -10.01
N THR D 18 6.90 70.33 -10.86
CA THR D 18 5.95 69.90 -11.88
C THR D 18 5.40 68.53 -11.48
N ILE D 19 4.06 68.42 -11.39
CA ILE D 19 3.38 67.15 -11.08
C ILE D 19 2.44 66.71 -12.20
N ALA D 20 2.59 65.46 -12.61
CA ALA D 20 1.74 64.83 -13.63
C ALA D 20 0.46 64.30 -13.00
N LEU D 21 -0.66 64.51 -13.68
CA LEU D 21 -1.95 63.95 -13.30
C LEU D 21 -2.40 63.08 -14.48
N PRO D 22 -2.36 61.76 -14.35
CA PRO D 22 -2.79 60.87 -15.44
C PRO D 22 -4.29 60.57 -15.56
N GLU D 23 -5.10 60.82 -14.53
CA GLU D 23 -6.52 60.47 -14.59
C GLU D 23 -7.38 61.60 -15.17
N THR D 24 -7.12 61.91 -16.43
CA THR D 24 -7.73 63.05 -17.12
C THR D 24 -9.19 62.82 -17.61
N GLU D 25 -9.68 61.60 -17.45
CA GLU D 25 -11.04 61.26 -17.87
C GLU D 25 -11.97 61.35 -16.65
N ASP D 26 -11.39 61.75 -15.52
CA ASP D 26 -12.16 62.03 -14.32
C ASP D 26 -12.15 63.56 -14.14
N ILE D 27 -13.35 64.11 -13.94
CA ILE D 27 -13.52 65.56 -13.75
C ILE D 27 -12.71 66.08 -12.57
N ARG D 28 -12.79 65.39 -11.44
CA ARG D 28 -12.13 65.86 -10.23
C ARG D 28 -10.67 66.24 -10.48
N THR D 29 -9.98 65.47 -11.34
CA THR D 29 -8.59 65.70 -11.71
C THR D 29 -8.41 67.06 -12.41
N LEU D 30 -9.32 67.34 -13.35
CA LEU D 30 -9.30 68.59 -14.12
C LEU D 30 -9.76 69.79 -13.27
N GLN D 31 -10.69 69.55 -12.35
CA GLN D 31 -11.17 70.61 -11.47
C GLN D 31 -10.06 71.00 -10.51
N ALA D 32 -9.34 70.00 -10.01
CA ALA D 32 -8.19 70.18 -9.13
C ALA D 32 -7.02 70.87 -9.87
N ALA D 33 -6.75 70.43 -11.10
CA ALA D 33 -5.70 71.03 -11.94
C ALA D 33 -5.87 72.54 -12.13
N ALA D 34 -7.12 72.96 -12.38
CA ALA D 34 -7.48 74.38 -12.49
C ALA D 34 -7.17 75.17 -11.20
N LYS D 35 -7.63 74.64 -10.07
CA LYS D 35 -7.37 75.27 -8.78
C LYS D 35 -5.88 75.30 -8.47
N ILE D 36 -5.14 74.25 -8.84
CA ILE D 36 -3.70 74.17 -8.59
C ILE D 36 -2.97 75.26 -9.37
N LEU D 37 -3.24 75.33 -10.67
CA LEU D 37 -2.60 76.28 -11.58
C LEU D 37 -2.90 77.74 -11.20
N GLU D 38 -4.16 78.00 -10.85
CA GLU D 38 -4.61 79.33 -10.41
C GLU D 38 -3.96 79.75 -9.08
N ARG D 39 -3.91 78.83 -8.12
CA ARG D 39 -3.37 79.13 -6.79
C ARG D 39 -1.84 79.27 -6.77
N GLY D 40 -1.18 78.80 -7.83
CA GLY D 40 0.28 78.78 -7.92
C GLY D 40 1.00 77.60 -7.24
N ILE D 41 0.24 76.57 -6.86
CA ILE D 41 0.77 75.43 -6.11
C ILE D 41 1.84 74.63 -6.89
N ALA D 42 1.60 74.43 -8.19
CA ALA D 42 2.52 73.67 -9.05
C ALA D 42 2.25 73.83 -10.56
N ASP D 43 3.27 73.50 -11.35
CA ASP D 43 3.11 73.31 -12.80
C ASP D 43 2.53 71.92 -12.99
N ILE D 44 1.73 71.72 -14.04
CA ILE D 44 1.03 70.45 -14.22
C ILE D 44 1.13 69.89 -15.62
N VAL D 45 1.33 68.58 -15.68
CA VAL D 45 1.34 67.83 -16.92
C VAL D 45 0.13 66.90 -16.89
N LEU D 46 -0.89 67.21 -17.68
CA LEU D 46 -2.08 66.34 -17.78
C LEU D 46 -1.78 65.29 -18.84
N VAL D 47 -1.91 64.01 -18.47
CA VAL D 47 -1.61 62.92 -19.40
C VAL D 47 -2.92 62.33 -19.91
N GLY D 48 -3.13 62.46 -21.22
CA GLY D 48 -4.31 61.95 -21.89
C GLY D 48 -4.51 62.55 -23.27
N ASN D 49 -5.75 62.46 -23.76
CA ASN D 49 -6.12 63.00 -25.07
C ASN D 49 -6.52 64.47 -24.93
N GLU D 50 -5.87 65.34 -25.70
CA GLU D 50 -6.10 66.78 -25.55
C GLU D 50 -7.46 67.20 -26.09
N ALA D 51 -7.92 66.54 -27.14
CA ALA D 51 -9.25 66.77 -27.68
C ALA D 51 -10.29 66.35 -26.63
N ASP D 52 -10.09 65.17 -26.06
CA ASP D 52 -11.00 64.60 -25.06
C ASP D 52 -11.06 65.46 -23.80
N ILE D 53 -9.90 65.99 -23.38
CA ILE D 53 -9.80 66.81 -22.16
C ILE D 53 -10.48 68.18 -22.34
N LYS D 54 -10.24 68.84 -23.47
CA LYS D 54 -10.89 70.14 -23.76
C LYS D 54 -12.42 70.01 -23.71
N ALA D 55 -12.93 68.86 -24.18
CA ALA D 55 -14.36 68.54 -24.16
C ALA D 55 -14.90 68.26 -22.75
N LEU D 56 -14.06 67.63 -21.91
CA LEU D 56 -14.43 67.30 -20.53
C LEU D 56 -14.21 68.48 -19.59
N ALA D 57 -13.27 69.35 -19.97
CA ALA D 57 -12.90 70.50 -19.14
C ALA D 57 -14.05 71.51 -19.09
N GLY D 58 -14.51 71.93 -20.26
CA GLY D 58 -15.55 72.94 -20.36
C GLY D 58 -15.03 74.28 -19.90
N ASP D 59 -15.71 74.86 -18.89
CA ASP D 59 -15.41 76.21 -18.38
C ASP D 59 -14.10 76.35 -17.57
N LEU D 60 -13.55 75.21 -17.15
CA LEU D 60 -12.33 75.23 -16.31
C LEU D 60 -11.10 75.71 -17.10
N ASP D 61 -10.35 76.65 -16.50
CA ASP D 61 -9.16 77.20 -17.14
C ASP D 61 -7.92 76.30 -16.94
N LEU D 62 -7.58 75.55 -17.98
CA LEU D 62 -6.43 74.64 -17.99
C LEU D 62 -5.36 75.04 -19.04
N SER D 63 -5.40 76.29 -19.49
CA SER D 63 -4.46 76.79 -20.50
C SER D 63 -3.00 76.70 -20.03
N LYS D 64 -2.79 77.01 -18.76
CA LYS D 64 -1.46 76.99 -18.15
C LYS D 64 -0.81 75.58 -18.18
N ALA D 65 -1.66 74.54 -18.07
CA ALA D 65 -1.21 73.14 -18.09
C ALA D 65 -0.59 72.75 -19.42
N LYS D 66 0.15 71.65 -19.38
CA LYS D 66 0.78 71.04 -20.54
C LYS D 66 0.15 69.65 -20.73
N ILE D 67 -0.34 69.37 -21.93
CA ILE D 67 -0.95 68.07 -22.22
C ILE D 67 0.01 67.20 -23.02
N VAL D 68 0.07 65.95 -22.63
CA VAL D 68 0.92 64.96 -23.26
C VAL D 68 0.09 63.71 -23.51
N ASP D 69 -0.05 63.36 -24.78
CA ASP D 69 -0.76 62.15 -25.18
C ASP D 69 0.26 61.01 -25.31
N PRO D 70 0.10 59.93 -24.55
CA PRO D 70 1.02 58.79 -24.63
C PRO D 70 1.14 58.15 -26.03
N LYS D 71 0.18 58.43 -26.92
CA LYS D 71 0.19 57.85 -28.26
C LYS D 71 0.66 58.80 -29.37
N THR D 72 1.04 60.03 -29.02
CA THR D 72 1.57 61.01 -29.99
C THR D 72 2.82 61.77 -29.50
N TYR D 73 3.15 61.65 -28.22
CA TYR D 73 4.29 62.33 -27.62
C TYR D 73 5.58 61.95 -28.34
N GLU D 74 6.42 62.96 -28.55
CA GLU D 74 7.72 62.81 -29.22
C GLU D 74 8.54 61.64 -28.63
N LYS D 75 8.69 61.64 -27.31
CA LYS D 75 9.55 60.67 -26.62
C LYS D 75 8.93 59.30 -26.39
N LYS D 76 7.77 59.04 -27.00
CA LYS D 76 7.08 57.76 -26.87
C LYS D 76 8.00 56.53 -27.00
N ASP D 77 8.89 56.52 -28.00
CA ASP D 77 9.77 55.37 -28.24
C ASP D 77 10.76 55.19 -27.08
N GLU D 78 11.34 56.30 -26.62
CA GLU D 78 12.27 56.31 -25.47
C GLU D 78 11.65 55.65 -24.23
N TYR D 79 10.37 55.99 -23.97
CA TYR D 79 9.57 55.51 -22.84
C TYR D 79 9.26 54.02 -22.89
N ILE D 80 9.00 53.53 -24.10
CA ILE D 80 8.74 52.11 -24.32
C ILE D 80 10.02 51.31 -24.08
N ASN D 81 11.10 51.79 -24.68
CA ASN D 81 12.43 51.16 -24.59
C ASN D 81 12.90 51.08 -23.14
N ALA D 82 12.69 52.16 -22.41
CA ALA D 82 13.01 52.24 -20.99
C ALA D 82 12.24 51.21 -20.17
N PHE D 83 10.92 51.12 -20.37
CA PHE D 83 10.09 50.17 -19.62
C PHE D 83 10.45 48.74 -19.98
N TYR D 84 10.76 48.52 -21.26
CA TYR D 84 11.23 47.21 -21.70
C TYR D 84 12.50 46.80 -20.95
N GLU D 85 13.47 47.71 -20.81
CA GLU D 85 14.71 47.44 -20.09
C GLU D 85 14.41 46.98 -18.65
N LEU D 86 13.54 47.74 -17.99
CA LEU D 86 13.15 47.46 -16.62
C LEU D 86 12.44 46.12 -16.49
N ARG D 87 11.44 45.92 -17.34
CA ARG D 87 10.55 44.75 -17.23
C ARG D 87 11.01 43.58 -18.12
N LYS D 88 12.16 43.76 -18.74
CA LYS D 88 12.74 42.83 -19.71
C LYS D 88 12.81 41.37 -19.24
N HIS D 89 13.38 41.18 -18.06
CA HIS D 89 13.67 39.84 -17.54
C HIS D 89 12.55 39.27 -16.65
N LYS D 90 11.33 39.79 -16.82
CA LYS D 90 10.12 39.30 -16.11
C LYS D 90 9.02 38.80 -17.10
N GLY D 91 9.43 38.47 -18.33
CA GLY D 91 8.53 37.93 -19.34
C GLY D 91 7.88 38.95 -20.27
N ILE D 92 8.37 40.20 -20.25
CA ILE D 92 7.78 41.27 -21.05
C ILE D 92 8.54 41.43 -22.38
N THR D 93 7.80 41.32 -23.48
CA THR D 93 8.33 41.53 -24.82
C THR D 93 8.33 43.03 -25.15
N LEU D 94 9.01 43.42 -26.22
CA LEU D 94 9.01 44.83 -26.66
C LEU D 94 7.61 45.31 -27.05
N GLU D 95 6.83 44.39 -27.61
CA GLU D 95 5.45 44.65 -28.02
C GLU D 95 4.51 44.78 -26.81
N ASN D 96 4.73 43.94 -25.80
CA ASN D 96 3.99 44.06 -24.53
C ASN D 96 4.26 45.42 -23.92
N ALA D 97 5.54 45.83 -23.94
CA ALA D 97 5.98 47.13 -23.42
C ALA D 97 5.28 48.31 -24.09
N ALA D 98 5.07 48.21 -25.39
CA ALA D 98 4.36 49.26 -26.12
C ALA D 98 2.92 49.38 -25.61
N GLU D 99 2.24 48.23 -25.49
CA GLU D 99 0.85 48.18 -25.04
C GLU D 99 0.66 48.72 -23.62
N ILE D 100 1.51 48.26 -22.71
CA ILE D 100 1.45 48.65 -21.29
C ILE D 100 1.74 50.13 -21.11
N MET D 101 2.70 50.64 -21.88
CA MET D 101 3.16 52.04 -21.81
C MET D 101 2.25 53.01 -22.58
N SER D 102 1.11 52.50 -23.04
CA SER D 102 0.04 53.32 -23.61
C SER D 102 -0.90 53.80 -22.49
N ASP D 103 -0.81 53.16 -21.33
CA ASP D 103 -1.61 53.54 -20.17
C ASP D 103 -1.15 54.91 -19.64
N TYR D 104 -2.11 55.77 -19.29
CA TYR D 104 -1.85 57.14 -18.86
C TYR D 104 -1.03 57.24 -17.56
N VAL D 105 -1.40 56.43 -16.57
CA VAL D 105 -0.68 56.38 -15.28
C VAL D 105 0.77 55.87 -15.48
N TYR D 106 0.91 54.70 -16.09
CA TYR D 106 2.21 54.12 -16.39
C TYR D 106 3.13 55.12 -17.11
N PHE D 107 2.57 55.86 -18.06
CA PHE D 107 3.32 56.84 -18.85
C PHE D 107 3.78 57.98 -17.94
N ALA D 108 2.86 58.51 -17.13
CA ALA D 108 3.14 59.58 -16.15
C ALA D 108 4.25 59.17 -15.18
N VAL D 109 4.19 57.94 -14.66
CA VAL D 109 5.24 57.43 -13.76
C VAL D 109 6.61 57.31 -14.47
N MET D 110 6.59 57.00 -15.75
CA MET D 110 7.82 57.01 -16.53
C MET D 110 8.35 58.42 -16.72
N MET D 111 7.44 59.39 -16.76
CA MET D 111 7.83 60.79 -16.87
C MET D 111 8.62 61.26 -15.66
N ALA D 112 8.16 60.89 -14.47
CA ALA D 112 8.88 61.19 -13.23
C ALA D 112 10.25 60.47 -13.17
N LYS D 113 10.30 59.23 -13.66
CA LYS D 113 11.53 58.44 -13.67
C LYS D 113 12.62 59.05 -14.59
N LEU D 114 12.20 59.70 -15.68
CA LEU D 114 13.14 60.30 -16.66
C LEU D 114 13.28 61.83 -16.56
N GLY D 115 12.67 62.46 -15.57
CA GLY D 115 12.91 63.87 -15.30
C GLY D 115 11.85 64.87 -15.77
N GLU D 116 11.07 64.55 -16.80
CA GLU D 116 10.08 65.53 -17.33
C GLU D 116 9.17 66.07 -16.23
N VAL D 117 9.00 65.24 -15.19
CA VAL D 117 8.09 65.47 -14.09
C VAL D 117 8.81 65.13 -12.77
N ASP D 118 8.43 65.83 -11.70
CA ASP D 118 9.02 65.59 -10.37
C ASP D 118 8.27 64.56 -9.55
N GLY D 119 6.99 64.36 -9.87
CA GLY D 119 6.16 63.40 -9.18
C GLY D 119 4.78 63.25 -9.80
N VAL D 120 4.04 62.23 -9.36
CA VAL D 120 2.75 61.86 -9.95
C VAL D 120 1.73 61.68 -8.85
N VAL D 121 0.50 62.16 -9.09
CA VAL D 121 -0.61 61.92 -8.16
C VAL D 121 -1.74 61.25 -8.92
N SER D 122 -2.26 60.14 -8.38
CA SER D 122 -3.31 59.35 -9.03
C SER D 122 -4.08 58.47 -8.00
N GLY D 123 -5.07 57.72 -8.46
CA GLY D 123 -5.85 56.85 -7.59
C GLY D 123 -7.31 57.24 -7.35
N ALA D 124 -7.75 58.37 -7.88
CA ALA D 124 -9.17 58.78 -7.83
C ALA D 124 -10.10 57.80 -8.56
N ALA D 125 -9.59 57.21 -9.63
CA ALA D 125 -10.36 56.31 -10.49
C ALA D 125 -9.60 54.99 -10.78
N HIS D 126 -8.71 54.60 -9.85
CA HIS D 126 -7.95 53.36 -9.98
C HIS D 126 -7.83 52.74 -8.60
N SER D 127 -7.69 51.41 -8.57
CA SER D 127 -7.49 50.72 -7.30
C SER D 127 -6.12 51.13 -6.76
N SER D 128 -5.97 51.09 -5.44
CA SER D 128 -4.70 51.43 -4.81
C SER D 128 -3.58 50.54 -5.36
N SER D 129 -3.84 49.24 -5.50
CA SER D 129 -2.82 48.31 -6.03
C SER D 129 -2.42 48.60 -7.50
N ASP D 130 -3.35 49.16 -8.29
CA ASP D 130 -3.08 49.52 -9.69
C ASP D 130 -2.23 50.79 -9.78
N THR D 131 -2.31 51.61 -8.75
CA THR D 131 -1.54 52.85 -8.65
C THR D 131 -0.12 52.53 -8.22
N LEU D 132 0.00 51.60 -7.28
CA LEU D 132 1.31 51.25 -6.73
C LEU D 132 2.16 50.50 -7.76
N ARG D 133 1.53 49.66 -8.58
CA ARG D 133 2.23 48.79 -9.54
C ARG D 133 3.21 49.53 -10.49
N PRO D 134 2.77 50.62 -11.13
CA PRO D 134 3.68 51.37 -12.01
C PRO D 134 4.82 51.99 -11.23
N ALA D 135 4.50 52.47 -10.03
CA ALA D 135 5.47 53.10 -9.13
C ALA D 135 6.53 52.08 -8.74
N VAL D 136 6.10 50.94 -8.25
CA VAL D 136 7.02 49.88 -7.81
C VAL D 136 7.89 49.32 -8.94
N GLN D 137 7.35 49.21 -10.16
CA GLN D 137 8.09 48.63 -11.30
C GLN D 137 9.00 49.61 -12.02
N ILE D 138 8.59 50.87 -12.07
CA ILE D 138 9.28 51.90 -12.85
C ILE D 138 10.16 52.79 -11.97
N VAL D 139 9.53 53.56 -11.08
CA VAL D 139 10.25 54.51 -10.23
C VAL D 139 11.07 53.78 -9.19
N LYS D 140 10.48 52.73 -8.63
CA LYS D 140 11.12 51.87 -7.62
C LYS D 140 11.34 52.59 -6.30
N THR D 141 11.72 51.80 -5.31
CA THR D 141 12.15 52.23 -4.00
C THR D 141 13.21 53.33 -4.08
N ALA D 142 13.23 54.22 -3.09
CA ALA D 142 14.26 55.25 -3.00
C ALA D 142 15.62 54.71 -2.54
N LYS D 143 16.63 55.52 -2.86
CA LYS D 143 18.07 55.27 -2.71
C LYS D 143 18.56 54.76 -1.34
N GLY D 144 17.96 55.21 -0.25
CA GLY D 144 18.19 54.60 1.06
C GLY D 144 17.08 53.63 1.46
N ALA D 145 15.84 54.11 1.37
CA ALA D 145 14.59 53.38 1.68
C ALA D 145 14.47 51.89 1.21
N ALA D 146 14.00 51.02 2.10
CA ALA D 146 13.92 49.59 1.77
C ALA D 146 12.61 49.18 1.13
N LEU D 147 11.56 49.94 1.37
CA LEU D 147 10.27 49.67 0.76
C LEU D 147 9.37 50.90 0.69
N ALA D 148 8.32 50.80 -0.10
CA ALA D 148 7.36 51.87 -0.15
C ALA D 148 6.45 51.56 1.02
N SER D 149 5.81 52.58 1.60
CA SER D 149 4.88 52.41 2.70
C SER D 149 3.94 53.60 2.76
N ALA D 150 3.07 53.62 3.76
CA ALA D 150 2.06 54.67 3.79
C ALA D 150 1.95 55.24 5.15
N PHE D 151 1.61 56.51 5.24
CA PHE D 151 1.57 57.15 6.52
C PHE D 151 0.58 58.25 6.52
N PHE D 152 0.21 58.69 7.71
CA PHE D 152 -0.82 59.73 7.85
C PHE D 152 -0.27 60.82 8.75
N ILE D 153 -0.45 62.07 8.40
CA ILE D 153 -0.12 63.10 9.37
C ILE D 153 -1.41 63.22 10.11
N ILE D 154 -1.34 63.40 11.42
CA ILE D 154 -2.52 63.44 12.23
C ILE D 154 -2.42 64.56 13.21
N SER D 155 -3.43 65.44 13.23
CA SER D 155 -3.45 66.64 14.11
C SER D 155 -4.57 66.62 15.12
N VAL D 156 -4.24 66.28 16.36
CA VAL D 156 -5.22 66.24 17.40
C VAL D 156 -5.49 67.67 17.91
N PRO D 157 -6.78 68.01 18.05
CA PRO D 157 -7.25 69.32 18.58
C PRO D 157 -6.64 69.95 19.84
N ASP D 158 -7.10 69.64 21.04
CA ASP D 158 -6.54 70.30 22.20
C ASP D 158 -5.44 69.45 22.77
N CYS D 159 -4.43 69.17 21.95
CA CYS D 159 -3.47 68.17 22.34
C CYS D 159 -2.14 68.76 22.70
N GLU D 160 -1.75 68.47 23.94
CA GLU D 160 -0.46 68.91 24.47
C GLU D 160 0.68 67.94 24.03
N TYR D 161 0.31 66.76 23.54
CA TYR D 161 1.28 65.73 23.21
C TYR D 161 1.74 65.89 21.77
N GLY D 162 2.76 65.12 21.39
CA GLY D 162 3.36 65.24 20.08
C GLY D 162 3.90 66.63 19.76
N SER D 163 4.03 66.93 18.48
CA SER D 163 4.46 68.24 18.01
C SER D 163 3.25 69.16 17.88
N ASP D 164 2.92 69.81 19.00
CA ASP D 164 1.70 70.63 19.08
C ASP D 164 0.49 69.85 18.56
N GLY D 165 0.35 68.63 19.05
CA GLY D 165 -0.77 67.76 18.71
C GLY D 165 -0.71 67.10 17.35
N THR D 166 0.46 67.18 16.70
CA THR D 166 0.68 66.53 15.41
C THR D 166 1.64 65.34 15.52
N PHE D 167 1.28 64.27 14.81
CA PHE D 167 2.04 63.01 14.82
C PHE D 167 2.11 62.50 13.38
N LEU D 168 2.96 61.52 13.16
CA LEU D 168 2.97 60.79 11.91
C LEU D 168 2.67 59.35 12.29
N PHE D 169 1.92 58.61 11.46
CA PHE D 169 1.51 57.23 11.78
C PHE D 169 2.07 56.21 10.79
N ALA D 170 2.72 55.21 11.38
CA ALA D 170 3.55 54.15 10.81
C ALA D 170 3.02 53.12 9.92
N ASP D 171 2.68 53.50 8.72
CA ASP D 171 1.91 52.58 7.90
C ASP D 171 0.61 52.19 8.55
N SER D 172 -0.33 53.08 8.28
CA SER D 172 -1.70 52.95 8.60
C SER D 172 -2.47 52.90 7.28
N GLY D 173 -1.83 52.50 6.19
CA GLY D 173 -2.54 52.44 4.93
C GLY D 173 -2.00 51.68 3.73
N MET D 174 -1.15 50.67 3.91
CA MET D 174 -0.56 49.97 2.78
C MET D 174 0.09 48.63 3.13
N VAL D 175 1.28 48.65 3.72
CA VAL D 175 1.98 47.41 4.00
C VAL D 175 1.23 46.75 5.14
N GLU D 176 0.62 45.61 4.80
CA GLU D 176 -0.32 44.91 5.66
C GLU D 176 0.35 44.09 6.76
N MET D 177 1.30 43.26 6.39
CA MET D 177 2.02 42.42 7.35
C MET D 177 3.53 42.61 7.27
N PRO D 178 4.00 43.74 7.77
CA PRO D 178 5.44 44.05 7.70
C PRO D 178 6.29 43.08 8.52
N SER D 179 7.43 42.66 8.00
CA SER D 179 8.41 41.85 8.72
C SER D 179 9.18 42.68 9.77
N VAL D 180 9.97 42.02 10.60
CA VAL D 180 10.78 42.75 11.57
C VAL D 180 11.67 43.83 10.88
N GLU D 181 12.27 43.48 9.75
CA GLU D 181 13.06 44.43 8.95
C GLU D 181 12.14 45.53 8.49
N ASP D 182 11.02 45.12 7.92
CA ASP D 182 10.11 46.06 7.32
C ASP D 182 9.70 47.13 8.33
N VAL D 183 9.38 46.73 9.55
CA VAL D 183 8.98 47.69 10.57
C VAL D 183 10.17 48.62 10.87
N ALA D 184 11.37 48.08 10.99
CA ALA D 184 12.57 48.90 11.24
C ALA D 184 12.74 49.95 10.14
N ASN D 185 12.74 49.52 8.89
CA ASN D 185 12.84 50.41 7.75
C ASN D 185 11.73 51.42 7.68
N ILE D 186 10.52 50.99 8.00
CA ILE D 186 9.40 51.92 8.12
C ILE D 186 9.68 53.01 9.12
N ALA D 187 10.26 52.66 10.26
CA ALA D 187 10.54 53.63 11.33
C ALA D 187 11.56 54.69 10.89
N VAL D 188 12.61 54.24 10.22
CA VAL D 188 13.68 55.18 9.86
C VAL D 188 13.14 56.15 8.85
N ILE D 189 12.61 55.64 7.76
CA ILE D 189 12.02 56.47 6.74
C ILE D 189 10.94 57.42 7.19
N SER D 190 10.09 56.98 8.10
CA SER D 190 9.08 57.81 8.72
C SER D 190 9.70 58.98 9.49
N ALA D 191 10.80 58.73 10.20
CA ALA D 191 11.52 59.77 10.89
C ALA D 191 11.85 60.91 9.93
N LYS D 192 12.36 60.57 8.75
CA LYS D 192 12.78 61.55 7.75
C LYS D 192 11.60 62.23 7.11
N THR D 193 10.50 61.51 7.01
CA THR D 193 9.30 62.10 6.44
C THR D 193 8.74 63.09 7.44
N PHE D 194 8.71 62.70 8.69
CA PHE D 194 8.16 63.58 9.72
C PHE D 194 8.96 64.86 9.75
N GLU D 195 10.27 64.74 9.69
CA GLU D 195 11.18 65.87 9.83
C GLU D 195 10.96 66.87 8.71
N LEU D 196 10.81 66.33 7.51
CA LEU D 196 10.63 67.12 6.34
C LEU D 196 9.24 67.80 6.39
N LEU D 197 8.20 67.07 6.74
CA LEU D 197 6.85 67.62 6.63
C LEU D 197 6.46 68.44 7.83
N VAL D 198 6.76 67.98 9.03
CA VAL D 198 6.34 68.70 10.23
C VAL D 198 7.43 69.70 10.68
N GLN D 199 8.64 69.55 10.14
CA GLN D 199 9.77 70.45 10.44
C GLN D 199 10.06 70.54 11.91
N ASP D 200 10.18 69.38 12.53
CA ASP D 200 10.49 69.28 13.96
C ASP D 200 11.30 68.00 14.18
N VAL D 201 11.97 67.87 15.31
CA VAL D 201 12.78 66.71 15.55
C VAL D 201 11.87 65.50 15.79
N PRO D 202 12.02 64.46 14.96
CA PRO D 202 11.27 63.21 15.10
C PRO D 202 11.73 62.39 16.31
N LYS D 203 10.75 61.94 17.07
CA LYS D 203 10.93 61.12 18.25
C LYS D 203 10.06 59.90 18.00
N VAL D 204 10.66 58.85 17.48
CA VAL D 204 9.93 57.66 17.04
C VAL D 204 9.63 56.69 18.19
N ALA D 205 8.40 56.19 18.27
CA ALA D 205 8.05 55.15 19.27
C ALA D 205 7.62 53.86 18.56
N MET D 206 8.25 52.74 18.89
CA MET D 206 7.86 51.44 18.37
C MET D 206 6.79 50.93 19.32
N LEU D 207 5.53 51.06 18.90
CA LEU D 207 4.37 50.86 19.76
C LEU D 207 4.12 49.39 20.07
N SER D 208 3.42 49.15 21.18
CA SER D 208 3.18 47.82 21.72
C SER D 208 2.17 47.87 22.86
N TYR D 209 1.78 46.72 23.39
CA TYR D 209 0.96 46.65 24.61
C TYR D 209 1.86 46.49 25.85
N SER D 210 3.15 46.33 25.56
CA SER D 210 4.21 46.28 26.53
C SER D 210 5.02 47.56 26.50
N THR D 211 5.45 48.00 27.67
CA THR D 211 6.31 49.16 27.73
C THR D 211 7.77 48.87 27.85
N LYS D 212 8.26 48.21 28.87
CA LYS D 212 9.71 47.98 28.82
C LYS D 212 10.00 46.67 29.53
N GLY D 213 9.66 45.58 28.86
CA GLY D 213 9.70 44.26 29.45
C GLY D 213 8.52 44.00 30.37
N SER D 214 7.58 44.95 30.41
CA SER D 214 6.37 44.80 31.23
C SER D 214 5.52 43.58 30.77
N ALA D 215 5.76 43.11 29.56
CA ALA D 215 5.14 41.87 29.07
C ALA D 215 6.10 41.23 28.08
N LYS D 216 5.94 39.93 27.90
CA LYS D 216 6.77 39.22 26.96
C LYS D 216 6.01 38.19 26.18
N SER D 217 6.16 38.26 24.85
CA SER D 217 5.56 37.33 23.94
C SER D 217 6.24 37.45 22.57
N LYS D 218 5.88 36.56 21.65
CA LYS D 218 6.36 36.65 20.27
C LYS D 218 6.10 38.05 19.67
N LEU D 219 4.98 38.69 20.03
CA LEU D 219 4.65 40.03 19.49
C LEU D 219 5.57 41.08 20.05
N THR D 220 5.79 40.97 21.34
CA THR D 220 6.67 41.87 22.04
C THR D 220 8.10 41.76 21.51
N GLU D 221 8.51 40.53 21.15
CA GLU D 221 9.86 40.26 20.73
C GLU D 221 10.14 40.82 19.32
N ALA D 222 9.13 40.74 18.46
CA ALA D 222 9.22 41.37 17.14
C ALA D 222 9.49 42.88 17.35
N THR D 223 8.69 43.52 18.20
CA THR D 223 8.83 44.96 18.34
C THR D 223 10.21 45.35 18.82
N ILE D 224 10.66 44.67 19.87
CA ILE D 224 11.98 44.98 20.35
C ILE D 224 13.04 44.70 19.30
N ALA D 225 12.92 43.60 18.55
CA ALA D 225 13.91 43.31 17.54
C ALA D 225 13.91 44.41 16.47
N SER D 226 12.76 44.94 16.12
CA SER D 226 12.68 45.98 15.10
C SER D 226 13.22 47.30 15.64
N THR D 227 13.07 47.54 16.92
CA THR D 227 13.61 48.73 17.54
C THR D 227 15.12 48.73 17.38
N LYS D 228 15.76 47.68 17.86
CA LYS D 228 17.22 47.59 17.86
C LYS D 228 17.75 47.57 16.42
N LEU D 229 17.04 46.94 15.47
CA LEU D 229 17.51 47.00 14.09
C LEU D 229 17.49 48.43 13.63
N ALA D 230 16.39 49.12 13.95
CA ALA D 230 16.26 50.52 13.51
C ALA D 230 17.30 51.39 14.13
N GLN D 231 17.64 51.08 15.39
CA GLN D 231 18.69 51.80 16.09
C GLN D 231 20.05 51.61 15.43
N GLU D 232 20.34 50.41 14.85
CA GLU D 232 21.60 50.18 14.10
C GLU D 232 21.60 50.91 12.75
N LEU D 233 20.46 50.90 12.08
CA LEU D 233 20.31 51.51 10.73
C LEU D 233 20.45 53.02 10.75
N ALA D 234 20.09 53.62 11.88
CA ALA D 234 20.04 55.07 11.99
C ALA D 234 20.32 55.51 13.41
N PRO D 235 21.58 55.43 13.84
CA PRO D 235 21.94 55.78 15.22
C PRO D 235 21.75 57.22 15.61
N ASP D 236 21.62 58.12 14.67
CA ASP D 236 21.44 59.52 15.02
C ASP D 236 20.01 59.92 15.36
N ILE D 237 19.04 59.02 15.10
CA ILE D 237 17.63 59.35 15.26
C ILE D 237 17.15 58.81 16.61
N ALA D 238 16.28 59.58 17.28
CA ALA D 238 15.68 59.15 18.55
C ALA D 238 14.60 58.11 18.26
N ILE D 239 14.86 56.89 18.69
CA ILE D 239 13.99 55.75 18.45
C ILE D 239 14.07 54.88 19.68
N ASP D 240 12.97 54.74 20.40
CA ASP D 240 12.94 53.86 21.54
C ASP D 240 11.84 52.84 21.37
N GLY D 241 12.06 51.67 21.97
CA GLY D 241 11.31 50.50 21.56
C GLY D 241 10.60 49.66 22.57
N GLU D 242 9.41 49.27 22.11
CA GLU D 242 8.41 48.58 22.85
C GLU D 242 7.95 49.64 23.82
N LEU D 243 6.94 50.39 23.41
CA LEU D 243 6.37 51.44 24.23
C LEU D 243 4.87 51.44 24.05
N GLN D 244 4.13 51.51 25.14
CA GLN D 244 2.70 51.73 25.02
C GLN D 244 2.44 53.19 24.62
N VAL D 245 1.29 53.48 24.05
CA VAL D 245 0.99 54.85 23.66
C VAL D 245 1.12 55.86 24.79
N ASP D 246 0.67 55.53 25.99
CA ASP D 246 0.83 56.44 27.13
C ASP D 246 2.31 56.69 27.53
N ALA D 247 3.09 55.64 27.64
CA ALA D 247 4.49 55.82 27.95
C ALA D 247 5.18 56.63 26.87
N ALA D 248 4.68 56.54 25.63
CA ALA D 248 5.31 57.21 24.51
C ALA D 248 5.03 58.70 24.53
N ILE D 249 3.88 59.11 25.06
CA ILE D 249 3.52 60.52 24.93
C ILE D 249 3.30 61.26 26.22
N VAL D 250 3.18 60.52 27.32
CA VAL D 250 2.82 61.14 28.58
C VAL D 250 4.01 61.21 29.54
N PRO D 251 4.58 62.40 29.74
CA PRO D 251 5.81 62.56 30.53
C PRO D 251 5.76 61.82 31.86
N LYS D 252 4.68 61.98 32.61
CA LYS D 252 4.57 61.28 33.91
C LYS D 252 4.65 59.76 33.75
N VAL D 253 3.93 59.19 32.79
CA VAL D 253 3.95 57.74 32.60
C VAL D 253 5.37 57.28 32.18
N ALA D 254 5.97 58.03 31.27
CA ALA D 254 7.34 57.80 30.83
C ALA D 254 8.35 57.74 32.00
N ALA D 255 8.21 58.68 32.93
CA ALA D 255 9.06 58.74 34.11
C ALA D 255 9.03 57.46 34.92
N SER D 256 7.89 56.77 34.98
CA SER D 256 7.80 55.52 35.74
C SER D 256 8.08 54.23 34.95
N LYS D 257 7.63 54.17 33.70
CA LYS D 257 7.76 52.93 32.94
C LYS D 257 8.95 52.88 31.98
N ALA D 258 9.44 54.03 31.57
CA ALA D 258 10.58 54.11 30.65
C ALA D 258 11.46 55.28 31.01
N PRO D 259 12.14 55.19 32.15
CA PRO D 259 12.97 56.30 32.61
C PRO D 259 14.18 56.50 31.71
N GLY D 260 14.58 57.74 31.55
CA GLY D 260 15.75 58.03 30.76
C GLY D 260 15.68 57.37 29.40
N SER D 261 14.66 57.73 28.63
CA SER D 261 14.56 57.30 27.25
C SER D 261 14.64 58.52 26.29
N PRO D 262 15.24 58.30 25.13
CA PRO D 262 15.36 59.35 24.09
C PRO D 262 14.00 59.82 23.54
N VAL D 263 13.00 58.96 23.67
CA VAL D 263 11.66 59.16 23.09
C VAL D 263 10.48 59.17 24.12
N ALA D 264 10.43 58.20 25.03
CA ALA D 264 9.29 58.12 25.92
C ALA D 264 8.92 59.45 26.51
N GLY D 265 7.65 59.79 26.38
CA GLY D 265 7.12 61.02 26.95
C GLY D 265 7.11 62.19 26.01
N LYS D 266 7.80 62.06 24.90
CA LYS D 266 7.95 63.14 23.92
C LYS D 266 7.67 62.65 22.49
N ALA D 267 7.16 61.44 22.31
CA ALA D 267 7.05 60.86 20.96
C ALA D 267 6.14 61.67 20.09
N ASN D 268 6.50 61.77 18.81
CA ASN D 268 5.63 62.40 17.84
C ASN D 268 5.55 61.58 16.57
N VAL D 269 6.16 60.41 16.57
CA VAL D 269 6.00 59.46 15.47
C VAL D 269 5.62 58.09 16.07
N PHE D 270 4.49 57.51 15.62
CA PHE D 270 4.04 56.20 16.09
C PHE D 270 4.25 55.21 14.98
N ILE D 271 4.97 54.11 15.28
CA ILE D 271 5.17 52.99 14.36
C ILE D 271 4.44 51.73 14.87
N PHE D 272 3.64 51.13 14.00
CA PHE D 272 2.74 50.06 14.37
C PHE D 272 3.23 48.74 13.88
N PRO D 273 2.99 47.72 14.67
CA PRO D 273 3.41 46.36 14.38
C PRO D 273 2.85 45.84 13.06
N ASP D 274 1.70 46.34 12.63
CA ASP D 274 1.06 45.95 11.37
C ASP D 274 -0.15 46.79 11.05
N LEU D 275 -0.75 46.56 9.89
CA LEU D 275 -1.82 47.43 9.39
C LEU D 275 -3.15 47.35 10.18
N ASN D 276 -3.39 46.26 10.92
CA ASN D 276 -4.51 46.26 11.85
C ASN D 276 -4.41 47.40 12.86
N CYS D 277 -3.26 47.52 13.51
CA CYS D 277 -3.11 48.54 14.54
C CYS D 277 -3.03 49.90 13.94
N GLY D 278 -2.29 49.98 12.85
CA GLY D 278 -2.01 51.28 12.25
C GLY D 278 -3.27 51.95 11.73
N ASN D 279 -4.08 51.17 11.00
CA ASN D 279 -5.35 51.66 10.50
C ASN D 279 -6.36 51.96 11.64
N ILE D 280 -6.52 51.03 12.57
CA ILE D 280 -7.43 51.23 13.71
C ILE D 280 -7.02 52.43 14.52
N ALA D 281 -5.72 52.64 14.69
CA ALA D 281 -5.23 53.72 15.52
C ALA D 281 -5.54 55.01 14.82
N TYR D 282 -5.31 55.04 13.52
CA TYR D 282 -5.57 56.28 12.75
C TYR D 282 -7.08 56.63 12.76
N LYS D 283 -7.94 55.64 12.50
CA LYS D 283 -9.40 55.86 12.49
C LYS D 283 -9.84 56.33 13.85
N ILE D 284 -9.31 55.73 14.92
CA ILE D 284 -9.70 56.13 16.27
C ILE D 284 -9.31 57.55 16.56
N ALA D 285 -8.15 57.95 16.06
CA ALA D 285 -7.64 59.29 16.31
C ALA D 285 -8.49 60.23 15.52
N GLN D 286 -8.69 59.94 14.25
CA GLN D 286 -9.59 60.74 13.43
C GLN D 286 -11.00 60.85 14.05
N ARG D 287 -11.67 59.73 14.32
CA ARG D 287 -13.08 59.78 14.69
C ARG D 287 -13.43 59.92 16.16
N LEU D 288 -12.61 59.48 17.08
CA LEU D 288 -12.95 59.68 18.50
C LEU D 288 -12.18 60.83 19.08
N ALA D 289 -11.00 61.11 18.54
CA ALA D 289 -10.20 62.18 19.06
C ALA D 289 -10.50 63.43 18.26
N LYS D 290 -11.15 63.27 17.11
CA LYS D 290 -11.54 64.40 16.25
C LYS D 290 -10.32 65.02 15.60
N ALA D 291 -9.32 64.18 15.36
CA ALA D 291 -8.10 64.63 14.75
C ALA D 291 -8.39 64.84 13.31
N GLU D 292 -7.58 65.67 12.68
CA GLU D 292 -7.58 65.86 11.24
C GLU D 292 -6.56 64.88 10.73
N ALA D 293 -6.86 64.22 9.61
CA ALA D 293 -5.93 63.21 9.05
C ALA D 293 -5.61 63.45 7.59
N TYR D 294 -4.33 63.48 7.27
CA TYR D 294 -3.90 63.61 5.88
C TYR D 294 -3.22 62.30 5.46
N GLY D 295 -3.72 61.69 4.40
CA GLY D 295 -3.18 60.43 3.94
C GLY D 295 -4.30 59.53 3.43
N PRO D 296 -3.94 58.33 3.01
CA PRO D 296 -2.58 57.82 3.12
C PRO D 296 -1.60 58.44 2.11
N ILE D 297 -0.42 58.81 2.58
CA ILE D 297 0.66 59.33 1.72
C ILE D 297 1.79 58.29 1.59
N THR D 298 2.26 58.03 0.36
CA THR D 298 3.38 57.10 0.13
C THR D 298 4.71 57.65 0.61
N GLN D 299 5.72 56.80 0.64
CA GLN D 299 6.91 57.07 1.40
C GLN D 299 7.95 56.03 1.09
N GLY D 300 9.15 56.49 0.73
CA GLY D 300 10.25 55.61 0.37
C GLY D 300 10.37 55.32 -1.12
N LEU D 301 9.65 56.04 -1.96
CA LEU D 301 9.75 55.86 -3.42
C LEU D 301 10.81 56.84 -3.88
N ALA D 302 11.64 56.41 -4.82
CA ALA D 302 12.67 57.26 -5.43
C ALA D 302 12.16 58.63 -5.85
N LYS D 303 10.91 58.69 -6.28
CA LYS D 303 10.23 59.96 -6.55
C LYS D 303 8.76 59.85 -6.15
N PRO D 304 8.14 60.95 -5.71
CA PRO D 304 6.79 60.90 -5.14
C PRO D 304 5.74 60.50 -6.13
N ILE D 305 5.01 59.44 -5.79
CA ILE D 305 3.85 59.05 -6.55
C ILE D 305 2.84 58.68 -5.51
N ASN D 306 1.87 59.53 -5.30
CA ASN D 306 0.89 59.34 -4.25
C ASN D 306 -0.43 58.73 -4.71
N ASP D 307 -1.06 58.01 -3.78
CA ASP D 307 -2.36 57.38 -3.97
C ASP D 307 -3.52 58.23 -3.43
N LEU D 308 -4.72 58.00 -3.94
CA LEU D 308 -5.92 58.74 -3.50
C LEU D 308 -7.01 57.75 -3.05
N SER D 309 -7.99 58.19 -2.25
CA SER D 309 -9.18 57.35 -2.04
C SER D 309 -10.07 57.47 -3.29
N ARG D 310 -10.75 56.38 -3.65
CA ARG D 310 -11.73 56.37 -4.76
C ARG D 310 -12.81 57.45 -4.57
N GLY D 311 -13.21 57.70 -3.31
CA GLY D 311 -14.20 58.73 -2.99
C GLY D 311 -13.63 60.08 -2.59
N CYS D 312 -12.54 60.49 -3.25
CA CYS D 312 -11.81 61.73 -2.91
C CYS D 312 -12.51 63.02 -3.40
N SER D 313 -12.19 64.13 -2.75
CA SER D 313 -12.81 65.43 -3.07
C SER D 313 -12.23 66.06 -4.33
N ASP D 314 -12.95 67.07 -4.83
CA ASP D 314 -12.53 67.84 -6.00
C ASP D 314 -11.39 68.79 -5.57
N GLU D 315 -11.06 68.72 -4.26
CA GLU D 315 -10.17 69.63 -3.51
C GLU D 315 -9.06 68.91 -2.72
N ASP D 316 -9.37 67.69 -2.29
CA ASP D 316 -8.42 66.84 -1.60
C ASP D 316 -7.31 66.39 -2.57
N ILE D 317 -7.56 66.54 -3.87
CA ILE D 317 -6.59 66.13 -4.88
C ILE D 317 -5.55 67.22 -5.09
N VAL D 318 -5.75 68.36 -4.42
CA VAL D 318 -4.83 69.51 -4.47
C VAL D 318 -3.74 69.36 -3.39
N GLY D 319 -4.19 69.15 -2.15
CA GLY D 319 -3.31 68.90 -1.02
C GLY D 319 -2.49 67.63 -1.19
N ALA D 320 -2.99 66.70 -2.00
CA ALA D 320 -2.22 65.55 -2.44
C ALA D 320 -1.08 66.06 -3.32
N VAL D 321 -1.38 66.86 -4.36
CA VAL D 321 -0.33 67.46 -5.19
C VAL D 321 0.55 68.42 -4.37
N ALA D 322 0.01 69.05 -3.33
CA ALA D 322 0.81 69.97 -2.52
C ALA D 322 1.87 69.20 -1.74
N ILE D 323 1.45 68.27 -0.88
CA ILE D 323 2.33 67.38 -0.12
C ILE D 323 3.32 66.69 -1.01
N THR D 324 2.87 66.26 -2.17
CA THR D 324 3.72 65.64 -3.19
C THR D 324 4.91 66.52 -3.65
N CYS D 325 4.70 67.83 -3.72
CA CYS D 325 5.73 68.79 -4.13
C CYS D 325 6.80 68.91 -3.04
N VAL D 326 6.37 69.16 -1.80
CA VAL D 326 7.27 69.11 -0.67
C VAL D 326 8.08 67.79 -0.64
N GLN D 327 7.43 66.68 -0.91
CA GLN D 327 8.11 65.38 -0.90
C GLN D 327 9.25 65.29 -1.93
N ALA D 328 9.15 66.03 -3.03
CA ALA D 328 10.22 66.01 -4.04
C ALA D 328 11.46 66.80 -3.61
N ALA D 329 11.27 67.85 -2.81
CA ALA D 329 12.37 68.58 -2.15
C ALA D 329 13.36 67.66 -1.44
N ALA D 330 12.88 66.51 -0.99
CA ALA D 330 13.73 65.55 -0.27
C ALA D 330 15.01 65.23 -0.99
N GLN D 331 15.06 65.39 -2.30
CA GLN D 331 16.33 65.24 -3.00
C GLN D 331 16.38 65.99 -4.35
N ASP D 332 17.14 67.09 -4.36
CA ASP D 332 17.40 67.89 -5.57
C ASP D 332 18.85 67.59 -6.04
N LYS D 333 18.99 66.71 -7.03
CA LYS D 333 20.30 66.38 -7.67
C LYS D 333 21.27 65.56 -6.81
#